data_6D7S
#
_entry.id   6D7S
#
_cell.length_a   1
_cell.length_b   1
_cell.length_c   1
_cell.angle_alpha   90.00
_cell.angle_beta   90.00
_cell.angle_gamma   90.00
#
_symmetry.space_group_name_H-M   'P 1'
#
_entity_poly.entity_id   1
_entity_poly.type   'polypeptide(L)'
_entity_poly.pdbx_seq_one_letter_code
;MGLSLPKEKGLILCLWSKFCRWFQRRESWAQSRDEQNLLQQKRIWESPLLLAAKDNDVQALNKLLKYEDCKVHQRGAMGE
TALHIAALYDNLEAAMVLMEAAPELVFEPMTSELYEGQTALHIAVVNQNMNLVRALLARRASVSARATGTAFRRSPCNLI
YFGEHPLSFAACVNSEEIVRLLIEHGADIRAQDSLGNTVLHILILQPNKTFACQMYNLLLSYDRHGDHLQPLDLVPNHQG
LTPFKLAGVEGNTVMFQHLMQKRKHTQWTYGPLTSTLYDLTEIDSSGDEQSLLELIITTKKREARQILDQTPVKELVSLK
WKRYGRPYFCMLGAIYLLYIICFTMCCIYRPLKPRTNNRTSPRDNTLLQQKLLQEAYMTPKDDIRLVGELVTVIGAIIIL
LVEVPDIFRMGVTRFFGQTILGGPFHVLIITYAFMVLVTMVMRLISASGEVVPMSFALVLGWCNVMAFARGFQMLGPFTI
MIQKMIFGDLMRFCWLMAVVILGFASAFYIIFQTEDPEELGHFYDYPMALFSTFELFLTIIDGPANYNVDLPFMYSITYA
AFAIIATLLMLNLLIAMMGDTHWRVAHERDELWRAQIVATTVMLERKLPRCLWPRSGICGREYGLGDRWFLRVEDRQDLN
RQRIQRYAQAFHTRGSEDLDKDSVEKLELGCPFSPHLSLPMPSVSRSTSRSSANWERLRQGTLRRDLRGIINRGLEDGES
WEYQILVPRGSAAAWSHPQFEK
;
_entity_poly.pdbx_strand_id   A,B,C,D
#
# COMPACT_ATOMS: atom_id res chain seq x y z
N SER A 28 -41.77 -5.55 2.29
CA SER A 28 -43.19 -5.39 2.58
C SER A 28 -43.80 -6.72 2.97
N TRP A 29 -43.39 -7.77 2.28
CA TRP A 29 -43.87 -9.12 2.61
C TRP A 29 -43.25 -9.61 3.91
N ALA A 30 -42.03 -9.16 4.20
CA ALA A 30 -41.37 -9.53 5.44
C ALA A 30 -42.08 -8.89 6.63
N GLN A 31 -42.63 -7.69 6.43
CA GLN A 31 -43.47 -7.09 7.44
C GLN A 31 -44.75 -7.89 7.62
N SER A 32 -45.29 -8.42 6.51
CA SER A 32 -46.45 -9.30 6.59
C SER A 32 -46.08 -10.63 7.23
N ARG A 33 -44.81 -11.02 7.10
CA ARG A 33 -44.31 -12.14 7.89
C ARG A 33 -44.23 -11.75 9.36
N ASP A 34 -43.89 -10.50 9.64
CA ASP A 34 -43.77 -10.07 11.02
C ASP A 34 -45.12 -9.73 11.62
N GLU A 35 -46.02 -9.20 10.79
CA GLU A 35 -47.38 -8.94 11.25
C GLU A 35 -48.10 -10.26 11.55
N GLN A 36 -47.78 -11.31 10.81
CA GLN A 36 -48.35 -12.62 11.11
C GLN A 36 -47.72 -13.20 12.36
N ASN A 37 -46.46 -12.82 12.64
CA ASN A 37 -45.72 -13.50 13.68
C ASN A 37 -46.15 -13.02 15.07
N LEU A 38 -46.36 -11.71 15.23
CA LEU A 38 -46.77 -11.20 16.53
C LEU A 38 -48.20 -11.56 16.83
N LEU A 39 -49.01 -11.71 15.78
CA LEU A 39 -50.39 -12.14 15.95
C LEU A 39 -50.45 -13.56 16.49
N GLN A 40 -49.46 -14.38 16.13
CA GLN A 40 -49.31 -15.70 16.72
C GLN A 40 -48.92 -15.59 18.19
N GLN A 41 -48.17 -14.56 18.54
CA GLN A 41 -47.78 -14.37 19.93
C GLN A 41 -48.94 -13.86 20.76
N LYS A 42 -49.81 -13.06 20.15
CA LYS A 42 -51.01 -12.62 20.86
C LYS A 42 -52.01 -13.76 20.95
N ARG A 43 -51.97 -14.67 19.99
CA ARG A 43 -52.87 -15.82 19.99
C ARG A 43 -52.55 -16.77 21.12
N ILE A 44 -51.26 -17.06 21.33
CA ILE A 44 -50.87 -17.97 22.40
C ILE A 44 -51.03 -17.28 23.75
N TRP A 45 -51.03 -15.95 23.75
CA TRP A 45 -51.18 -15.21 24.99
C TRP A 45 -52.60 -15.30 25.51
N GLU A 46 -53.57 -15.49 24.62
CA GLU A 46 -54.96 -15.52 25.04
C GLU A 46 -55.43 -16.92 25.37
N SER A 47 -54.97 -17.92 24.61
CA SER A 47 -55.39 -19.28 24.86
C SER A 47 -54.72 -19.81 26.12
N PRO A 48 -55.47 -20.36 27.07
CA PRO A 48 -54.84 -20.87 28.30
C PRO A 48 -54.11 -22.17 28.08
N LEU A 49 -54.51 -22.95 27.09
CA LEU A 49 -53.82 -24.21 26.80
C LEU A 49 -52.44 -23.95 26.22
N LEU A 50 -52.37 -23.14 25.17
CA LEU A 50 -51.11 -22.87 24.50
C LEU A 50 -50.16 -22.06 25.36
N LEU A 51 -50.69 -21.17 26.21
CA LEU A 51 -49.82 -20.47 27.15
C LEU A 51 -49.32 -21.41 28.22
N ALA A 52 -50.12 -22.42 28.58
CA ALA A 52 -49.60 -23.50 29.40
C ALA A 52 -48.67 -24.40 28.61
N ALA A 53 -48.78 -24.40 27.28
CA ALA A 53 -47.86 -25.20 26.47
C ALA A 53 -46.53 -24.49 26.26
N LYS A 54 -46.42 -23.24 26.72
CA LYS A 54 -45.15 -22.53 26.60
C LYS A 54 -44.09 -23.13 27.51
N ASP A 55 -44.37 -23.20 28.81
CA ASP A 55 -43.48 -23.88 29.73
C ASP A 55 -44.16 -25.12 30.28
N ASN A 56 -43.37 -26.19 30.46
CA ASN A 56 -43.91 -27.49 30.89
C ASN A 56 -44.30 -27.47 32.38
N ASP A 57 -45.43 -26.82 32.65
CA ASP A 57 -46.04 -26.83 33.98
C ASP A 57 -47.07 -27.96 33.99
N VAL A 58 -46.60 -29.17 34.30
CA VAL A 58 -47.38 -30.38 34.11
C VAL A 58 -48.55 -30.42 35.10
N GLN A 59 -48.32 -29.92 36.32
CA GLN A 59 -49.40 -29.82 37.30
C GLN A 59 -50.49 -28.85 36.83
N ALA A 60 -50.09 -27.78 36.15
CA ALA A 60 -51.08 -26.92 35.52
C ALA A 60 -51.73 -27.61 34.33
N LEU A 61 -51.01 -28.50 33.66
CA LEU A 61 -51.55 -29.17 32.48
C LEU A 61 -52.59 -30.22 32.85
N ASN A 62 -52.34 -31.03 33.87
CA ASN A 62 -53.23 -32.14 34.17
C ASN A 62 -54.54 -31.64 34.75
N LYS A 63 -54.51 -30.48 35.42
CA LYS A 63 -55.75 -29.81 35.77
C LYS A 63 -56.45 -29.27 34.53
N LEU A 64 -55.66 -28.90 33.52
CA LEU A 64 -56.21 -28.33 32.30
C LEU A 64 -56.61 -29.40 31.29
N LEU A 65 -55.83 -30.47 31.20
CA LEU A 65 -56.10 -31.50 30.21
C LEU A 65 -56.86 -32.68 30.79
N LYS A 66 -56.36 -33.27 31.87
CA LYS A 66 -56.92 -34.54 32.35
C LYS A 66 -58.23 -34.33 33.09
N TYR A 67 -58.41 -33.19 33.75
CA TYR A 67 -59.63 -32.99 34.51
C TYR A 67 -60.78 -32.57 33.61
N GLU A 68 -60.67 -31.42 32.97
CA GLU A 68 -61.76 -30.89 32.16
C GLU A 68 -61.59 -31.30 30.70
N ASP A 69 -62.64 -31.04 29.93
CA ASP A 69 -62.65 -31.41 28.52
C ASP A 69 -62.29 -30.20 27.67
N CYS A 70 -61.05 -30.18 27.17
CA CYS A 70 -60.58 -29.12 26.32
C CYS A 70 -60.39 -29.66 24.91
N LYS A 71 -60.78 -28.86 23.92
CA LYS A 71 -60.49 -29.22 22.54
C LYS A 71 -58.99 -29.12 22.30
N VAL A 72 -58.49 -30.01 21.43
CA VAL A 72 -57.07 -30.04 21.13
C VAL A 72 -56.75 -29.39 19.80
N HIS A 73 -57.76 -28.97 19.05
CA HIS A 73 -57.57 -28.40 17.71
C HIS A 73 -57.57 -26.88 17.77
N GLN A 74 -56.98 -26.33 18.81
CA GLN A 74 -56.92 -24.89 19.01
C GLN A 74 -55.88 -24.33 18.06
N ARG A 75 -56.35 -23.74 16.96
CA ARG A 75 -55.46 -23.31 15.90
C ARG A 75 -54.93 -21.92 16.20
N GLY A 76 -53.64 -21.72 15.92
CA GLY A 76 -53.00 -20.43 16.14
C GLY A 76 -53.30 -19.46 15.01
N ALA A 77 -52.39 -18.50 14.82
CA ALA A 77 -52.58 -17.54 13.74
C ALA A 77 -52.28 -18.13 12.38
N MET A 78 -51.50 -19.23 12.33
CA MET A 78 -51.25 -19.93 11.09
C MET A 78 -51.32 -21.45 11.24
N GLY A 79 -52.02 -21.95 12.24
CA GLY A 79 -52.31 -23.37 12.28
C GLY A 79 -51.64 -24.13 13.39
N GLU A 80 -51.50 -23.50 14.56
CA GLU A 80 -50.79 -24.10 15.66
C GLU A 80 -51.61 -25.20 16.33
N THR A 81 -50.91 -26.05 17.06
CA THR A 81 -51.45 -26.84 18.15
C THR A 81 -50.54 -26.66 19.35
N ALA A 82 -51.04 -27.09 20.50
CA ALA A 82 -50.18 -27.20 21.68
C ALA A 82 -49.09 -28.24 21.47
N LEU A 83 -49.38 -29.25 20.66
CA LEU A 83 -48.38 -30.25 20.30
C LEU A 83 -47.26 -29.64 19.48
N HIS A 84 -47.57 -28.61 18.70
CA HIS A 84 -46.50 -27.92 17.96
C HIS A 84 -45.69 -27.04 18.88
N ILE A 85 -46.32 -26.41 19.87
CA ILE A 85 -45.66 -25.41 20.69
C ILE A 85 -44.63 -26.04 21.60
N ALA A 86 -45.01 -27.10 22.32
CA ALA A 86 -44.08 -27.77 23.23
C ALA A 86 -42.95 -28.44 22.46
N ALA A 87 -43.21 -28.81 21.21
CA ALA A 87 -42.15 -29.30 20.34
C ALA A 87 -41.24 -28.17 19.89
N LEU A 88 -41.71 -26.93 19.98
CA LEU A 88 -40.94 -25.83 19.41
C LEU A 88 -40.22 -25.04 20.49
N TYR A 89 -40.69 -25.13 21.73
CA TYR A 89 -40.06 -24.41 22.83
C TYR A 89 -39.36 -25.36 23.79
N ASP A 90 -39.10 -26.58 23.31
CA ASP A 90 -38.34 -27.62 24.00
C ASP A 90 -38.99 -28.03 25.33
N ASN A 91 -40.26 -28.39 25.27
CA ASN A 91 -40.93 -29.03 26.40
C ASN A 91 -41.16 -30.50 26.06
N LEU A 92 -40.18 -31.32 26.45
CA LEU A 92 -40.32 -32.76 26.30
C LEU A 92 -41.43 -33.30 27.19
N GLU A 93 -41.47 -32.86 28.45
CA GLU A 93 -42.36 -33.47 29.42
C GLU A 93 -43.80 -33.05 29.20
N ALA A 94 -44.01 -31.84 28.71
CA ALA A 94 -45.36 -31.38 28.42
C ALA A 94 -45.95 -32.13 27.23
N ALA A 95 -45.12 -32.47 26.26
CA ALA A 95 -45.60 -33.21 25.10
C ALA A 95 -45.92 -34.66 25.47
N MET A 96 -45.31 -35.18 26.53
CA MET A 96 -45.66 -36.50 27.02
C MET A 96 -47.11 -36.55 27.50
N VAL A 97 -47.58 -35.47 28.13
CA VAL A 97 -48.98 -35.37 28.48
C VAL A 97 -49.83 -35.23 27.23
N LEU A 98 -49.28 -34.57 26.19
CA LEU A 98 -50.03 -34.35 24.97
C LEU A 98 -50.23 -35.64 24.19
N MET A 99 -49.36 -36.63 24.37
CA MET A 99 -49.51 -37.87 23.61
C MET A 99 -50.65 -38.72 24.14
N GLU A 100 -50.92 -38.66 25.44
CA GLU A 100 -52.10 -39.34 25.96
C GLU A 100 -53.37 -38.63 25.52
N ALA A 101 -53.36 -37.31 25.55
CA ALA A 101 -54.56 -36.57 25.21
C ALA A 101 -54.79 -36.52 23.71
N ALA A 102 -53.73 -36.35 22.92
CA ALA A 102 -53.85 -36.17 21.47
C ALA A 102 -53.16 -37.34 20.78
N PRO A 103 -53.90 -38.37 20.38
CA PRO A 103 -53.29 -39.44 19.58
C PRO A 103 -53.10 -39.07 18.13
N GLU A 104 -53.77 -38.03 17.64
CA GLU A 104 -53.81 -37.76 16.22
C GLU A 104 -53.30 -36.39 15.82
N LEU A 105 -52.80 -35.60 16.77
CA LEU A 105 -52.19 -34.34 16.38
C LEU A 105 -50.75 -34.48 15.92
N VAL A 106 -50.18 -35.68 15.95
CA VAL A 106 -48.94 -35.94 15.23
C VAL A 106 -49.22 -35.86 13.73
N PHE A 107 -50.41 -36.26 13.33
CA PHE A 107 -50.84 -36.22 11.93
C PHE A 107 -51.42 -34.85 11.60
N GLU A 108 -50.66 -33.80 11.90
CA GLU A 108 -51.16 -32.45 11.75
C GLU A 108 -50.11 -31.56 11.12
N PRO A 109 -50.30 -31.14 9.88
CA PRO A 109 -49.35 -30.20 9.27
C PRO A 109 -49.62 -28.78 9.73
N MET A 110 -48.59 -27.93 9.71
CA MET A 110 -48.80 -26.50 9.88
C MET A 110 -49.54 -25.96 8.66
N THR A 111 -50.40 -24.97 8.86
CA THR A 111 -51.49 -24.74 7.91
C THR A 111 -51.08 -23.91 6.70
N SER A 112 -50.68 -22.65 6.89
CA SER A 112 -50.70 -21.79 5.72
C SER A 112 -49.67 -20.67 5.76
N GLU A 113 -49.24 -20.30 4.55
CA GLU A 113 -48.72 -19.02 4.09
C GLU A 113 -47.29 -18.72 4.55
N LEU A 114 -46.82 -19.39 5.55
CA LEU A 114 -45.38 -19.51 5.70
C LEU A 114 -45.01 -20.95 5.95
N TYR A 115 -45.79 -21.66 6.74
CA TYR A 115 -45.51 -23.02 7.13
C TYR A 115 -46.66 -23.86 6.58
N GLU A 116 -46.38 -24.60 5.52
CA GLU A 116 -47.39 -25.42 4.87
C GLU A 116 -46.84 -26.84 4.79
N GLY A 117 -47.48 -27.75 5.49
CA GLY A 117 -47.00 -29.11 5.53
C GLY A 117 -45.92 -29.37 6.55
N GLN A 118 -45.74 -28.47 7.51
CA GLN A 118 -44.78 -28.69 8.58
C GLN A 118 -45.46 -29.38 9.74
N THR A 119 -44.90 -30.48 10.22
CA THR A 119 -45.43 -31.13 11.39
C THR A 119 -44.40 -31.08 12.50
N ALA A 120 -44.80 -31.59 13.67
CA ALA A 120 -43.91 -31.56 14.82
C ALA A 120 -42.77 -32.57 14.68
N LEU A 121 -42.88 -33.53 13.77
CA LEU A 121 -41.75 -34.38 13.47
C LEU A 121 -40.61 -33.58 12.86
N HIS A 122 -40.94 -32.59 12.03
CA HIS A 122 -39.91 -31.67 11.54
C HIS A 122 -39.33 -30.86 12.68
N ILE A 123 -40.19 -30.41 13.59
CA ILE A 123 -39.80 -29.40 14.57
C ILE A 123 -38.85 -29.98 15.60
N ALA A 124 -39.11 -31.22 16.04
CA ALA A 124 -38.24 -31.87 17.01
C ALA A 124 -36.86 -32.15 16.45
N VAL A 125 -36.75 -32.31 15.13
CA VAL A 125 -35.45 -32.50 14.50
C VAL A 125 -34.62 -31.23 14.59
N VAL A 126 -35.26 -30.08 14.35
CA VAL A 126 -34.56 -28.80 14.24
C VAL A 126 -33.89 -28.41 15.55
N ASN A 127 -34.46 -28.82 16.68
CA ASN A 127 -33.84 -28.56 17.97
C ASN A 127 -32.92 -29.67 18.42
N GLN A 128 -32.31 -30.37 17.46
CA GLN A 128 -31.13 -31.25 17.56
C GLN A 128 -31.38 -32.59 18.23
N ASN A 129 -32.46 -32.71 19.00
CA ASN A 129 -33.00 -33.92 19.63
C ASN A 129 -34.21 -33.48 20.43
N MET A 130 -35.09 -34.44 20.71
CA MET A 130 -35.96 -34.32 21.86
C MET A 130 -36.09 -35.64 22.63
N ASN A 131 -35.88 -36.77 21.96
CA ASN A 131 -36.27 -38.16 22.26
C ASN A 131 -37.79 -38.35 22.17
N LEU A 132 -38.54 -37.26 22.01
CA LEU A 132 -39.84 -37.32 21.38
C LEU A 132 -39.69 -37.74 19.92
N VAL A 133 -38.54 -37.41 19.32
CA VAL A 133 -38.10 -37.98 18.05
C VAL A 133 -38.27 -39.48 18.02
N ARG A 134 -37.83 -40.16 19.08
CA ARG A 134 -38.09 -41.59 19.21
C ARG A 134 -39.56 -41.85 19.55
N ALA A 135 -40.21 -40.94 20.27
CA ALA A 135 -41.58 -41.17 20.68
C ALA A 135 -42.59 -40.83 19.59
N LEU A 136 -42.27 -39.91 18.70
CA LEU A 136 -43.16 -39.61 17.59
C LEU A 136 -43.25 -40.81 16.65
N LEU A 137 -42.13 -41.49 16.42
CA LEU A 137 -42.19 -42.73 15.67
C LEU A 137 -42.79 -43.85 16.50
N ALA A 138 -42.70 -43.76 17.83
CA ALA A 138 -43.45 -44.67 18.67
C ALA A 138 -44.94 -44.40 18.62
N ARG A 139 -45.33 -43.16 18.31
CA ARG A 139 -46.71 -42.86 17.95
C ARG A 139 -46.93 -42.93 16.46
N ARG A 140 -45.96 -43.46 15.71
CA ARG A 140 -45.99 -43.65 14.26
C ARG A 140 -46.17 -42.33 13.52
N ALA A 141 -45.16 -41.47 13.64
CA ALA A 141 -45.14 -40.22 12.89
C ALA A 141 -44.86 -40.49 11.42
N SER A 142 -45.20 -39.53 10.57
CA SER A 142 -45.02 -39.68 9.13
C SER A 142 -43.76 -38.94 8.69
N VAL A 143 -42.73 -39.69 8.31
CA VAL A 143 -41.48 -39.08 7.85
C VAL A 143 -41.52 -38.66 6.40
N SER A 144 -42.61 -38.93 5.68
CA SER A 144 -42.74 -38.51 4.30
C SER A 144 -43.44 -37.17 4.18
N ALA A 145 -43.60 -36.46 5.30
CA ALA A 145 -44.31 -35.19 5.29
C ALA A 145 -43.48 -34.12 4.59
N ARG A 146 -44.13 -33.35 3.73
CA ARG A 146 -43.45 -32.39 2.87
C ARG A 146 -43.73 -30.98 3.37
N ALA A 147 -42.66 -30.27 3.75
CA ALA A 147 -42.78 -28.88 4.20
C ALA A 147 -42.75 -27.97 2.98
N THR A 148 -43.92 -27.83 2.35
CA THR A 148 -44.06 -27.07 1.11
C THR A 148 -44.35 -25.58 1.35
N GLY A 149 -44.04 -25.07 2.52
CA GLY A 149 -44.34 -23.68 2.83
C GLY A 149 -43.47 -22.70 2.09
N THR A 150 -43.87 -21.44 2.17
CA THR A 150 -43.08 -20.37 1.56
C THR A 150 -41.83 -20.11 2.38
N ALA A 151 -41.93 -20.21 3.70
CA ALA A 151 -40.79 -19.95 4.58
C ALA A 151 -39.77 -21.07 4.57
N PHE A 152 -39.92 -22.10 3.75
CA PHE A 152 -38.87 -23.08 3.57
C PHE A 152 -38.27 -23.04 2.18
N ARG A 153 -38.94 -22.39 1.23
CA ARG A 153 -38.49 -22.40 -0.15
C ARG A 153 -37.25 -21.53 -0.30
N ARG A 154 -36.42 -21.89 -1.27
CA ARG A 154 -35.14 -21.24 -1.54
C ARG A 154 -35.33 -19.78 -1.90
N SER A 155 -34.77 -18.89 -1.07
CA SER A 155 -34.99 -17.46 -1.21
C SER A 155 -33.90 -16.70 -0.46
N PRO A 156 -33.62 -15.46 -0.86
CA PRO A 156 -32.86 -14.58 0.05
C PRO A 156 -33.72 -14.01 1.16
N CYS A 157 -35.04 -14.20 1.11
CA CYS A 157 -35.88 -13.79 2.23
C CYS A 157 -35.70 -14.71 3.43
N ASN A 158 -35.72 -16.02 3.19
CA ASN A 158 -35.41 -16.97 4.25
C ASN A 158 -33.90 -16.97 4.50
N LEU A 159 -33.50 -17.01 5.75
CA LEU A 159 -32.08 -17.08 6.03
C LEU A 159 -31.55 -18.50 5.98
N ILE A 160 -32.41 -19.49 5.74
CA ILE A 160 -32.04 -20.89 5.70
C ILE A 160 -32.78 -21.57 4.57
N TYR A 161 -32.33 -22.78 4.24
CA TYR A 161 -32.98 -23.58 3.21
C TYR A 161 -32.67 -25.04 3.47
N PHE A 162 -33.69 -25.81 3.86
CA PHE A 162 -33.47 -27.21 4.15
C PHE A 162 -34.46 -28.14 3.47
N GLY A 163 -35.18 -27.67 2.46
CA GLY A 163 -36.06 -28.56 1.72
C GLY A 163 -37.35 -28.85 2.46
N GLU A 164 -37.91 -30.03 2.20
CA GLU A 164 -39.22 -30.40 2.69
C GLU A 164 -39.21 -31.53 3.71
N HIS A 165 -38.58 -32.57 3.42
CA HIS A 165 -38.68 -33.79 4.21
C HIS A 165 -37.83 -33.68 5.46
N PRO A 166 -38.28 -34.29 6.58
CA PRO A 166 -37.52 -34.19 7.82
C PRO A 166 -36.21 -34.95 7.77
N LEU A 167 -36.08 -35.90 6.86
CA LEU A 167 -34.78 -36.49 6.59
C LEU A 167 -33.81 -35.45 6.05
N SER A 168 -34.28 -34.57 5.18
CA SER A 168 -33.47 -33.43 4.80
C SER A 168 -33.30 -32.44 5.94
N PHE A 169 -34.28 -32.36 6.84
CA PHE A 169 -34.06 -31.55 8.02
C PHE A 169 -33.08 -32.25 8.97
N ALA A 170 -32.98 -33.57 8.86
CA ALA A 170 -32.07 -34.29 9.72
C ALA A 170 -30.62 -34.10 9.31
N ALA A 171 -30.34 -34.15 8.01
CA ALA A 171 -28.95 -34.16 7.58
C ALA A 171 -28.32 -32.78 7.66
N CYS A 172 -29.13 -31.73 7.58
CA CYS A 172 -28.58 -30.39 7.49
C CYS A 172 -28.07 -29.90 8.83
N VAL A 173 -28.74 -30.30 9.92
CA VAL A 173 -28.37 -29.84 11.25
C VAL A 173 -27.22 -30.63 11.85
N ASN A 174 -26.69 -31.62 11.11
CA ASN A 174 -25.54 -32.43 11.51
C ASN A 174 -25.79 -33.16 12.82
N SER A 175 -26.79 -34.05 12.79
CA SER A 175 -27.16 -34.85 13.96
C SER A 175 -27.28 -36.29 13.51
N GLU A 176 -26.19 -37.04 13.67
CA GLU A 176 -25.97 -38.27 12.92
C GLU A 176 -26.92 -39.39 13.34
N GLU A 177 -27.04 -39.62 14.64
CA GLU A 177 -27.90 -40.71 15.12
C GLU A 177 -29.37 -40.38 14.88
N ILE A 178 -29.69 -39.09 14.93
CA ILE A 178 -31.06 -38.65 14.65
C ILE A 178 -31.38 -38.88 13.17
N VAL A 179 -30.37 -38.78 12.31
CA VAL A 179 -30.54 -39.24 10.93
C VAL A 179 -30.76 -40.74 10.91
N ARG A 180 -29.92 -41.48 11.65
CA ARG A 180 -29.93 -42.95 11.62
C ARG A 180 -31.25 -43.54 12.08
N LEU A 181 -31.93 -42.86 13.00
CA LEU A 181 -33.24 -43.30 13.44
C LEU A 181 -34.26 -43.27 12.32
N LEU A 182 -34.15 -42.28 11.43
CA LEU A 182 -35.09 -42.17 10.32
C LEU A 182 -34.85 -43.23 9.26
N ILE A 183 -33.59 -43.66 9.09
CA ILE A 183 -33.33 -44.85 8.28
C ILE A 183 -34.01 -46.06 8.90
N GLU A 184 -33.98 -46.15 10.23
CA GLU A 184 -34.60 -47.30 10.89
C GLU A 184 -36.10 -47.16 11.07
N HIS A 185 -36.76 -46.25 10.34
CA HIS A 185 -38.20 -46.20 10.27
C HIS A 185 -38.70 -45.90 8.86
N GLY A 186 -37.82 -46.02 7.87
CA GLY A 186 -38.24 -45.97 6.49
C GLY A 186 -38.29 -44.61 5.86
N ALA A 187 -37.35 -43.71 6.17
CA ALA A 187 -37.28 -42.44 5.48
C ALA A 187 -36.59 -42.61 4.14
N ASP A 188 -37.32 -42.35 3.06
CA ASP A 188 -36.80 -42.56 1.71
C ASP A 188 -35.80 -41.46 1.37
N ILE A 189 -34.57 -41.87 1.10
CA ILE A 189 -33.50 -40.93 0.81
C ILE A 189 -33.72 -40.28 -0.54
N ARG A 190 -34.30 -41.02 -1.48
CA ARG A 190 -34.48 -40.57 -2.85
C ARG A 190 -35.61 -39.55 -3.03
N ALA A 191 -36.15 -39.00 -1.95
CA ALA A 191 -37.20 -38.01 -2.06
C ALA A 191 -36.65 -36.70 -2.62
N GLN A 192 -37.54 -35.90 -3.19
CA GLN A 192 -37.18 -34.62 -3.75
C GLN A 192 -38.11 -33.55 -3.21
N ASP A 193 -37.69 -32.30 -3.37
CA ASP A 193 -38.51 -31.17 -3.00
C ASP A 193 -39.33 -30.74 -4.23
N SER A 194 -39.92 -29.54 -4.18
CA SER A 194 -40.55 -28.99 -5.38
C SER A 194 -39.50 -28.62 -6.42
N LEU A 195 -38.31 -28.23 -5.99
CA LEU A 195 -37.23 -27.90 -6.89
C LEU A 195 -36.56 -29.12 -7.51
N GLY A 196 -36.87 -30.32 -7.02
CA GLY A 196 -36.19 -31.51 -7.48
C GLY A 196 -34.89 -31.78 -6.78
N ASN A 197 -34.59 -31.03 -5.71
CA ASN A 197 -33.35 -31.22 -5.00
C ASN A 197 -33.46 -32.37 -4.02
N THR A 198 -32.56 -33.33 -4.14
CA THR A 198 -32.51 -34.43 -3.20
C THR A 198 -31.74 -34.01 -1.97
N VAL A 199 -31.47 -34.98 -1.11
CA VAL A 199 -30.89 -34.66 0.17
C VAL A 199 -29.39 -34.35 0.04
N LEU A 200 -28.77 -34.80 -1.05
CA LEU A 200 -27.38 -34.44 -1.27
C LEU A 200 -27.26 -32.99 -1.72
N HIS A 201 -28.29 -32.49 -2.41
CA HIS A 201 -28.23 -31.12 -2.87
C HIS A 201 -28.37 -30.14 -1.72
N ILE A 202 -29.05 -30.55 -0.65
CA ILE A 202 -29.25 -29.65 0.47
C ILE A 202 -27.97 -29.52 1.27
N LEU A 203 -27.18 -30.60 1.32
CA LEU A 203 -25.96 -30.59 2.10
C LEU A 203 -24.91 -29.66 1.51
N ILE A 204 -24.94 -29.47 0.19
CA ILE A 204 -23.97 -28.61 -0.44
C ILE A 204 -24.37 -27.15 -0.26
N LEU A 205 -25.67 -26.88 -0.20
CA LEU A 205 -26.15 -25.52 -0.05
C LEU A 205 -26.01 -24.97 1.37
N GLN A 206 -25.54 -25.76 2.31
CA GLN A 206 -25.41 -25.20 3.66
C GLN A 206 -24.15 -24.34 3.75
N PRO A 207 -24.19 -23.28 4.57
CA PRO A 207 -22.99 -22.45 4.72
C PRO A 207 -21.87 -23.13 5.49
N ASN A 208 -22.19 -24.02 6.43
CA ASN A 208 -21.16 -24.85 7.02
C ASN A 208 -20.65 -25.81 5.97
N LYS A 209 -19.35 -25.77 5.71
CA LYS A 209 -18.77 -26.54 4.62
C LYS A 209 -18.05 -27.79 5.13
N THR A 210 -17.07 -27.64 6.00
CA THR A 210 -16.43 -28.79 6.62
C THR A 210 -17.36 -29.48 7.59
N PHE A 211 -18.21 -28.72 8.27
CA PHE A 211 -19.07 -29.25 9.30
C PHE A 211 -20.20 -30.09 8.71
N ALA A 212 -20.46 -29.94 7.41
CA ALA A 212 -21.48 -30.71 6.73
C ALA A 212 -20.92 -31.80 5.86
N CYS A 213 -19.60 -31.88 5.70
CA CYS A 213 -19.02 -32.82 4.75
C CYS A 213 -19.11 -34.25 5.25
N GLN A 214 -19.21 -34.44 6.57
CA GLN A 214 -19.21 -35.78 7.12
C GLN A 214 -20.54 -36.47 6.88
N MET A 215 -21.61 -35.69 6.71
CA MET A 215 -22.89 -36.27 6.34
C MET A 215 -22.89 -36.83 4.93
N TYR A 216 -22.04 -36.28 4.05
CA TYR A 216 -22.00 -36.76 2.67
C TYR A 216 -21.47 -38.19 2.59
N ASN A 217 -20.60 -38.57 3.52
CA ASN A 217 -20.14 -39.95 3.54
C ASN A 217 -21.17 -40.85 4.20
N LEU A 218 -21.82 -40.36 5.25
CA LEU A 218 -22.77 -41.18 5.99
C LEU A 218 -24.04 -41.42 5.20
N LEU A 219 -24.50 -40.40 4.48
CA LEU A 219 -25.70 -40.59 3.69
C LEU A 219 -25.44 -41.38 2.42
N LEU A 220 -24.21 -41.41 1.93
CA LEU A 220 -23.91 -42.34 0.86
C LEU A 220 -23.61 -43.73 1.37
N SER A 221 -23.70 -43.97 2.68
CA SER A 221 -23.65 -45.33 3.16
C SER A 221 -25.02 -45.99 3.03
N TYR A 222 -26.06 -45.21 2.80
CA TYR A 222 -27.42 -45.71 2.69
C TYR A 222 -28.00 -45.53 1.29
N ASP A 223 -27.16 -45.70 0.27
CA ASP A 223 -27.62 -45.67 -1.10
C ASP A 223 -27.80 -47.07 -1.66
N ARG A 224 -28.34 -47.98 -0.84
CA ARG A 224 -28.27 -49.45 -0.89
C ARG A 224 -28.52 -49.99 -2.30
N HIS A 225 -29.62 -49.64 -2.97
CA HIS A 225 -29.88 -50.21 -4.28
C HIS A 225 -29.51 -49.24 -5.39
N GLY A 226 -29.95 -47.99 -5.29
CA GLY A 226 -29.75 -47.04 -6.35
C GLY A 226 -30.91 -46.90 -7.29
N ASP A 227 -31.96 -47.71 -7.10
CA ASP A 227 -33.18 -47.74 -7.90
C ASP A 227 -32.88 -48.00 -9.38
N HIS A 228 -31.87 -48.84 -9.63
CA HIS A 228 -31.40 -49.37 -10.92
C HIS A 228 -30.72 -48.33 -11.80
N LEU A 229 -30.76 -47.05 -11.42
CA LEU A 229 -30.15 -45.99 -12.21
C LEU A 229 -29.95 -44.74 -11.36
N GLN A 230 -28.79 -44.09 -11.55
CA GLN A 230 -28.29 -42.94 -10.80
C GLN A 230 -28.32 -43.22 -9.30
N PRO A 231 -27.36 -43.96 -8.75
CA PRO A 231 -27.38 -44.26 -7.31
C PRO A 231 -27.10 -43.03 -6.45
N LEU A 232 -28.06 -42.10 -6.45
CA LEU A 232 -28.22 -40.91 -5.62
C LEU A 232 -27.20 -39.81 -5.93
N ASP A 233 -26.15 -40.13 -6.66
CA ASP A 233 -25.06 -39.19 -6.87
C ASP A 233 -25.10 -38.64 -8.28
N LEU A 234 -26.09 -39.04 -9.08
CA LEU A 234 -26.23 -38.54 -10.43
C LEU A 234 -27.65 -38.08 -10.72
N VAL A 235 -28.48 -37.92 -9.69
CA VAL A 235 -29.87 -37.54 -9.90
C VAL A 235 -29.97 -36.04 -10.11
N PRO A 236 -30.47 -35.59 -11.26
CA PRO A 236 -30.65 -34.16 -11.49
C PRO A 236 -31.90 -33.65 -10.79
N ASN A 237 -32.00 -32.33 -10.72
CA ASN A 237 -33.17 -31.65 -10.20
C ASN A 237 -34.13 -31.34 -11.34
N HIS A 238 -35.13 -30.49 -11.07
CA HIS A 238 -35.99 -30.02 -12.15
C HIS A 238 -35.25 -29.17 -13.18
N GLN A 239 -34.22 -28.43 -12.77
CA GLN A 239 -33.38 -27.72 -13.73
C GLN A 239 -32.17 -28.54 -14.15
N GLY A 240 -32.18 -29.84 -13.86
CA GLY A 240 -31.20 -30.74 -14.42
C GLY A 240 -29.81 -30.65 -13.83
N LEU A 241 -29.68 -30.71 -12.51
CA LEU A 241 -28.38 -30.53 -11.87
C LEU A 241 -28.06 -31.72 -10.99
N THR A 242 -27.03 -32.46 -11.39
CA THR A 242 -26.39 -33.43 -10.51
C THR A 242 -25.76 -32.69 -9.33
N PRO A 243 -25.68 -33.32 -8.16
CA PRO A 243 -25.06 -32.63 -7.02
C PRO A 243 -23.57 -32.42 -7.18
N PHE A 244 -22.92 -33.21 -8.03
CA PHE A 244 -21.53 -32.95 -8.35
C PHE A 244 -21.37 -31.64 -9.11
N LYS A 245 -22.20 -31.41 -10.12
CA LYS A 245 -22.14 -30.16 -10.85
C LYS A 245 -22.67 -29.00 -10.04
N LEU A 246 -23.70 -29.23 -9.23
CA LEU A 246 -24.25 -28.16 -8.40
C LEU A 246 -23.25 -27.71 -7.35
N ALA A 247 -22.39 -28.62 -6.91
CA ALA A 247 -21.26 -28.25 -6.07
C ALA A 247 -20.34 -27.27 -6.80
N GLY A 248 -20.20 -27.43 -8.10
CA GLY A 248 -19.43 -26.48 -8.87
C GLY A 248 -20.15 -25.17 -9.04
N VAL A 249 -21.49 -25.22 -9.11
CA VAL A 249 -22.26 -24.00 -9.35
C VAL A 249 -22.22 -23.09 -8.13
N GLU A 250 -22.34 -23.67 -6.95
CA GLU A 250 -22.25 -22.86 -5.75
C GLU A 250 -20.83 -22.62 -5.30
N GLY A 251 -19.86 -23.32 -5.88
CA GLY A 251 -18.49 -23.08 -5.52
C GLY A 251 -18.12 -23.54 -4.14
N ASN A 252 -18.76 -24.60 -3.63
CA ASN A 252 -18.39 -25.15 -2.34
C ASN A 252 -17.11 -25.95 -2.53
N THR A 253 -15.99 -25.24 -2.43
CA THR A 253 -14.69 -25.80 -2.80
C THR A 253 -14.27 -26.92 -1.88
N VAL A 254 -14.62 -26.82 -0.60
CA VAL A 254 -14.21 -27.84 0.34
C VAL A 254 -14.97 -29.13 0.09
N MET A 255 -16.26 -29.03 -0.18
CA MET A 255 -17.04 -30.19 -0.60
C MET A 255 -16.58 -30.73 -1.94
N PHE A 256 -16.18 -29.85 -2.85
CA PHE A 256 -15.81 -30.26 -4.20
C PHE A 256 -14.58 -31.14 -4.23
N GLN A 257 -13.59 -30.86 -3.37
CA GLN A 257 -12.43 -31.73 -3.30
C GLN A 257 -12.79 -33.08 -2.73
N HIS A 258 -13.79 -33.13 -1.85
CA HIS A 258 -14.21 -34.40 -1.29
C HIS A 258 -14.97 -35.23 -2.31
N LEU A 259 -15.65 -34.59 -3.27
CA LEU A 259 -16.32 -35.36 -4.30
C LEU A 259 -15.35 -35.82 -5.37
N MET A 260 -14.19 -35.19 -5.47
CA MET A 260 -13.22 -35.64 -6.44
C MET A 260 -12.49 -36.88 -5.93
N GLN A 261 -12.49 -37.09 -4.62
CA GLN A 261 -11.93 -38.29 -4.02
C GLN A 261 -12.67 -39.54 -4.50
N LYS A 262 -13.98 -39.42 -4.67
CA LYS A 262 -14.75 -40.53 -5.22
C LYS A 262 -14.48 -40.70 -6.71
N ARG A 263 -14.31 -39.59 -7.43
CA ARG A 263 -14.20 -39.67 -8.88
C ARG A 263 -12.85 -40.19 -9.33
N LYS A 264 -11.78 -39.83 -8.64
CA LYS A 264 -10.45 -40.19 -9.09
C LYS A 264 -10.19 -41.68 -8.90
N HIS A 265 -9.27 -42.20 -9.70
CA HIS A 265 -8.95 -43.62 -9.70
C HIS A 265 -7.44 -43.72 -9.91
N THR A 266 -6.72 -43.85 -8.81
CA THR A 266 -5.27 -43.70 -8.85
C THR A 266 -4.59 -44.92 -9.47
N GLN A 267 -3.60 -44.62 -10.29
CA GLN A 267 -2.70 -45.61 -10.86
C GLN A 267 -1.49 -45.74 -9.93
N TRP A 268 -0.39 -46.26 -10.47
CA TRP A 268 0.86 -46.42 -9.71
C TRP A 268 1.36 -45.11 -9.11
N THR A 269 2.05 -45.25 -8.00
CA THR A 269 2.75 -44.16 -7.34
C THR A 269 4.23 -44.52 -7.28
N TYR A 270 5.08 -43.52 -7.53
CA TYR A 270 6.51 -43.77 -7.67
C TYR A 270 7.26 -42.83 -6.73
N GLY A 271 7.41 -43.27 -5.48
CA GLY A 271 8.00 -42.47 -4.45
C GLY A 271 7.22 -41.20 -4.23
N PRO A 272 7.87 -40.06 -4.52
CA PRO A 272 7.16 -38.78 -4.42
C PRO A 272 6.21 -38.54 -5.56
N LEU A 273 6.23 -39.37 -6.59
CA LEU A 273 5.36 -39.19 -7.73
C LEU A 273 4.06 -39.92 -7.51
N THR A 274 3.02 -39.40 -8.12
CA THR A 274 1.72 -40.05 -8.10
C THR A 274 1.10 -39.87 -9.46
N SER A 275 0.87 -40.98 -10.14
CA SER A 275 0.21 -40.95 -11.43
C SER A 275 -1.28 -41.09 -11.15
N THR A 276 -1.88 -40.04 -10.64
CA THR A 276 -3.31 -40.10 -10.42
C THR A 276 -4.05 -39.91 -11.75
N LEU A 277 -5.34 -40.20 -11.71
CA LEU A 277 -6.14 -40.21 -12.92
C LEU A 277 -7.52 -39.67 -12.55
N TYR A 278 -7.81 -38.44 -12.93
CA TYR A 278 -9.13 -37.92 -12.64
C TYR A 278 -10.13 -38.42 -13.68
N ASP A 279 -11.40 -38.46 -13.28
CA ASP A 279 -12.39 -39.20 -14.02
C ASP A 279 -12.82 -38.48 -15.29
N LEU A 280 -13.15 -37.19 -15.17
CA LEU A 280 -13.57 -36.31 -16.27
C LEU A 280 -14.82 -36.85 -16.97
N THR A 281 -15.94 -36.81 -16.25
CA THR A 281 -17.20 -37.24 -16.83
C THR A 281 -18.15 -36.07 -17.04
N GLU A 282 -18.48 -35.34 -15.98
CA GLU A 282 -19.41 -34.23 -16.13
C GLU A 282 -18.70 -32.94 -16.45
N ILE A 283 -17.38 -32.92 -16.40
CA ILE A 283 -16.61 -31.75 -16.78
C ILE A 283 -16.36 -31.82 -18.28
N ASP A 284 -16.80 -30.79 -18.99
CA ASP A 284 -16.74 -30.68 -20.47
C ASP A 284 -17.43 -31.85 -21.15
N SER A 285 -18.75 -31.91 -20.96
CA SER A 285 -19.56 -32.80 -21.78
C SER A 285 -20.05 -32.05 -23.00
N SER A 286 -21.02 -32.62 -23.70
CA SER A 286 -21.83 -31.86 -24.65
C SER A 286 -23.28 -32.13 -24.31
N GLY A 287 -23.54 -32.30 -23.01
CA GLY A 287 -24.83 -32.79 -22.53
C GLY A 287 -25.93 -31.75 -22.58
N ASP A 288 -26.86 -31.89 -21.64
CA ASP A 288 -28.06 -31.06 -21.65
C ASP A 288 -27.72 -29.63 -21.24
N GLU A 289 -26.79 -29.47 -20.31
CA GLU A 289 -26.33 -28.14 -19.90
C GLU A 289 -24.93 -27.86 -20.43
N GLN A 290 -24.51 -28.69 -21.39
CA GLN A 290 -23.41 -28.46 -22.34
C GLN A 290 -22.01 -28.51 -21.74
N SER A 291 -21.89 -28.48 -20.40
CA SER A 291 -20.61 -28.53 -19.70
C SER A 291 -20.87 -28.50 -18.21
N LEU A 292 -19.78 -28.66 -17.45
CA LEU A 292 -19.69 -28.06 -16.13
C LEU A 292 -19.21 -26.62 -16.23
N LEU A 293 -18.28 -26.36 -17.14
CA LEU A 293 -17.51 -25.13 -17.18
C LEU A 293 -18.35 -23.90 -17.48
N GLU A 294 -19.30 -24.00 -18.41
CA GLU A 294 -20.16 -22.86 -18.72
C GLU A 294 -21.05 -22.51 -17.54
N LEU A 295 -21.51 -23.51 -16.80
CA LEU A 295 -22.26 -23.29 -15.58
C LEU A 295 -21.44 -22.61 -14.51
N ILE A 296 -20.12 -22.82 -14.50
CA ILE A 296 -19.27 -22.05 -13.61
C ILE A 296 -19.22 -20.61 -14.09
N ILE A 297 -19.27 -20.40 -15.39
CA ILE A 297 -19.21 -19.05 -15.92
C ILE A 297 -20.53 -18.33 -15.76
N THR A 298 -21.62 -18.93 -16.26
CA THR A 298 -22.85 -18.17 -16.43
C THR A 298 -23.64 -17.98 -15.14
N THR A 299 -23.14 -18.46 -14.01
CA THR A 299 -23.73 -18.00 -12.77
C THR A 299 -23.32 -16.57 -12.49
N LYS A 300 -24.14 -15.87 -11.71
CA LYS A 300 -23.75 -14.56 -11.22
C LYS A 300 -22.93 -14.65 -9.95
N LYS A 301 -22.76 -15.86 -9.40
CA LYS A 301 -21.89 -16.03 -8.25
C LYS A 301 -20.44 -15.84 -8.64
N ARG A 302 -19.83 -14.78 -8.12
CA ARG A 302 -18.44 -14.49 -8.41
C ARG A 302 -17.51 -15.51 -7.77
N GLU A 303 -17.89 -16.04 -6.61
CA GLU A 303 -16.98 -16.84 -5.82
C GLU A 303 -16.90 -18.28 -6.30
N ALA A 304 -17.78 -18.70 -7.19
CA ALA A 304 -17.73 -20.06 -7.71
C ALA A 304 -16.60 -20.27 -8.69
N ARG A 305 -15.95 -19.20 -9.15
CA ARG A 305 -14.80 -19.34 -10.03
C ARG A 305 -13.54 -19.75 -9.29
N GLN A 306 -13.61 -19.92 -7.97
CA GLN A 306 -12.51 -20.47 -7.19
C GLN A 306 -12.24 -21.92 -7.51
N ILE A 307 -13.21 -22.64 -8.09
CA ILE A 307 -13.06 -24.01 -8.53
C ILE A 307 -11.96 -24.16 -9.58
N LEU A 308 -11.71 -23.10 -10.35
CA LEU A 308 -10.75 -23.17 -11.45
C LEU A 308 -9.32 -23.30 -10.96
N ASP A 309 -9.05 -22.97 -9.71
CA ASP A 309 -7.74 -23.27 -9.14
C ASP A 309 -7.62 -24.70 -8.66
N GLN A 310 -8.72 -25.43 -8.56
CA GLN A 310 -8.64 -26.80 -8.06
C GLN A 310 -8.16 -27.73 -9.17
N THR A 311 -7.26 -28.62 -8.80
CA THR A 311 -6.40 -29.31 -9.75
C THR A 311 -7.02 -30.24 -10.82
N PRO A 312 -8.21 -30.90 -10.67
CA PRO A 312 -8.67 -31.70 -11.81
C PRO A 312 -9.29 -30.84 -12.88
N VAL A 313 -9.70 -29.63 -12.51
CA VAL A 313 -10.25 -28.69 -13.48
C VAL A 313 -9.15 -27.78 -14.00
N LYS A 314 -8.23 -27.41 -13.12
CA LYS A 314 -7.12 -26.54 -13.48
C LYS A 314 -6.20 -27.19 -14.51
N GLU A 315 -6.08 -28.52 -14.45
CA GLU A 315 -5.24 -29.22 -15.41
C GLU A 315 -5.90 -29.26 -16.78
N LEU A 316 -7.22 -29.43 -16.82
CA LEU A 316 -7.93 -29.51 -18.09
C LEU A 316 -7.82 -28.20 -18.87
N VAL A 317 -8.17 -27.09 -18.22
CA VAL A 317 -8.22 -25.81 -18.90
C VAL A 317 -6.84 -25.31 -19.27
N SER A 318 -5.79 -25.82 -18.62
CA SER A 318 -4.46 -25.55 -19.10
C SER A 318 -4.13 -26.41 -20.32
N LEU A 319 -4.52 -27.68 -20.28
CA LEU A 319 -4.27 -28.56 -21.43
C LEU A 319 -5.16 -28.19 -22.60
N LYS A 320 -6.40 -27.81 -22.32
CA LYS A 320 -7.32 -27.46 -23.39
C LYS A 320 -6.91 -26.18 -24.09
N TRP A 321 -6.22 -25.29 -23.40
CA TRP A 321 -5.82 -24.02 -23.99
C TRP A 321 -4.44 -24.05 -24.61
N LYS A 322 -3.52 -24.82 -24.03
CA LYS A 322 -2.15 -24.91 -24.54
C LYS A 322 -2.13 -25.50 -25.95
N ARG A 323 -2.57 -26.75 -26.08
CA ARG A 323 -2.82 -27.32 -27.39
C ARG A 323 -4.31 -27.15 -27.67
N TYR A 324 -4.62 -26.78 -28.91
CA TYR A 324 -5.94 -26.67 -29.53
C TYR A 324 -6.72 -25.46 -29.04
N GLY A 325 -6.29 -24.79 -27.98
CA GLY A 325 -7.00 -23.61 -27.57
C GLY A 325 -6.39 -22.33 -28.11
N ARG A 326 -5.13 -22.11 -27.77
CA ARG A 326 -4.45 -20.87 -28.10
C ARG A 326 -4.18 -20.69 -29.60
N PRO A 327 -3.63 -21.67 -30.36
CA PRO A 327 -3.42 -21.38 -31.79
C PRO A 327 -4.69 -21.40 -32.59
N TYR A 328 -5.75 -22.06 -32.13
CA TYR A 328 -7.01 -21.92 -32.84
C TYR A 328 -7.64 -20.57 -32.60
N PHE A 329 -7.33 -19.94 -31.46
CA PHE A 329 -7.84 -18.60 -31.22
C PHE A 329 -7.13 -17.58 -32.07
N CYS A 330 -5.80 -17.67 -32.14
CA CYS A 330 -5.02 -16.69 -32.89
C CYS A 330 -5.24 -16.84 -34.38
N MET A 331 -5.62 -18.03 -34.84
CA MET A 331 -5.96 -18.21 -36.24
C MET A 331 -7.24 -17.46 -36.57
N LEU A 332 -8.17 -17.39 -35.63
CA LEU A 332 -9.26 -16.44 -35.77
C LEU A 332 -8.75 -15.01 -35.63
N GLY A 333 -7.75 -14.80 -34.78
CA GLY A 333 -7.26 -13.45 -34.54
C GLY A 333 -6.49 -12.89 -35.73
N ALA A 334 -5.82 -13.76 -36.49
CA ALA A 334 -5.13 -13.30 -37.68
C ALA A 334 -6.10 -12.90 -38.77
N ILE A 335 -7.26 -13.56 -38.83
CA ILE A 335 -8.27 -13.23 -39.83
C ILE A 335 -8.86 -11.86 -39.54
N TYR A 336 -9.04 -11.54 -38.26
CA TYR A 336 -9.71 -10.30 -37.90
C TYR A 336 -8.82 -9.09 -38.16
N LEU A 337 -7.50 -9.25 -38.08
CA LEU A 337 -6.61 -8.14 -38.37
C LEU A 337 -6.58 -7.80 -39.85
N LEU A 338 -6.50 -8.83 -40.69
CA LEU A 338 -6.59 -8.62 -42.14
C LEU A 338 -7.97 -8.15 -42.57
N TYR A 339 -8.99 -8.39 -41.75
CA TYR A 339 -10.32 -7.89 -42.07
C TYR A 339 -10.40 -6.39 -41.87
N ILE A 340 -9.91 -5.90 -40.73
CA ILE A 340 -10.03 -4.49 -40.41
C ILE A 340 -9.07 -3.66 -41.25
N ILE A 341 -7.89 -4.22 -41.55
CA ILE A 341 -6.96 -3.54 -42.45
C ILE A 341 -7.57 -3.41 -43.85
N CYS A 342 -8.27 -4.46 -44.31
CA CYS A 342 -8.98 -4.33 -45.57
C CYS A 342 -10.25 -3.50 -45.41
N PHE A 343 -10.72 -3.33 -44.18
CA PHE A 343 -11.84 -2.41 -43.97
C PHE A 343 -11.39 -0.97 -44.08
N THR A 344 -10.28 -0.60 -43.41
CA THR A 344 -9.79 0.77 -43.47
C THR A 344 -9.33 1.14 -44.86
N MET A 345 -8.76 0.17 -45.57
CA MET A 345 -8.29 0.38 -46.93
C MET A 345 -9.44 0.74 -47.87
N CYS A 346 -10.62 0.17 -47.66
CA CYS A 346 -11.79 0.62 -48.39
C CYS A 346 -12.60 1.65 -47.63
N CYS A 347 -12.03 2.24 -46.57
CA CYS A 347 -12.69 3.35 -45.90
C CYS A 347 -11.85 4.60 -45.79
N ILE A 348 -10.53 4.51 -45.94
CA ILE A 348 -9.76 5.75 -46.06
C ILE A 348 -9.67 6.23 -47.50
N TYR A 349 -10.10 5.42 -48.46
CA TYR A 349 -10.24 5.85 -49.83
C TYR A 349 -11.73 5.97 -50.13
N ARG A 350 -12.20 7.19 -50.30
CA ARG A 350 -13.61 7.48 -50.46
C ARG A 350 -13.78 8.34 -51.71
N PRO A 351 -14.92 8.27 -52.42
CA PRO A 351 -15.02 8.93 -53.75
C PRO A 351 -14.93 10.45 -53.76
N LEU A 352 -15.93 11.17 -53.20
CA LEU A 352 -15.81 12.52 -52.63
C LEU A 352 -15.17 13.54 -53.58
N LYS A 353 -15.94 13.97 -54.58
CA LYS A 353 -15.58 15.01 -55.54
C LYS A 353 -15.16 16.35 -54.93
N PRO A 354 -14.58 17.27 -55.71
CA PRO A 354 -14.53 18.65 -55.26
C PRO A 354 -15.91 19.30 -55.30
N ARG A 355 -16.04 20.40 -54.57
CA ARG A 355 -17.34 21.04 -54.37
C ARG A 355 -17.80 21.79 -55.62
N THR A 356 -18.54 21.10 -56.49
CA THR A 356 -19.14 21.78 -57.63
C THR A 356 -20.55 22.26 -57.35
N ASN A 357 -21.14 21.87 -56.21
CA ASN A 357 -22.50 22.23 -55.86
C ASN A 357 -22.53 23.59 -55.18
N ASN A 358 -23.62 23.89 -54.46
CA ASN A 358 -23.90 25.17 -53.81
C ASN A 358 -22.73 25.71 -52.98
N ARG A 359 -22.22 26.87 -53.41
CA ARG A 359 -20.90 27.34 -53.02
C ARG A 359 -20.87 28.12 -51.72
N THR A 360 -21.58 29.24 -51.68
CA THR A 360 -21.30 30.31 -50.72
C THR A 360 -22.33 30.30 -49.60
N SER A 361 -22.85 29.11 -49.31
CA SER A 361 -23.68 28.91 -48.13
C SER A 361 -22.93 29.09 -46.81
N PRO A 362 -21.64 28.64 -46.64
CA PRO A 362 -20.93 29.06 -45.42
C PRO A 362 -20.47 30.50 -45.44
N ARG A 363 -21.35 31.43 -45.06
CA ARG A 363 -20.92 32.80 -44.90
C ARG A 363 -20.07 32.92 -43.65
N ASP A 364 -18.76 32.73 -43.80
CA ASP A 364 -17.79 32.63 -42.72
C ASP A 364 -18.24 31.60 -41.68
N ASN A 365 -18.62 30.45 -42.21
CA ASN A 365 -19.45 29.51 -41.48
C ASN A 365 -19.09 28.09 -41.89
N THR A 366 -20.03 27.15 -41.71
CA THR A 366 -19.78 25.71 -41.72
C THR A 366 -19.14 25.21 -43.01
N LEU A 367 -17.88 24.83 -42.93
CA LEU A 367 -17.06 24.63 -44.11
C LEU A 367 -17.09 23.16 -44.52
N LEU A 368 -17.00 22.92 -45.83
CA LEU A 368 -17.00 21.61 -46.46
C LEU A 368 -16.70 21.78 -47.94
N GLN A 369 -16.04 20.80 -48.58
CA GLN A 369 -15.94 20.90 -50.03
C GLN A 369 -16.00 19.53 -50.74
N GLN A 370 -16.46 18.48 -50.08
CA GLN A 370 -16.31 17.17 -50.68
C GLN A 370 -17.61 16.57 -51.19
N LYS A 371 -18.67 16.56 -50.39
CA LYS A 371 -20.03 16.28 -50.82
C LYS A 371 -20.28 14.89 -51.42
N LEU A 372 -19.30 13.98 -51.37
CA LEU A 372 -19.50 12.53 -51.46
C LEU A 372 -20.17 12.02 -52.74
N LEU A 373 -19.38 11.86 -53.82
CA LEU A 373 -19.79 11.38 -55.14
C LEU A 373 -20.88 10.31 -55.19
N GLN A 374 -21.78 10.43 -56.15
CA GLN A 374 -23.03 9.67 -56.16
C GLN A 374 -22.82 8.23 -56.62
N GLU A 375 -22.46 8.05 -57.89
CA GLU A 375 -22.26 6.71 -58.43
C GLU A 375 -21.07 6.64 -59.38
N ALA A 376 -20.11 7.55 -59.25
CA ALA A 376 -18.91 7.55 -60.07
C ALA A 376 -18.01 6.43 -59.57
N TYR A 377 -18.23 5.23 -60.11
CA TYR A 377 -17.45 4.05 -59.77
C TYR A 377 -16.54 3.63 -60.91
N MET A 378 -16.04 4.62 -61.64
CA MET A 378 -15.04 4.39 -62.67
C MET A 378 -13.65 4.33 -62.04
N THR A 379 -12.60 4.42 -62.88
CA THR A 379 -11.18 4.36 -62.50
C THR A 379 -10.91 3.06 -61.76
N PRO A 380 -10.69 1.94 -62.49
CA PRO A 380 -10.73 0.57 -61.90
C PRO A 380 -9.78 0.25 -60.74
N LYS A 381 -8.95 1.21 -60.34
CA LYS A 381 -8.44 1.19 -58.98
C LYS A 381 -9.58 1.20 -57.96
N ASP A 382 -10.66 1.93 -58.27
CA ASP A 382 -11.87 1.85 -57.47
C ASP A 382 -12.57 0.51 -57.59
N ASP A 383 -12.38 -0.21 -58.69
CA ASP A 383 -12.91 -1.57 -58.77
C ASP A 383 -12.17 -2.49 -57.83
N ILE A 384 -10.87 -2.25 -57.61
CA ILE A 384 -10.13 -2.95 -56.58
C ILE A 384 -10.65 -2.54 -55.21
N ARG A 385 -10.97 -1.24 -55.05
CA ARG A 385 -11.70 -0.80 -53.88
C ARG A 385 -13.08 -1.43 -53.81
N LEU A 386 -13.75 -1.59 -54.95
CA LEU A 386 -15.05 -2.25 -54.98
C LEU A 386 -14.92 -3.73 -54.62
N VAL A 387 -13.79 -4.33 -54.93
CA VAL A 387 -13.49 -5.65 -54.39
C VAL A 387 -13.32 -5.58 -52.88
N GLY A 388 -12.49 -4.65 -52.41
CA GLY A 388 -12.22 -4.52 -50.98
C GLY A 388 -13.42 -4.08 -50.16
N GLU A 389 -14.35 -3.35 -50.76
CA GLU A 389 -15.61 -3.07 -50.07
C GLU A 389 -16.42 -4.36 -49.89
N LEU A 390 -16.45 -5.23 -50.89
CA LEU A 390 -17.24 -6.44 -50.79
C LEU A 390 -16.64 -7.44 -49.84
N VAL A 391 -15.35 -7.30 -49.53
CA VAL A 391 -14.72 -8.16 -48.53
C VAL A 391 -15.33 -7.92 -47.16
N THR A 392 -15.58 -6.66 -46.83
CA THR A 392 -16.17 -6.33 -45.55
C THR A 392 -17.63 -6.77 -45.48
N VAL A 393 -18.35 -6.60 -46.59
CA VAL A 393 -19.79 -6.84 -46.61
C VAL A 393 -20.09 -8.32 -46.45
N ILE A 394 -19.35 -9.16 -47.16
CA ILE A 394 -19.48 -10.61 -47.00
C ILE A 394 -19.06 -11.01 -45.59
N GLY A 395 -17.98 -10.42 -45.09
CA GLY A 395 -17.58 -10.67 -43.71
C GLY A 395 -18.55 -10.12 -42.70
N ALA A 396 -19.32 -9.11 -43.06
CA ALA A 396 -20.33 -8.59 -42.16
C ALA A 396 -21.48 -9.58 -41.99
N ILE A 397 -21.86 -10.26 -43.06
CA ILE A 397 -22.97 -11.19 -43.01
C ILE A 397 -22.57 -12.45 -42.23
N ILE A 398 -21.30 -12.82 -42.29
CA ILE A 398 -20.79 -13.99 -41.57
C ILE A 398 -20.94 -13.80 -40.07
N ILE A 399 -20.69 -12.59 -39.59
CA ILE A 399 -20.84 -12.28 -38.17
C ILE A 399 -22.30 -12.40 -37.75
N LEU A 400 -23.21 -11.95 -38.60
CA LEU A 400 -24.62 -12.14 -38.29
C LEU A 400 -25.06 -13.58 -38.54
N LEU A 401 -24.41 -14.30 -39.47
CA LEU A 401 -24.70 -15.72 -39.59
C LEU A 401 -24.14 -16.49 -38.41
N VAL A 402 -23.15 -15.94 -37.72
CA VAL A 402 -22.78 -16.48 -36.41
C VAL A 402 -23.84 -16.11 -35.38
N GLU A 403 -24.29 -14.85 -35.39
CA GLU A 403 -25.11 -14.32 -34.33
C GLU A 403 -26.58 -14.20 -34.71
N VAL A 404 -27.13 -15.21 -35.40
CA VAL A 404 -28.59 -15.33 -35.50
C VAL A 404 -29.24 -15.43 -34.12
N PRO A 405 -28.71 -16.19 -33.14
CA PRO A 405 -29.31 -15.98 -31.81
C PRO A 405 -28.91 -14.65 -31.17
N PRO A 424 -20.27 -9.17 -23.37
CA PRO A 424 -19.70 -7.82 -23.29
C PRO A 424 -18.81 -7.55 -24.49
N PHE A 425 -18.76 -8.49 -25.41
CA PHE A 425 -18.02 -8.29 -26.64
C PHE A 425 -18.77 -8.75 -27.88
N HIS A 426 -19.83 -9.52 -27.71
CA HIS A 426 -20.81 -9.63 -28.79
C HIS A 426 -21.47 -8.28 -29.02
N VAL A 427 -21.71 -7.54 -27.94
CA VAL A 427 -22.29 -6.20 -28.02
C VAL A 427 -21.34 -5.25 -28.74
N LEU A 428 -20.07 -5.59 -28.84
CA LEU A 428 -19.22 -4.87 -29.77
C LEU A 428 -19.43 -5.37 -31.19
N ILE A 429 -19.32 -6.67 -31.40
CA ILE A 429 -19.23 -7.17 -32.77
C ILE A 429 -20.59 -7.20 -33.45
N ILE A 430 -21.68 -7.28 -32.68
CA ILE A 430 -23.00 -7.20 -33.30
C ILE A 430 -23.29 -5.76 -33.68
N THR A 431 -22.93 -4.82 -32.82
CA THR A 431 -23.01 -3.41 -33.18
C THR A 431 -21.97 -3.03 -34.22
N TYR A 432 -20.89 -3.80 -34.34
CA TYR A 432 -20.07 -3.68 -35.53
C TYR A 432 -20.82 -4.17 -36.75
N ALA A 433 -21.59 -5.24 -36.59
CA ALA A 433 -22.28 -5.83 -37.74
C ALA A 433 -23.45 -4.98 -38.20
N PHE A 434 -24.09 -4.23 -37.30
CA PHE A 434 -25.10 -3.28 -37.74
C PHE A 434 -24.50 -2.21 -38.63
N MET A 435 -23.45 -1.55 -38.15
CA MET A 435 -22.95 -0.34 -38.80
C MET A 435 -22.33 -0.61 -40.16
N VAL A 436 -21.81 -1.81 -40.40
CA VAL A 436 -21.34 -2.15 -41.74
C VAL A 436 -22.54 -2.39 -42.65
N LEU A 437 -23.59 -3.01 -42.11
CA LEU A 437 -24.83 -3.10 -42.86
C LEU A 437 -25.49 -1.75 -43.04
N VAL A 438 -25.38 -0.86 -42.06
CA VAL A 438 -25.98 0.46 -42.18
C VAL A 438 -25.24 1.28 -43.23
N THR A 439 -23.92 1.19 -43.26
CA THR A 439 -23.17 1.98 -44.23
C THR A 439 -23.26 1.43 -45.65
N MET A 440 -23.86 0.26 -45.85
CA MET A 440 -24.16 -0.17 -47.21
C MET A 440 -25.57 0.22 -47.61
N VAL A 441 -26.51 0.18 -46.66
CA VAL A 441 -27.83 0.75 -46.88
C VAL A 441 -27.72 2.26 -47.07
N MET A 442 -26.72 2.87 -46.46
CA MET A 442 -26.42 4.28 -46.71
C MET A 442 -25.85 4.48 -48.11
N ARG A 443 -25.41 3.40 -48.78
CA ARG A 443 -24.95 3.51 -50.16
C ARG A 443 -25.96 3.05 -51.18
N LEU A 444 -26.84 2.10 -50.83
CA LEU A 444 -27.85 1.65 -51.77
C LEU A 444 -28.94 2.69 -51.96
N ILE A 445 -29.46 3.22 -50.84
CA ILE A 445 -30.31 4.40 -50.89
C ILE A 445 -29.49 5.60 -51.35
N SER A 446 -28.20 5.60 -51.03
CA SER A 446 -27.22 6.64 -51.38
C SER A 446 -27.64 7.98 -50.80
N ALA A 447 -27.70 8.03 -49.47
CA ALA A 447 -28.01 9.26 -48.75
C ALA A 447 -26.74 10.07 -48.50
N SER A 448 -26.83 11.09 -47.65
CA SER A 448 -25.73 12.00 -47.40
C SER A 448 -25.03 11.69 -46.09
N GLY A 449 -25.77 11.49 -45.00
CA GLY A 449 -25.16 11.35 -43.69
C GLY A 449 -24.48 10.02 -43.48
N GLU A 450 -23.34 9.83 -44.14
CA GLU A 450 -22.69 8.53 -44.21
C GLU A 450 -21.51 8.39 -43.26
N VAL A 451 -20.95 9.48 -42.75
CA VAL A 451 -19.80 9.35 -41.88
C VAL A 451 -20.24 9.02 -40.46
N VAL A 452 -21.47 9.38 -40.11
CA VAL A 452 -21.96 9.10 -38.76
C VAL A 452 -22.11 7.63 -38.44
N PRO A 453 -22.51 6.72 -39.35
CA PRO A 453 -22.36 5.31 -38.98
C PRO A 453 -20.96 4.80 -39.22
N MET A 454 -20.18 5.52 -40.02
CA MET A 454 -18.85 5.05 -40.37
C MET A 454 -17.92 5.10 -39.17
N SER A 455 -18.08 6.10 -38.33
CA SER A 455 -17.14 6.27 -37.23
C SER A 455 -17.45 5.34 -36.07
N PHE A 456 -18.73 5.06 -35.82
CA PHE A 456 -19.07 3.95 -34.92
C PHE A 456 -18.53 2.63 -35.46
N ALA A 457 -18.56 2.46 -36.77
CA ALA A 457 -18.12 1.21 -37.38
C ALA A 457 -16.63 1.00 -37.25
N LEU A 458 -15.85 2.06 -37.35
CA LEU A 458 -14.42 1.89 -37.45
C LEU A 458 -13.76 1.72 -36.09
N VAL A 459 -14.11 2.56 -35.12
CA VAL A 459 -13.40 2.50 -33.86
C VAL A 459 -13.83 1.29 -33.05
N LEU A 460 -15.11 0.90 -33.16
CA LEU A 460 -15.53 -0.33 -32.51
C LEU A 460 -15.02 -1.55 -33.26
N GLY A 461 -14.79 -1.42 -34.56
CA GLY A 461 -14.08 -2.46 -35.27
C GLY A 461 -12.66 -2.61 -34.76
N TRP A 462 -11.97 -1.49 -34.56
CA TRP A 462 -10.64 -1.55 -34.00
C TRP A 462 -10.64 -1.97 -32.54
N CYS A 463 -11.49 -1.34 -31.71
CA CYS A 463 -11.47 -1.65 -30.28
C CYS A 463 -12.02 -3.02 -29.95
N ASN A 464 -12.50 -3.79 -30.92
CA ASN A 464 -12.93 -5.14 -30.65
C ASN A 464 -11.78 -6.12 -30.69
N VAL A 465 -10.60 -5.69 -31.15
CA VAL A 465 -9.43 -6.56 -31.11
C VAL A 465 -8.71 -6.46 -29.78
N MET A 466 -9.15 -5.55 -28.92
CA MET A 466 -8.92 -5.64 -27.49
C MET A 466 -9.30 -7.01 -26.95
N ALA A 467 -10.43 -7.55 -27.41
CA ALA A 467 -10.90 -8.87 -27.00
C ALA A 467 -9.93 -9.97 -27.43
N PHE A 468 -9.19 -9.76 -28.51
CA PHE A 468 -8.22 -10.74 -28.93
C PHE A 468 -6.92 -10.70 -28.13
N ALA A 469 -6.76 -9.73 -27.23
CA ALA A 469 -5.55 -9.66 -26.43
C ALA A 469 -5.61 -10.59 -25.22
N ARG A 470 -6.69 -11.33 -25.05
CA ARG A 470 -6.78 -12.19 -23.89
C ARG A 470 -5.99 -13.47 -24.06
N GLY A 471 -5.68 -13.86 -25.29
CA GLY A 471 -4.98 -15.11 -25.51
C GLY A 471 -3.52 -14.89 -25.74
N PHE A 472 -2.98 -13.81 -25.17
CA PHE A 472 -1.60 -13.42 -25.38
C PHE A 472 -0.99 -13.04 -24.04
N GLN A 473 -0.95 -14.03 -23.13
CA GLN A 473 -0.69 -13.96 -21.68
C GLN A 473 0.30 -12.90 -21.24
N MET A 474 -0.06 -12.18 -20.18
CA MET A 474 0.37 -10.88 -19.63
C MET A 474 -0.30 -9.75 -20.41
N LEU A 475 -1.30 -10.03 -21.23
CA LEU A 475 -2.16 -9.01 -21.79
C LEU A 475 -3.63 -9.28 -21.55
N GLY A 476 -3.97 -10.41 -20.94
CA GLY A 476 -5.34 -10.82 -20.73
C GLY A 476 -6.19 -9.90 -19.87
N PRO A 477 -5.90 -9.80 -18.57
CA PRO A 477 -6.81 -9.08 -17.68
C PRO A 477 -6.78 -7.57 -17.80
N PHE A 478 -5.97 -7.01 -18.70
CA PHE A 478 -6.06 -5.58 -18.93
C PHE A 478 -7.36 -5.22 -19.61
N THR A 479 -7.86 -6.10 -20.48
CA THR A 479 -9.19 -5.89 -21.03
C THR A 479 -10.24 -6.08 -19.96
N ILE A 480 -9.99 -6.97 -19.00
CA ILE A 480 -10.85 -7.07 -17.82
C ILE A 480 -10.77 -5.81 -16.99
N MET A 481 -9.59 -5.17 -16.94
CA MET A 481 -9.47 -3.92 -16.20
C MET A 481 -10.31 -2.81 -16.82
N ILE A 482 -10.39 -2.76 -18.15
CA ILE A 482 -11.14 -1.68 -18.80
C ILE A 482 -12.62 -1.82 -18.52
N GLN A 483 -13.12 -3.06 -18.52
CA GLN A 483 -14.49 -3.31 -18.12
C GLN A 483 -14.69 -3.02 -16.64
N LYS A 484 -13.66 -3.25 -15.82
CA LYS A 484 -13.79 -2.93 -14.41
C LYS A 484 -13.76 -1.43 -14.17
N MET A 485 -13.08 -0.67 -15.02
CA MET A 485 -13.08 0.78 -14.83
C MET A 485 -14.42 1.37 -15.24
N ILE A 486 -14.93 1.00 -16.41
CA ILE A 486 -16.05 1.69 -17.01
C ILE A 486 -17.34 1.32 -16.30
N PHE A 487 -17.73 0.05 -16.38
CA PHE A 487 -18.99 -0.33 -15.77
C PHE A 487 -18.87 -0.55 -14.28
N GLY A 488 -17.66 -0.55 -13.73
CA GLY A 488 -17.48 -0.76 -12.31
C GLY A 488 -17.24 0.52 -11.53
N ASP A 489 -16.51 1.48 -12.12
CA ASP A 489 -16.20 2.71 -11.41
C ASP A 489 -16.62 3.96 -12.17
N LEU A 490 -16.43 3.99 -13.50
CA LEU A 490 -16.60 5.24 -14.23
C LEU A 490 -18.06 5.59 -14.40
N MET A 491 -18.91 4.61 -14.71
CA MET A 491 -20.31 4.92 -14.90
C MET A 491 -21.04 5.18 -13.60
N ARG A 492 -20.46 4.82 -12.46
CA ARG A 492 -20.94 5.30 -11.18
C ARG A 492 -20.14 6.51 -10.71
N PHE A 493 -19.43 7.14 -11.63
CA PHE A 493 -18.73 8.39 -11.38
C PHE A 493 -19.05 9.45 -12.42
N CYS A 494 -19.55 9.06 -13.60
CA CYS A 494 -19.93 10.04 -14.62
C CYS A 494 -21.12 10.86 -14.17
N TRP A 495 -21.92 10.30 -13.26
CA TRP A 495 -22.97 11.08 -12.63
C TRP A 495 -22.40 12.16 -11.73
N LEU A 496 -21.15 12.05 -11.31
CA LEU A 496 -20.55 13.13 -10.54
C LEU A 496 -19.96 14.20 -11.45
N MET A 497 -19.36 13.78 -12.57
CA MET A 497 -18.74 14.74 -13.47
C MET A 497 -19.78 15.54 -14.24
N ALA A 498 -20.94 14.94 -14.50
CA ALA A 498 -21.98 15.64 -15.22
C ALA A 498 -22.66 16.71 -14.38
N VAL A 499 -22.53 16.61 -13.06
CA VAL A 499 -23.03 17.67 -12.18
C VAL A 499 -22.19 18.91 -12.31
N VAL A 500 -20.87 18.76 -12.19
CA VAL A 500 -19.96 19.89 -12.25
C VAL A 500 -19.93 20.50 -13.64
N ILE A 501 -19.94 19.66 -14.67
CA ILE A 501 -19.76 20.16 -16.01
C ILE A 501 -21.02 20.87 -16.51
N LEU A 502 -22.18 20.54 -15.95
CA LEU A 502 -23.37 21.29 -16.34
C LEU A 502 -23.58 22.51 -15.46
N GLY A 503 -22.67 22.77 -14.53
CA GLY A 503 -22.69 24.04 -13.86
C GLY A 503 -21.85 25.04 -14.62
N PHE A 504 -20.58 24.73 -14.79
CA PHE A 504 -19.62 25.70 -15.28
C PHE A 504 -19.84 26.02 -16.76
N ALA A 505 -20.20 25.03 -17.56
CA ALA A 505 -20.53 25.30 -18.96
C ALA A 505 -21.81 26.12 -19.04
N SER A 506 -22.76 25.83 -18.16
CA SER A 506 -23.92 26.69 -18.08
C SER A 506 -23.55 28.04 -17.51
N ALA A 507 -22.54 28.07 -16.65
CA ALA A 507 -22.08 29.35 -16.12
C ALA A 507 -21.43 30.19 -17.22
N PHE A 508 -20.42 29.63 -17.87
CA PHE A 508 -19.60 30.37 -18.81
C PHE A 508 -20.39 30.88 -20.02
N TYR A 509 -21.50 30.21 -20.35
CA TYR A 509 -22.38 30.72 -21.38
C TYR A 509 -23.04 32.01 -20.94
N ILE A 510 -23.31 32.13 -19.64
CA ILE A 510 -23.92 33.35 -19.14
C ILE A 510 -22.87 34.45 -19.02
N ILE A 511 -21.62 34.09 -18.69
CA ILE A 511 -20.56 35.09 -18.68
C ILE A 511 -20.27 35.58 -20.09
N PHE A 512 -20.09 34.66 -21.02
CA PHE A 512 -19.68 35.01 -22.37
C PHE A 512 -20.87 35.20 -23.29
N GLN A 513 -22.06 35.35 -22.74
CA GLN A 513 -23.14 35.91 -23.53
C GLN A 513 -22.85 37.35 -23.90
N THR A 514 -22.15 38.08 -23.04
CA THR A 514 -21.79 39.47 -23.23
C THR A 514 -20.83 39.68 -24.38
N GLU A 515 -19.82 38.82 -24.47
CA GLU A 515 -18.68 39.09 -25.35
C GLU A 515 -18.95 38.76 -26.81
N ASP A 516 -18.24 39.44 -27.71
CA ASP A 516 -18.15 38.99 -29.09
C ASP A 516 -17.40 37.67 -29.10
N PRO A 517 -17.99 36.58 -29.60
CA PRO A 517 -17.26 35.32 -29.68
C PRO A 517 -16.27 35.25 -30.82
N GLU A 518 -16.09 36.31 -31.60
CA GLU A 518 -15.04 36.32 -32.60
C GLU A 518 -13.67 36.26 -31.96
N GLU A 519 -13.46 37.04 -30.91
CA GLU A 519 -12.38 36.80 -29.97
C GLU A 519 -12.93 35.82 -28.95
N LEU A 520 -12.11 34.85 -28.55
CA LEU A 520 -12.41 33.91 -27.46
C LEU A 520 -13.69 33.13 -27.78
N GLY A 521 -13.61 32.29 -28.80
CA GLY A 521 -14.77 31.58 -29.28
C GLY A 521 -15.01 30.25 -28.60
N HIS A 522 -14.56 30.14 -27.35
CA HIS A 522 -14.75 28.92 -26.59
C HIS A 522 -16.21 28.69 -26.25
N PHE A 523 -17.00 29.76 -26.16
CA PHE A 523 -18.37 29.66 -25.66
C PHE A 523 -19.33 30.49 -26.50
N TYR A 524 -19.28 30.32 -27.82
CA TYR A 524 -20.20 31.06 -28.67
C TYR A 524 -21.62 30.56 -28.51
N ASP A 525 -21.80 29.31 -28.11
CA ASP A 525 -23.12 28.79 -27.82
C ASP A 525 -23.07 27.74 -26.73
N TYR A 526 -24.23 27.49 -26.15
CA TYR A 526 -24.36 26.44 -25.14
C TYR A 526 -24.07 25.01 -25.61
N PRO A 527 -24.39 24.55 -26.84
CA PRO A 527 -24.06 23.15 -27.16
C PRO A 527 -22.59 22.84 -27.19
N MET A 528 -21.76 23.75 -27.69
CA MET A 528 -20.34 23.48 -27.66
C MET A 528 -19.70 23.91 -26.35
N ALA A 529 -20.45 24.63 -25.51
CA ALA A 529 -19.94 25.06 -24.22
C ALA A 529 -19.69 23.88 -23.31
N LEU A 530 -20.53 22.84 -23.42
CA LEU A 530 -20.29 21.60 -22.71
C LEU A 530 -18.99 20.95 -23.17
N PHE A 531 -18.81 20.85 -24.49
CA PHE A 531 -17.60 20.28 -25.04
C PHE A 531 -16.37 21.11 -24.70
N SER A 532 -16.55 22.42 -24.58
CA SER A 532 -15.41 23.29 -24.28
C SER A 532 -15.01 23.17 -22.82
N THR A 533 -15.98 22.99 -21.93
CA THR A 533 -15.63 22.78 -20.54
C THR A 533 -15.09 21.39 -20.32
N PHE A 534 -15.45 20.46 -21.19
CA PHE A 534 -15.14 19.04 -21.00
C PHE A 534 -13.65 18.78 -21.05
N GLU A 535 -12.93 19.54 -21.85
CA GLU A 535 -11.51 19.27 -21.99
C GLU A 535 -10.68 20.24 -21.19
N LEU A 536 -11.28 21.32 -20.71
CA LEU A 536 -10.73 22.00 -19.55
C LEU A 536 -10.80 21.11 -18.33
N PHE A 537 -11.80 20.23 -18.29
CA PHE A 537 -11.93 19.30 -17.19
C PHE A 537 -10.94 18.15 -17.30
N LEU A 538 -10.59 17.78 -18.53
CA LEU A 538 -9.60 16.74 -18.73
C LEU A 538 -8.24 17.28 -19.14
N THR A 539 -8.03 18.59 -18.99
CA THR A 539 -6.75 19.28 -19.19
C THR A 539 -6.28 19.08 -20.63
N ILE A 540 -7.13 19.49 -21.56
CA ILE A 540 -6.75 19.37 -22.95
C ILE A 540 -6.81 20.74 -23.62
N ILE A 541 -7.98 21.38 -23.63
CA ILE A 541 -8.08 22.71 -24.20
C ILE A 541 -7.31 23.69 -23.31
N ASP A 542 -6.67 24.65 -23.96
CA ASP A 542 -5.55 25.38 -23.39
C ASP A 542 -5.95 26.37 -22.31
N GLY A 543 -7.25 26.56 -22.11
CA GLY A 543 -7.70 27.58 -21.22
C GLY A 543 -7.99 28.83 -22.01
N PRO A 544 -9.23 29.29 -21.96
CA PRO A 544 -9.63 30.47 -22.75
C PRO A 544 -9.01 31.73 -22.19
N ALA A 545 -8.11 32.35 -22.97
CA ALA A 545 -7.45 33.57 -22.59
C ALA A 545 -7.10 34.34 -23.86
N ASN A 546 -7.47 35.61 -23.92
CA ASN A 546 -7.26 36.40 -25.13
C ASN A 546 -6.01 37.25 -25.08
N TYR A 547 -5.88 38.10 -24.06
CA TYR A 547 -4.81 39.06 -23.75
C TYR A 547 -4.81 40.27 -24.66
N ASN A 548 -5.61 40.29 -25.71
CA ASN A 548 -5.81 41.52 -26.46
C ASN A 548 -6.72 42.46 -25.68
N VAL A 549 -7.90 41.97 -25.32
CA VAL A 549 -8.86 42.76 -24.57
C VAL A 549 -8.89 42.23 -23.14
N ASP A 550 -9.58 42.97 -22.28
CA ASP A 550 -9.83 42.47 -20.95
C ASP A 550 -10.98 41.46 -21.00
N LEU A 551 -10.90 40.51 -20.08
CA LEU A 551 -11.92 39.52 -19.82
C LEU A 551 -12.94 40.08 -18.84
N PRO A 552 -14.16 39.56 -18.82
CA PRO A 552 -15.10 39.99 -17.80
C PRO A 552 -14.71 39.47 -16.44
N PHE A 553 -15.09 40.23 -15.41
CA PHE A 553 -14.53 40.06 -14.08
C PHE A 553 -15.00 38.78 -13.41
N MET A 554 -16.24 38.36 -13.66
CA MET A 554 -16.73 37.16 -13.02
C MET A 554 -16.09 35.91 -13.60
N TYR A 555 -15.56 36.00 -14.82
CA TYR A 555 -14.81 34.90 -15.42
C TYR A 555 -13.60 34.51 -14.60
N SER A 556 -12.82 35.51 -14.16
CA SER A 556 -11.53 35.24 -13.55
C SER A 556 -11.67 34.52 -12.23
N ILE A 557 -12.71 34.85 -11.46
CA ILE A 557 -12.96 34.12 -10.24
C ILE A 557 -13.47 32.73 -10.55
N THR A 558 -14.44 32.62 -11.46
CA THR A 558 -15.15 31.37 -11.69
C THR A 558 -14.26 30.33 -12.34
N TYR A 559 -13.49 30.73 -13.34
CA TYR A 559 -12.62 29.78 -14.00
C TYR A 559 -11.45 29.39 -13.12
N ALA A 560 -11.08 30.27 -12.19
CA ALA A 560 -10.14 29.85 -11.15
C ALA A 560 -10.80 28.87 -10.19
N ALA A 561 -12.06 29.12 -9.82
CA ALA A 561 -12.76 28.18 -8.96
C ALA A 561 -13.05 26.89 -9.69
N PHE A 562 -13.24 26.96 -11.00
CA PHE A 562 -13.32 25.76 -11.81
C PHE A 562 -12.02 24.99 -11.78
N ALA A 563 -10.89 25.69 -11.71
CA ALA A 563 -9.62 25.02 -11.73
C ALA A 563 -9.38 24.24 -10.45
N ILE A 564 -9.73 24.82 -9.30
CA ILE A 564 -9.47 24.15 -8.03
C ILE A 564 -10.36 22.94 -7.86
N ILE A 565 -11.66 23.10 -8.11
CA ILE A 565 -12.61 22.04 -7.81
C ILE A 565 -12.55 20.94 -8.86
N ALA A 566 -11.94 21.18 -10.00
CA ALA A 566 -12.07 20.16 -11.01
C ALA A 566 -10.75 19.70 -11.61
N THR A 567 -9.80 20.61 -11.80
CA THR A 567 -8.62 20.24 -12.57
C THR A 567 -7.67 19.37 -11.75
N LEU A 568 -7.44 19.74 -10.50
CA LEU A 568 -6.62 18.89 -9.64
C LEU A 568 -7.46 18.00 -8.74
N LEU A 569 -8.67 18.41 -8.40
CA LEU A 569 -9.37 17.68 -7.35
C LEU A 569 -10.29 16.61 -7.90
N MET A 570 -11.27 17.00 -8.72
CA MET A 570 -12.21 16.03 -9.24
C MET A 570 -11.56 15.09 -10.25
N LEU A 571 -10.51 15.55 -10.93
CA LEU A 571 -9.82 14.68 -11.87
C LEU A 571 -9.00 13.62 -11.15
N ASN A 572 -8.19 14.02 -10.18
CA ASN A 572 -7.30 13.08 -9.51
C ASN A 572 -8.05 12.11 -8.63
N LEU A 573 -9.19 12.51 -8.09
CA LEU A 573 -9.99 11.58 -7.29
C LEU A 573 -10.57 10.48 -8.17
N LEU A 574 -10.77 10.77 -9.45
CA LEU A 574 -11.07 9.70 -10.40
C LEU A 574 -9.86 8.82 -10.61
N ILE A 575 -8.67 9.41 -10.63
CA ILE A 575 -7.45 8.65 -10.89
C ILE A 575 -7.14 7.73 -9.73
N ALA A 576 -7.44 8.15 -8.51
CA ALA A 576 -7.24 7.25 -7.37
C ALA A 576 -8.24 6.11 -7.38
N MET A 577 -9.43 6.33 -7.97
CA MET A 577 -10.35 5.22 -8.18
C MET A 577 -9.81 4.27 -9.24
N MET A 578 -9.18 4.82 -10.28
CA MET A 578 -8.45 3.98 -11.22
C MET A 578 -7.28 3.31 -10.51
N GLY A 579 -6.59 4.05 -9.65
CA GLY A 579 -5.44 3.51 -8.96
C GLY A 579 -5.81 2.53 -7.87
N ASP A 580 -7.08 2.52 -7.46
CA ASP A 580 -7.50 1.53 -6.48
C ASP A 580 -7.82 0.21 -7.14
N THR A 581 -8.57 0.24 -8.24
CA THR A 581 -9.08 -1.01 -8.79
C THR A 581 -8.00 -1.74 -9.56
N HIS A 582 -6.99 -1.01 -10.04
CA HIS A 582 -5.84 -1.64 -10.67
C HIS A 582 -5.10 -2.54 -9.68
N TRP A 583 -4.98 -2.09 -8.43
CA TRP A 583 -4.37 -2.94 -7.43
C TRP A 583 -5.31 -4.04 -6.98
N ARG A 584 -6.61 -3.86 -7.19
CA ARG A 584 -7.54 -4.94 -6.90
C ARG A 584 -7.47 -6.04 -7.94
N VAL A 585 -7.21 -5.69 -9.20
CA VAL A 585 -7.21 -6.70 -10.24
C VAL A 585 -5.93 -7.51 -10.22
N ALA A 586 -4.78 -6.83 -10.19
CA ALA A 586 -3.50 -7.52 -10.29
C ALA A 586 -3.16 -8.34 -9.06
N HIS A 587 -3.81 -8.10 -7.92
CA HIS A 587 -3.66 -8.98 -6.77
C HIS A 587 -4.36 -10.30 -7.00
N GLU A 588 -5.34 -10.35 -7.89
CA GLU A 588 -6.03 -11.56 -8.30
C GLU A 588 -5.94 -11.77 -9.81
N ARG A 589 -4.73 -11.63 -10.35
CA ARG A 589 -4.53 -11.45 -11.79
C ARG A 589 -4.83 -12.71 -12.57
N ASP A 590 -4.05 -13.77 -12.33
CA ASP A 590 -4.13 -14.97 -13.14
C ASP A 590 -5.45 -15.70 -12.96
N GLU A 591 -6.12 -15.45 -11.83
CA GLU A 591 -7.47 -15.93 -11.56
C GLU A 591 -8.43 -15.43 -12.63
N LEU A 592 -8.52 -14.10 -12.77
CA LEU A 592 -9.43 -13.54 -13.75
C LEU A 592 -8.88 -13.72 -15.15
N TRP A 593 -7.57 -13.97 -15.27
CA TRP A 593 -7.06 -14.46 -16.54
C TRP A 593 -7.58 -15.85 -16.82
N ARG A 594 -7.62 -16.71 -15.79
CA ARG A 594 -8.05 -18.08 -15.98
C ARG A 594 -9.53 -18.13 -16.30
N ALA A 595 -10.32 -17.27 -15.64
CA ALA A 595 -11.74 -17.18 -15.96
C ALA A 595 -11.96 -16.61 -17.33
N GLN A 596 -11.04 -15.79 -17.81
CA GLN A 596 -11.14 -15.28 -19.17
C GLN A 596 -10.95 -16.37 -20.20
N ILE A 597 -10.04 -17.31 -19.93
CA ILE A 597 -9.69 -18.35 -20.90
C ILE A 597 -10.86 -19.30 -21.10
N VAL A 598 -11.48 -19.74 -20.01
CA VAL A 598 -12.49 -20.78 -20.05
C VAL A 598 -13.74 -20.29 -20.76
N ALA A 599 -14.23 -19.12 -20.38
CA ALA A 599 -15.40 -18.55 -21.01
C ALA A 599 -15.16 -18.21 -22.47
N THR A 600 -13.91 -17.93 -22.82
CA THR A 600 -13.56 -17.82 -24.23
C THR A 600 -13.61 -19.18 -24.90
N THR A 601 -13.18 -20.22 -24.17
CA THR A 601 -12.97 -21.51 -24.79
C THR A 601 -14.28 -22.20 -25.13
N VAL A 602 -15.20 -22.25 -24.17
CA VAL A 602 -16.49 -22.91 -24.38
C VAL A 602 -17.31 -22.16 -25.42
N MET A 603 -17.18 -20.83 -25.44
CA MET A 603 -17.79 -20.02 -26.47
C MET A 603 -17.24 -20.33 -27.85
N LEU A 604 -15.96 -20.68 -27.93
CA LEU A 604 -15.40 -21.15 -29.18
C LEU A 604 -15.89 -22.54 -29.54
N GLU A 605 -16.26 -23.36 -28.55
CA GLU A 605 -16.66 -24.72 -28.88
C GLU A 605 -18.08 -24.77 -29.43
N ARG A 606 -18.95 -23.91 -28.94
CA ARG A 606 -20.34 -23.92 -29.39
C ARG A 606 -20.52 -23.34 -30.77
N LYS A 607 -19.48 -22.75 -31.35
CA LYS A 607 -19.57 -22.15 -32.67
C LYS A 607 -18.51 -22.73 -33.62
N LEU A 608 -17.83 -23.79 -33.20
CA LEU A 608 -16.94 -24.53 -34.08
C LEU A 608 -17.33 -26.00 -34.05
N PRO A 609 -17.38 -26.65 -35.21
CA PRO A 609 -17.84 -28.05 -35.24
C PRO A 609 -16.75 -29.04 -34.84
N ARG A 610 -17.04 -30.33 -34.98
CA ARG A 610 -16.07 -31.35 -34.66
C ARG A 610 -15.15 -31.58 -35.86
N CYS A 611 -14.32 -32.63 -35.80
CA CYS A 611 -13.37 -33.07 -36.85
C CYS A 611 -12.24 -32.05 -37.07
N LEU A 612 -12.21 -31.04 -36.21
CA LEU A 612 -11.15 -30.04 -36.15
C LEU A 612 -10.81 -29.87 -34.67
N TRP A 613 -11.76 -30.26 -33.83
CA TRP A 613 -11.65 -30.23 -32.39
C TRP A 613 -11.97 -31.60 -31.83
N PRO A 614 -11.00 -32.40 -31.39
CA PRO A 614 -11.33 -33.55 -30.56
C PRO A 614 -11.62 -33.10 -29.15
N ARG A 615 -12.52 -33.83 -28.50
CA ARG A 615 -12.78 -33.56 -27.09
C ARG A 615 -11.59 -34.01 -26.27
N SER A 616 -11.07 -33.10 -25.45
CA SER A 616 -9.77 -33.28 -24.83
C SER A 616 -9.82 -34.35 -23.74
N GLY A 617 -8.64 -34.81 -23.35
CA GLY A 617 -8.56 -36.00 -22.52
C GLY A 617 -8.62 -37.26 -23.35
N ILE A 618 -7.81 -38.24 -22.97
CA ILE A 618 -7.70 -39.44 -23.79
C ILE A 618 -8.89 -40.35 -23.53
N CYS A 619 -9.14 -41.27 -24.47
CA CYS A 619 -10.36 -42.03 -24.45
C CYS A 619 -10.19 -43.33 -23.67
N GLY A 620 -11.31 -44.03 -23.50
CA GLY A 620 -11.30 -45.34 -22.89
C GLY A 620 -11.66 -46.42 -23.87
N ARG A 621 -12.17 -47.55 -23.36
CA ARG A 621 -12.76 -48.68 -24.09
C ARG A 621 -11.76 -49.50 -24.89
N GLU A 622 -10.52 -49.04 -24.98
CA GLU A 622 -9.48 -49.77 -25.66
C GLU A 622 -8.31 -49.89 -24.71
N TYR A 623 -8.21 -48.91 -23.82
CA TYR A 623 -7.34 -49.05 -22.67
C TYR A 623 -8.11 -49.64 -21.51
N GLY A 624 -9.41 -49.81 -21.68
CA GLY A 624 -10.17 -50.75 -20.90
C GLY A 624 -10.78 -50.24 -19.61
N LEU A 625 -11.52 -49.15 -19.67
CA LEU A 625 -12.30 -48.78 -18.50
C LEU A 625 -13.74 -48.49 -18.90
N GLY A 626 -13.94 -47.97 -20.10
CA GLY A 626 -15.29 -47.61 -20.52
C GLY A 626 -15.35 -46.30 -21.27
N ASP A 627 -16.56 -45.77 -21.44
CA ASP A 627 -16.77 -44.60 -22.27
C ASP A 627 -16.35 -43.31 -21.56
N ARG A 628 -16.02 -43.37 -20.28
CA ARG A 628 -15.50 -42.22 -19.58
C ARG A 628 -14.11 -41.88 -20.10
N TRP A 629 -13.89 -40.61 -20.40
CA TRP A 629 -12.63 -40.17 -21.00
C TRP A 629 -11.76 -39.54 -19.93
N PHE A 630 -10.49 -39.92 -19.90
CA PHE A 630 -9.66 -39.61 -18.75
C PHE A 630 -8.53 -38.65 -19.12
N LEU A 631 -7.92 -38.06 -18.11
CA LEU A 631 -6.66 -37.36 -18.23
C LEU A 631 -5.91 -37.58 -16.92
N ARG A 632 -4.61 -37.75 -17.03
CA ARG A 632 -3.77 -37.99 -15.86
C ARG A 632 -2.88 -36.80 -15.61
N VAL A 633 -2.42 -36.69 -14.38
CA VAL A 633 -1.58 -35.58 -13.96
C VAL A 633 -0.67 -36.09 -12.87
N GLU A 634 0.53 -35.51 -12.82
CA GLU A 634 1.58 -35.98 -11.92
C GLU A 634 1.85 -34.90 -10.90
N ASP A 635 2.44 -35.28 -9.78
CA ASP A 635 2.80 -34.31 -8.75
C ASP A 635 3.91 -34.84 -7.86
N ARG A 636 4.77 -33.96 -7.40
CA ARG A 636 5.62 -34.31 -6.28
C ARG A 636 4.79 -34.23 -5.00
N GLN A 637 5.26 -34.91 -3.95
CA GLN A 637 4.63 -34.86 -2.63
C GLN A 637 4.59 -33.44 -2.09
N ASP A 638 5.72 -32.73 -2.17
CA ASP A 638 5.76 -31.32 -1.80
C ASP A 638 6.80 -30.60 -2.65
N SER B 28 2.66 -32.76 -26.62
CA SER B 28 2.35 -33.81 -27.57
C SER B 28 3.09 -35.09 -27.22
N TRP B 29 4.35 -34.93 -26.81
CA TRP B 29 5.13 -36.09 -26.38
C TRP B 29 4.64 -36.60 -25.04
N ALA B 30 4.12 -35.71 -24.20
CA ALA B 30 3.58 -36.12 -22.91
C ALA B 30 2.32 -36.95 -23.09
N GLN B 31 1.54 -36.63 -24.13
CA GLN B 31 0.43 -37.48 -24.50
C GLN B 31 0.91 -38.84 -24.98
N SER B 32 2.03 -38.86 -25.70
CA SER B 32 2.64 -40.12 -26.11
C SER B 32 3.22 -40.84 -24.89
N ARG B 33 3.62 -40.09 -23.87
CA ARG B 33 3.93 -40.72 -22.59
C ARG B 33 2.67 -41.28 -21.94
N ASP B 34 1.55 -40.59 -22.13
CA ASP B 34 0.31 -41.06 -21.51
C ASP B 34 -0.34 -42.16 -22.34
N GLU B 35 -0.20 -42.08 -23.66
CA GLU B 35 -0.69 -43.14 -24.53
C GLU B 35 0.09 -44.42 -24.30
N GLN B 36 1.38 -44.29 -23.97
CA GLN B 36 2.16 -45.47 -23.64
C GLN B 36 1.77 -46.01 -22.27
N ASN B 37 1.32 -45.12 -21.39
CA ASN B 37 1.13 -45.50 -20.00
C ASN B 37 -0.13 -46.32 -19.80
N LEU B 38 -1.23 -45.93 -20.47
CA LEU B 38 -2.47 -46.67 -20.32
C LEU B 38 -2.40 -48.00 -21.05
N LEU B 39 -1.59 -48.05 -22.12
CA LEU B 39 -1.39 -49.30 -22.84
C LEU B 39 -0.66 -50.32 -21.97
N GLN B 40 0.18 -49.83 -21.05
CA GLN B 40 0.78 -50.67 -20.04
C GLN B 40 -0.25 -51.17 -19.05
N GLN B 41 -1.27 -50.34 -18.79
CA GLN B 41 -2.32 -50.74 -17.86
C GLN B 41 -3.26 -51.76 -18.51
N LYS B 42 -3.46 -51.64 -19.82
CA LYS B 42 -4.26 -52.63 -20.52
C LYS B 42 -3.47 -53.91 -20.68
N ARG B 43 -2.14 -53.80 -20.74
CA ARG B 43 -1.28 -54.97 -20.88
C ARG B 43 -1.31 -55.82 -19.64
N ILE B 44 -1.23 -55.18 -18.47
CA ILE B 44 -1.25 -55.93 -17.21
C ILE B 44 -2.65 -56.46 -16.95
N TRP B 45 -3.65 -55.82 -17.54
CA TRP B 45 -5.03 -56.24 -17.34
C TRP B 45 -5.31 -57.55 -18.05
N GLU B 46 -4.58 -57.82 -19.14
CA GLU B 46 -4.84 -59.02 -19.91
C GLU B 46 -3.99 -60.20 -19.46
N SER B 47 -2.75 -59.94 -19.06
CA SER B 47 -1.89 -61.02 -18.63
C SER B 47 -2.31 -61.50 -17.25
N PRO B 48 -2.53 -62.80 -17.05
CA PRO B 48 -2.95 -63.27 -15.73
C PRO B 48 -1.83 -63.29 -14.72
N LEU B 49 -0.58 -63.39 -15.17
CA LEU B 49 0.55 -63.36 -14.25
C LEU B 49 0.75 -61.98 -13.66
N LEU B 50 0.82 -60.96 -14.52
CA LEU B 50 1.06 -59.60 -14.08
C LEU B 50 -0.11 -59.03 -13.31
N LEU B 51 -1.33 -59.44 -13.66
CA LEU B 51 -2.48 -59.01 -12.86
C LEU B 51 -2.48 -59.71 -11.51
N ALA B 52 -1.96 -60.94 -11.45
CA ALA B 52 -1.69 -61.54 -10.16
C ALA B 52 -0.48 -60.90 -9.49
N ALA B 53 0.39 -60.25 -10.26
CA ALA B 53 1.52 -59.56 -9.66
C ALA B 53 1.13 -58.19 -9.12
N LYS B 54 -0.11 -57.76 -9.36
CA LYS B 54 -0.57 -56.49 -8.82
C LYS B 54 -0.72 -56.55 -7.31
N ASP B 55 -1.51 -57.49 -6.81
CA ASP B 55 -1.61 -57.70 -5.38
C ASP B 55 -1.04 -59.07 -5.02
N ASN B 56 -0.36 -59.14 -3.88
CA ASN B 56 0.33 -60.35 -3.46
C ASN B 56 -0.65 -61.42 -2.98
N ASP B 57 -1.32 -62.05 -3.95
CA ASP B 57 -2.19 -63.19 -3.71
C ASP B 57 -1.35 -64.44 -3.94
N VAL B 58 -0.64 -64.86 -2.88
CA VAL B 58 0.39 -65.89 -3.00
C VAL B 58 -0.23 -67.24 -3.31
N GLN B 59 -1.41 -67.52 -2.76
CA GLN B 59 -2.14 -68.74 -3.07
C GLN B 59 -2.56 -68.77 -4.53
N ALA B 60 -2.92 -67.62 -5.09
CA ALA B 60 -3.15 -67.54 -6.52
C ALA B 60 -1.85 -67.67 -7.30
N LEU B 61 -0.73 -67.23 -6.71
CA LEU B 61 0.54 -67.28 -7.42
C LEU B 61 1.09 -68.70 -7.52
N ASN B 62 1.03 -69.47 -6.43
CA ASN B 62 1.67 -70.78 -6.43
C ASN B 62 0.91 -71.77 -7.31
N LYS B 63 -0.40 -71.55 -7.45
CA LYS B 63 -1.14 -72.27 -8.49
C LYS B 63 -0.73 -71.81 -9.87
N LEU B 64 -0.34 -70.54 -9.99
CA LEU B 64 0.03 -69.98 -11.28
C LEU B 64 1.48 -70.21 -11.61
N LEU B 65 2.37 -70.14 -10.62
CA LEU B 65 3.79 -70.28 -10.84
C LEU B 65 4.30 -71.68 -10.57
N LYS B 66 4.03 -72.22 -9.38
CA LYS B 66 4.66 -73.47 -8.97
C LYS B 66 4.02 -74.67 -9.63
N TYR B 67 2.73 -74.61 -9.93
CA TYR B 67 2.07 -75.77 -10.51
C TYR B 67 2.35 -75.87 -12.01
N GLU B 68 1.91 -74.90 -12.78
CA GLU B 68 2.04 -74.95 -14.23
C GLU B 68 3.30 -74.23 -14.68
N ASP B 69 3.62 -74.41 -15.96
CA ASP B 69 4.82 -73.82 -16.53
C ASP B 69 4.47 -72.53 -17.25
N CYS B 70 4.79 -71.41 -16.62
CA CYS B 70 4.56 -70.09 -17.19
C CYS B 70 5.88 -69.46 -17.55
N LYS B 71 5.93 -68.80 -18.70
CA LYS B 71 7.11 -68.02 -19.04
C LYS B 71 7.21 -66.82 -18.12
N VAL B 72 8.44 -66.42 -17.81
CA VAL B 72 8.66 -65.29 -16.92
C VAL B 72 9.06 -64.03 -17.67
N HIS B 73 9.23 -64.12 -18.99
CA HIS B 73 9.68 -62.99 -19.79
C HIS B 73 8.50 -62.29 -20.45
N GLN B 74 7.40 -62.19 -19.73
CA GLN B 74 6.18 -61.57 -20.23
C GLN B 74 6.39 -60.06 -20.23
N ARG B 75 6.67 -59.51 -21.40
CA ARG B 75 7.05 -58.11 -21.50
C ARG B 75 5.81 -57.24 -21.58
N GLY B 76 5.83 -56.11 -20.89
CA GLY B 76 4.73 -55.17 -20.89
C GLY B 76 4.74 -54.28 -22.12
N ALA B 77 4.14 -53.10 -22.00
CA ALA B 77 4.13 -52.19 -23.13
C ALA B 77 5.47 -51.52 -23.35
N MET B 78 6.32 -51.49 -22.31
CA MET B 78 7.68 -50.96 -22.47
C MET B 78 8.72 -51.82 -21.74
N GLY B 79 8.43 -53.10 -21.51
CA GLY B 79 9.48 -54.00 -21.06
C GLY B 79 9.32 -54.51 -19.65
N GLU B 80 8.09 -54.74 -19.24
CA GLU B 80 7.80 -55.15 -17.87
C GLU B 80 8.19 -56.60 -17.63
N THR B 81 8.35 -56.92 -16.36
CA THR B 81 8.23 -58.27 -15.83
C THR B 81 7.30 -58.21 -14.62
N ALA B 82 6.87 -59.40 -14.19
CA ALA B 82 6.17 -59.48 -12.91
C ALA B 82 7.10 -59.13 -11.76
N LEU B 83 8.39 -59.38 -11.93
CA LEU B 83 9.38 -58.97 -10.94
C LEU B 83 9.47 -57.46 -10.83
N HIS B 84 9.21 -56.74 -11.92
CA HIS B 84 9.18 -55.29 -11.84
C HIS B 84 7.91 -54.80 -11.16
N ILE B 85 6.78 -55.48 -11.41
CA ILE B 85 5.49 -55.00 -10.95
C ILE B 85 5.37 -55.09 -9.44
N ALA B 86 5.69 -56.24 -8.87
CA ALA B 86 5.60 -56.42 -7.42
C ALA B 86 6.61 -55.55 -6.70
N ALA B 87 7.71 -55.22 -7.37
CA ALA B 87 8.65 -54.26 -6.83
C ALA B 87 8.09 -52.84 -6.90
N LEU B 88 7.11 -52.62 -7.76
CA LEU B 88 6.66 -51.25 -8.00
C LEU B 88 5.36 -50.97 -7.27
N TYR B 89 4.60 -52.01 -6.93
CA TYR B 89 3.34 -51.84 -6.22
C TYR B 89 3.42 -52.33 -4.79
N ASP B 90 4.66 -52.47 -4.30
CA ASP B 90 4.98 -52.82 -2.91
C ASP B 90 4.42 -54.19 -2.52
N ASN B 91 4.73 -55.21 -3.30
CA ASN B 91 4.47 -56.59 -2.93
C ASN B 91 5.79 -57.27 -2.60
N LEU B 92 6.15 -57.20 -1.32
CA LEU B 92 7.33 -57.91 -0.84
C LEU B 92 7.16 -59.42 -0.94
N GLU B 93 6.00 -59.92 -0.53
CA GLU B 93 5.82 -61.36 -0.38
C GLU B 93 5.63 -62.03 -1.73
N ALA B 94 5.05 -61.32 -2.70
CA ALA B 94 4.89 -61.87 -4.03
C ALA B 94 6.24 -61.99 -4.74
N ALA B 95 7.14 -61.04 -4.47
CA ALA B 95 8.46 -61.10 -5.10
C ALA B 95 9.31 -62.20 -4.50
N MET B 96 9.00 -62.62 -3.27
CA MET B 96 9.67 -63.77 -2.67
C MET B 96 9.39 -65.05 -3.44
N VAL B 97 8.16 -65.19 -3.95
CA VAL B 97 7.84 -66.30 -4.84
C VAL B 97 8.57 -66.12 -6.16
N LEU B 98 8.75 -64.88 -6.59
CA LEU B 98 9.41 -64.61 -7.87
C LEU B 98 10.88 -64.94 -7.84
N MET B 99 11.51 -64.91 -6.66
CA MET B 99 12.93 -65.20 -6.60
C MET B 99 13.23 -66.69 -6.78
N GLU B 100 12.32 -67.55 -6.33
CA GLU B 100 12.49 -68.97 -6.61
C GLU B 100 12.25 -69.26 -8.07
N ALA B 101 11.23 -68.64 -8.65
CA ALA B 101 10.91 -68.93 -10.04
C ALA B 101 11.85 -68.24 -11.00
N ALA B 102 12.24 -67.00 -10.72
CA ALA B 102 13.06 -66.20 -11.63
C ALA B 102 14.40 -65.90 -10.97
N PRO B 103 15.43 -66.70 -11.24
CA PRO B 103 16.77 -66.36 -10.73
C PRO B 103 17.45 -65.26 -11.51
N GLU B 104 16.98 -64.94 -12.72
CA GLU B 104 17.72 -64.08 -13.61
C GLU B 104 16.95 -62.84 -14.06
N LEU B 105 15.73 -62.63 -13.56
CA LEU B 105 15.03 -61.40 -13.89
C LEU B 105 15.45 -60.23 -13.02
N VAL B 106 16.33 -60.44 -12.05
CA VAL B 106 17.00 -59.31 -11.41
C VAL B 106 17.93 -58.64 -12.42
N PHE B 107 18.50 -59.44 -13.31
CA PHE B 107 19.38 -58.95 -14.36
C PHE B 107 18.58 -58.51 -15.58
N GLU B 108 17.59 -57.65 -15.35
CA GLU B 108 16.66 -57.27 -16.39
C GLU B 108 16.42 -55.77 -16.37
N PRO B 109 16.92 -55.02 -17.32
CA PRO B 109 16.60 -53.59 -17.38
C PRO B 109 15.23 -53.34 -17.98
N MET B 110 14.61 -52.21 -17.63
CA MET B 110 13.42 -51.77 -18.35
C MET B 110 13.82 -51.35 -19.75
N THR B 111 12.94 -51.59 -20.72
CA THR B 111 13.39 -51.70 -22.11
C THR B 111 13.57 -50.36 -22.81
N SER B 112 12.50 -49.59 -23.00
CA SER B 112 12.62 -48.54 -24.01
C SER B 112 11.75 -47.32 -23.74
N GLU B 113 12.26 -46.19 -24.21
CA GLU B 113 11.60 -44.96 -24.65
C GLU B 113 11.08 -44.09 -23.52
N LEU B 114 10.93 -44.63 -22.37
CA LEU B 114 10.91 -43.79 -21.18
C LEU B 114 11.83 -44.36 -20.13
N TYR B 115 11.84 -45.67 -19.97
CA TYR B 115 12.62 -46.34 -18.94
C TYR B 115 13.62 -47.22 -19.68
N GLU B 116 14.87 -46.82 -19.70
CA GLU B 116 15.91 -47.55 -20.40
C GLU B 116 17.03 -47.81 -19.41
N GLY B 117 17.26 -49.07 -19.10
CA GLY B 117 18.26 -49.41 -18.10
C GLY B 117 17.78 -49.35 -16.68
N GLN B 118 16.47 -49.32 -16.45
CA GLN B 118 15.93 -49.35 -15.09
C GLN B 118 15.68 -50.78 -14.68
N THR B 119 16.21 -51.18 -13.54
CA THR B 119 15.91 -52.50 -13.02
C THR B 119 15.15 -52.37 -11.71
N ALA B 120 14.76 -53.53 -11.17
CA ALA B 120 14.00 -53.53 -9.93
C ALA B 120 14.83 -53.16 -8.73
N LEU B 121 16.16 -53.19 -8.86
CA LEU B 121 17.01 -52.66 -7.79
C LEU B 121 16.81 -51.16 -7.65
N HIS B 122 16.61 -50.46 -8.77
CA HIS B 122 16.24 -49.05 -8.69
C HIS B 122 14.87 -48.89 -8.04
N ILE B 123 13.93 -49.75 -8.40
CA ILE B 123 12.53 -49.54 -8.06
C ILE B 123 12.29 -49.73 -6.57
N ALA B 124 12.93 -50.72 -5.97
CA ALA B 124 12.79 -50.97 -4.55
C ALA B 124 13.37 -49.86 -3.70
N VAL B 125 14.35 -49.14 -4.24
CA VAL B 125 14.92 -48.00 -3.54
C VAL B 125 13.90 -46.87 -3.46
N VAL B 126 13.19 -46.62 -4.57
CA VAL B 126 12.30 -45.47 -4.70
C VAL B 126 11.15 -45.54 -3.71
N ASN B 127 10.71 -46.73 -3.35
CA ASN B 127 9.66 -46.89 -2.35
C ASN B 127 10.21 -47.04 -0.94
N GLN B 128 11.37 -46.43 -0.68
CA GLN B 128 11.97 -46.10 0.61
C GLN B 128 12.54 -47.28 1.39
N ASN B 129 12.12 -48.49 1.06
CA ASN B 129 12.61 -49.79 1.53
C ASN B 129 11.76 -50.85 0.88
N MET B 130 12.29 -52.06 0.82
CA MET B 130 11.45 -53.24 0.73
C MET B 130 11.92 -54.37 1.63
N ASN B 131 13.22 -54.41 1.94
CA ASN B 131 14.06 -55.51 2.44
C ASN B 131 14.26 -56.58 1.38
N LEU B 132 13.55 -56.51 0.26
CA LEU B 132 14.02 -57.07 -0.99
C LEU B 132 15.28 -56.38 -1.45
N VAL B 133 15.44 -55.11 -1.07
CA VAL B 133 16.70 -54.38 -1.15
C VAL B 133 17.85 -55.20 -0.60
N ARG B 134 17.66 -55.80 0.56
CA ARG B 134 18.65 -56.74 1.09
C ARG B 134 18.62 -58.05 0.32
N ALA B 135 17.47 -58.44 -0.20
CA ALA B 135 17.37 -59.73 -0.88
C ALA B 135 17.83 -59.67 -2.33
N LEU B 136 17.71 -58.51 -2.97
CA LEU B 136 18.23 -58.38 -4.32
C LEU B 136 19.75 -58.50 -4.34
N LEU B 137 20.41 -57.95 -3.33
CA LEU B 137 21.83 -58.17 -3.21
C LEU B 137 22.13 -59.57 -2.70
N ALA B 138 21.19 -60.18 -2.00
CA ALA B 138 21.32 -61.59 -1.69
C ALA B 138 21.14 -62.47 -2.93
N ARG B 139 20.42 -61.98 -3.93
CA ARG B 139 20.43 -62.58 -5.25
C ARG B 139 21.46 -61.95 -6.16
N ARG B 140 22.35 -61.13 -5.59
CA ARG B 140 23.45 -60.45 -6.28
C ARG B 140 22.94 -59.53 -7.39
N ALA B 141 22.22 -58.49 -6.98
CA ALA B 141 21.78 -57.47 -7.92
C ALA B 141 22.95 -56.60 -8.36
N SER B 142 22.79 -55.92 -9.49
CA SER B 142 23.85 -55.08 -10.03
C SER B 142 23.58 -53.62 -9.68
N VAL B 143 24.40 -53.06 -8.79
CA VAL B 143 24.25 -51.66 -8.39
C VAL B 143 24.87 -50.69 -9.36
N SER B 144 25.55 -51.18 -10.40
CA SER B 144 26.14 -50.31 -11.40
C SER B 144 25.21 -50.08 -12.58
N ALA B 145 23.94 -50.46 -12.44
CA ALA B 145 23.00 -50.34 -13.53
C ALA B 145 22.65 -48.88 -13.77
N ARG B 146 22.64 -48.49 -15.04
CA ARG B 146 22.48 -47.09 -15.42
C ARG B 146 21.09 -46.88 -16.00
N ALA B 147 20.31 -46.01 -15.36
CA ALA B 147 18.97 -45.67 -15.84
C ALA B 147 19.09 -44.55 -16.86
N THR B 148 19.38 -44.94 -18.09
CA THR B 148 19.62 -43.99 -19.18
C THR B 148 18.36 -43.61 -19.94
N GLY B 149 17.20 -43.79 -19.34
CA GLY B 149 15.95 -43.50 -20.03
C GLY B 149 15.70 -42.02 -20.22
N THR B 150 14.70 -41.74 -21.05
CA THR B 150 14.29 -40.37 -21.27
C THR B 150 13.57 -39.82 -20.04
N ALA B 151 12.77 -40.66 -19.39
CA ALA B 151 12.00 -40.23 -18.23
C ALA B 151 12.84 -40.06 -16.97
N PHE B 152 14.15 -40.22 -17.05
CA PHE B 152 15.02 -39.86 -15.94
C PHE B 152 15.91 -38.67 -16.24
N ARG B 153 16.03 -38.31 -17.51
CA ARG B 153 16.95 -37.24 -17.90
C ARG B 153 16.39 -35.89 -17.47
N ARG B 154 17.32 -34.96 -17.21
CA ARG B 154 17.00 -33.63 -16.71
C ARG B 154 16.13 -32.86 -17.69
N SER B 155 14.93 -32.50 -17.25
CA SER B 155 13.95 -31.89 -18.13
C SER B 155 12.88 -31.20 -17.30
N PRO B 156 12.20 -30.18 -17.85
CA PRO B 156 10.94 -29.74 -17.24
C PRO B 156 9.78 -30.66 -17.54
N CYS B 157 9.95 -31.63 -18.44
CA CYS B 157 8.91 -32.62 -18.66
C CYS B 157 8.82 -33.60 -17.49
N ASN B 158 9.96 -34.11 -17.03
CA ASN B 158 9.98 -34.92 -15.83
C ASN B 158 9.81 -34.02 -14.61
N LEU B 159 9.02 -34.45 -13.65
CA LEU B 159 8.89 -33.67 -12.44
C LEU B 159 10.00 -33.96 -11.44
N ILE B 160 10.90 -34.89 -11.75
CA ILE B 160 11.97 -35.29 -10.86
C ILE B 160 13.23 -35.49 -11.67
N TYR B 161 14.36 -35.59 -10.97
CA TYR B 161 15.64 -35.85 -11.62
C TYR B 161 16.57 -36.48 -10.60
N PHE B 162 16.89 -37.76 -10.80
CA PHE B 162 17.75 -38.45 -9.84
C PHE B 162 18.89 -39.20 -10.51
N GLY B 163 19.21 -38.92 -11.76
CA GLY B 163 20.36 -39.55 -12.38
C GLY B 163 20.09 -40.98 -12.81
N GLU B 164 21.16 -41.78 -12.81
CA GLU B 164 21.11 -43.13 -13.34
C GLU B 164 21.28 -44.21 -12.29
N HIS B 165 22.26 -44.13 -11.52
CA HIS B 165 22.65 -45.21 -10.64
C HIS B 165 21.75 -45.27 -9.42
N PRO B 166 21.47 -46.47 -8.89
CA PRO B 166 20.58 -46.57 -7.73
C PRO B 166 21.19 -46.02 -6.47
N LEU B 167 22.52 -45.88 -6.43
CA LEU B 167 23.13 -45.12 -5.35
C LEU B 167 22.70 -43.67 -5.39
N SER B 168 22.61 -43.09 -6.59
CA SER B 168 22.01 -41.77 -6.70
C SER B 168 20.52 -41.82 -6.44
N PHE B 169 19.86 -42.94 -6.72
CA PHE B 169 18.47 -43.04 -6.31
C PHE B 169 18.37 -43.22 -4.80
N ALA B 170 19.44 -43.72 -4.19
CA ALA B 170 19.41 -43.92 -2.75
C ALA B 170 19.54 -42.61 -2.00
N ALA B 171 20.43 -41.73 -2.43
CA ALA B 171 20.74 -40.53 -1.65
C ALA B 171 19.64 -39.49 -1.77
N CYS B 172 18.91 -39.50 -2.88
CA CYS B 172 17.96 -38.42 -3.13
C CYS B 172 16.69 -38.58 -2.29
N VAL B 173 16.29 -39.82 -2.03
CA VAL B 173 15.06 -40.07 -1.28
C VAL B 173 15.27 -39.99 0.22
N ASN B 174 16.50 -39.70 0.66
CA ASN B 174 16.86 -39.51 2.08
C ASN B 174 16.54 -40.76 2.91
N SER B 175 17.22 -41.85 2.56
CA SER B 175 17.06 -43.12 3.27
C SER B 175 18.45 -43.65 3.59
N GLU B 176 18.89 -43.35 4.82
CA GLU B 176 20.32 -43.37 5.13
C GLU B 176 20.88 -44.79 5.17
N GLU B 177 20.20 -45.71 5.86
CA GLU B 177 20.70 -47.07 5.98
C GLU B 177 20.61 -47.79 4.63
N ILE B 178 19.61 -47.43 3.84
CA ILE B 178 19.45 -48.00 2.50
C ILE B 178 20.60 -47.53 1.62
N VAL B 179 21.10 -46.32 1.85
CA VAL B 179 22.35 -45.90 1.22
C VAL B 179 23.50 -46.75 1.73
N ARG B 180 23.57 -46.93 3.06
CA ARG B 180 24.68 -47.63 3.69
C ARG B 180 24.82 -49.07 3.24
N LEU B 181 23.70 -49.72 2.92
CA LEU B 181 23.75 -51.07 2.40
C LEU B 181 24.45 -51.14 1.05
N LEU B 182 24.31 -50.12 0.23
CA LEU B 182 24.94 -50.10 -1.07
C LEU B 182 26.44 -49.86 -0.97
N ILE B 183 26.88 -49.11 0.04
CA ILE B 183 28.31 -49.05 0.35
C ILE B 183 28.81 -50.44 0.73
N GLU B 184 28.01 -51.19 1.48
CA GLU B 184 28.43 -52.52 1.89
C GLU B 184 28.21 -53.59 0.83
N HIS B 185 28.01 -53.21 -0.43
CA HIS B 185 28.01 -54.14 -1.54
C HIS B 185 28.71 -53.57 -2.77
N GLY B 186 29.46 -52.48 -2.58
CA GLY B 186 30.33 -51.98 -3.63
C GLY B 186 29.71 -51.02 -4.62
N ALA B 187 28.84 -50.13 -4.17
CA ALA B 187 28.33 -49.08 -5.06
C ALA B 187 29.35 -47.96 -5.17
N ASP B 188 29.87 -47.75 -6.38
CA ASP B 188 30.91 -46.76 -6.60
C ASP B 188 30.31 -45.35 -6.55
N ILE B 189 30.80 -44.55 -5.61
CA ILE B 189 30.28 -43.21 -5.40
C ILE B 189 30.68 -42.32 -6.56
N ARG B 190 31.85 -42.56 -7.14
CA ARG B 190 32.41 -41.71 -8.18
C ARG B 190 31.77 -41.92 -9.55
N ALA B 191 30.64 -42.61 -9.63
CA ALA B 191 29.96 -42.79 -10.90
C ALA B 191 29.35 -41.49 -11.38
N GLN B 192 29.12 -41.40 -12.68
CA GLN B 192 28.52 -40.23 -13.29
C GLN B 192 27.36 -40.65 -14.18
N ASP B 193 26.53 -39.68 -14.51
CA ASP B 193 25.43 -39.90 -15.44
C ASP B 193 25.91 -39.59 -16.85
N SER B 194 24.98 -39.44 -17.79
CA SER B 194 25.35 -38.96 -19.12
C SER B 194 25.76 -37.49 -19.08
N LEU B 195 25.19 -36.73 -18.16
CA LEU B 195 25.53 -35.32 -17.99
C LEU B 195 26.85 -35.12 -17.27
N GLY B 196 27.44 -36.17 -16.70
CA GLY B 196 28.64 -36.02 -15.92
C GLY B 196 28.38 -35.64 -14.48
N ASN B 197 27.12 -35.67 -14.05
CA ASN B 197 26.79 -35.29 -12.69
C ASN B 197 27.02 -36.45 -11.76
N THR B 198 27.82 -36.23 -10.72
CA THR B 198 28.03 -37.22 -9.71
C THR B 198 26.91 -37.17 -8.69
N VAL B 199 27.07 -37.93 -7.61
CA VAL B 199 25.98 -38.07 -6.67
C VAL B 199 25.84 -36.82 -5.80
N LEU B 200 26.90 -36.01 -5.70
CA LEU B 200 26.77 -34.76 -4.96
C LEU B 200 25.97 -33.74 -5.77
N HIS B 201 26.05 -33.83 -7.09
CA HIS B 201 25.33 -32.88 -7.93
C HIS B 201 23.83 -33.14 -7.86
N ILE B 202 23.43 -34.38 -7.62
CA ILE B 202 22.02 -34.70 -7.59
C ILE B 202 21.40 -34.20 -6.30
N LEU B 203 22.17 -34.21 -5.22
CA LEU B 203 21.66 -33.78 -3.92
C LEU B 203 21.36 -32.30 -3.90
N ILE B 204 22.08 -31.51 -4.69
CA ILE B 204 21.83 -30.08 -4.69
C ILE B 204 20.62 -29.76 -5.55
N LEU B 205 20.37 -30.56 -6.58
CA LEU B 205 19.25 -30.31 -7.48
C LEU B 205 17.91 -30.73 -6.89
N GLN B 206 17.88 -31.30 -5.70
CA GLN B 206 16.58 -31.67 -5.16
C GLN B 206 15.87 -30.46 -4.58
N PRO B 207 14.54 -30.41 -4.67
CA PRO B 207 13.82 -29.27 -4.09
C PRO B 207 13.82 -29.25 -2.58
N ASN B 208 13.87 -30.41 -1.92
CA ASN B 208 14.11 -30.43 -0.48
C ASN B 208 15.53 -29.96 -0.22
N LYS B 209 15.67 -28.90 0.56
CA LYS B 209 16.96 -28.28 0.78
C LYS B 209 17.57 -28.67 2.12
N THR B 210 16.88 -28.38 3.22
CA THR B 210 17.33 -28.83 4.52
C THR B 210 17.23 -30.34 4.66
N PHE B 211 16.20 -30.93 4.05
CA PHE B 211 15.92 -32.34 4.19
C PHE B 211 16.94 -33.19 3.45
N ALA B 212 17.67 -32.60 2.52
CA ALA B 212 18.71 -33.29 1.77
C ALA B 212 20.11 -32.95 2.23
N CYS B 213 20.26 -32.00 3.14
CA CYS B 213 21.60 -31.53 3.49
C CYS B 213 22.35 -32.56 4.32
N GLN B 214 21.63 -33.43 5.02
CA GLN B 214 22.27 -34.37 5.91
C GLN B 214 22.95 -35.49 5.14
N MET B 215 22.47 -35.74 3.92
CA MET B 215 23.15 -36.71 3.05
C MET B 215 24.50 -36.20 2.59
N TYR B 216 24.67 -34.88 2.50
CA TYR B 216 25.92 -34.33 2.03
C TYR B 216 27.06 -34.60 3.01
N ASN B 217 26.75 -34.70 4.30
CA ASN B 217 27.76 -35.06 5.27
C ASN B 217 28.01 -36.56 5.27
N LEU B 218 26.94 -37.34 5.11
CA LEU B 218 27.07 -38.79 5.19
C LEU B 218 27.76 -39.34 3.95
N LEU B 219 27.48 -38.78 2.79
CA LEU B 219 28.15 -39.27 1.60
C LEU B 219 29.57 -38.77 1.48
N LEU B 220 29.91 -37.66 2.14
CA LEU B 220 31.32 -37.32 2.23
C LEU B 220 32.03 -38.07 3.34
N SER B 221 31.34 -38.95 4.05
CA SER B 221 32.06 -39.84 4.95
C SER B 221 32.65 -41.02 4.19
N TYR B 222 32.20 -41.24 2.96
CA TYR B 222 32.65 -42.35 2.15
C TYR B 222 33.43 -41.90 0.93
N ASP B 223 34.23 -40.85 1.07
CA ASP B 223 35.11 -40.40 0.01
C ASP B 223 36.53 -40.89 0.22
N ARG B 224 36.68 -42.15 0.66
CA ARG B 224 37.82 -42.77 1.36
C ARG B 224 39.16 -42.43 0.69
N HIS B 225 39.32 -42.66 -0.61
CA HIS B 225 40.62 -42.39 -1.22
C HIS B 225 40.63 -41.07 -1.97
N GLY B 226 39.61 -40.83 -2.80
CA GLY B 226 39.60 -39.65 -3.64
C GLY B 226 40.11 -39.88 -5.03
N ASP B 227 40.59 -41.09 -5.32
CA ASP B 227 41.14 -41.50 -6.62
C ASP B 227 42.31 -40.61 -7.05
N HIS B 228 43.11 -40.18 -6.06
CA HIS B 228 44.35 -39.41 -6.15
C HIS B 228 44.15 -37.97 -6.58
N LEU B 229 42.94 -37.59 -6.98
CA LEU B 229 42.67 -36.23 -7.43
C LEU B 229 41.17 -35.96 -7.41
N GLN B 230 40.80 -34.74 -6.97
CA GLN B 230 39.44 -34.26 -6.73
C GLN B 230 38.66 -35.23 -5.85
N PRO B 231 38.87 -35.22 -4.53
CA PRO B 231 38.13 -36.17 -3.67
C PRO B 231 36.65 -35.87 -3.57
N LEU B 232 35.95 -36.07 -4.69
CA LEU B 232 34.49 -36.06 -4.91
C LEU B 232 33.88 -34.68 -4.83
N ASP B 233 34.60 -33.70 -4.30
CA ASP B 233 34.04 -32.39 -4.04
C ASP B 233 34.55 -31.38 -5.05
N LEU B 234 35.36 -31.81 -5.99
CA LEU B 234 35.89 -30.93 -7.02
C LEU B 234 35.73 -31.54 -8.42
N VAL B 235 34.94 -32.58 -8.56
CA VAL B 235 34.78 -33.25 -9.85
C VAL B 235 33.80 -32.48 -10.72
N PRO B 236 34.21 -31.99 -11.87
CA PRO B 236 33.29 -31.30 -12.77
C PRO B 236 32.44 -32.29 -13.55
N ASN B 237 31.40 -31.76 -14.17
CA ASN B 237 30.54 -32.54 -15.05
C ASN B 237 31.05 -32.42 -16.49
N HIS B 238 30.23 -32.84 -17.46
CA HIS B 238 30.59 -32.62 -18.85
C HIS B 238 30.64 -31.14 -19.22
N GLN B 239 29.81 -30.30 -18.61
CA GLN B 239 29.91 -28.87 -18.82
C GLN B 239 30.80 -28.20 -17.78
N GLY B 240 31.59 -28.99 -17.06
CA GLY B 240 32.64 -28.44 -16.23
C GLY B 240 32.19 -27.76 -14.95
N LEU B 241 31.37 -28.42 -14.15
CA LEU B 241 30.80 -27.79 -12.96
C LEU B 241 31.13 -28.62 -11.73
N THR B 242 31.94 -28.04 -10.84
CA THR B 242 32.09 -28.55 -9.50
C THR B 242 30.76 -28.41 -8.77
N PRO B 243 30.46 -29.29 -7.82
CA PRO B 243 29.20 -29.16 -7.07
C PRO B 243 29.15 -27.94 -6.18
N PHE B 244 30.30 -27.42 -5.78
CA PHE B 244 30.31 -26.16 -5.06
C PHE B 244 29.83 -25.01 -5.92
N LYS B 245 30.32 -24.93 -7.16
CA LYS B 245 29.87 -23.88 -8.06
C LYS B 245 28.46 -24.13 -8.56
N LEU B 246 28.10 -25.39 -8.77
CA LEU B 246 26.74 -25.71 -9.22
C LEU B 246 25.72 -25.38 -8.16
N ALA B 247 26.12 -25.47 -6.89
CA ALA B 247 25.28 -24.96 -5.80
C ALA B 247 25.03 -23.48 -5.96
N GLY B 248 26.01 -22.74 -6.45
CA GLY B 248 25.80 -21.34 -6.73
C GLY B 248 24.92 -21.11 -7.93
N VAL B 249 25.00 -22.01 -8.92
CA VAL B 249 24.25 -21.83 -10.15
C VAL B 249 22.76 -22.04 -9.90
N GLU B 250 22.42 -23.05 -9.11
CA GLU B 250 21.01 -23.25 -8.80
C GLU B 250 20.55 -22.40 -7.64
N GLY B 251 21.45 -21.75 -6.91
CA GLY B 251 21.04 -20.89 -5.84
C GLY B 251 20.47 -21.61 -4.65
N ASN B 252 20.93 -22.83 -4.38
CA ASN B 252 20.50 -23.56 -3.19
C ASN B 252 21.24 -22.95 -2.01
N THR B 253 20.63 -21.90 -1.45
CA THR B 253 21.29 -21.06 -0.45
C THR B 253 21.53 -21.82 0.84
N VAL B 254 20.62 -22.70 1.21
CA VAL B 254 20.76 -23.44 2.45
C VAL B 254 21.90 -24.43 2.36
N MET B 255 22.00 -25.12 1.22
CA MET B 255 23.15 -25.98 0.96
C MET B 255 24.44 -25.20 0.86
N PHE B 256 24.37 -24.00 0.28
CA PHE B 256 25.57 -23.21 0.02
C PHE B 256 26.26 -22.76 1.31
N GLN B 257 25.49 -22.43 2.34
CA GLN B 257 26.09 -22.08 3.62
C GLN B 257 26.74 -23.29 4.26
N HIS B 258 26.19 -24.47 4.00
CA HIS B 258 26.78 -25.67 4.56
C HIS B 258 28.08 -26.04 3.86
N LEU B 259 28.22 -25.69 2.58
CA LEU B 259 29.48 -25.95 1.90
C LEU B 259 30.54 -24.93 2.26
N MET B 260 30.12 -23.77 2.77
CA MET B 260 31.10 -22.79 3.19
C MET B 260 31.70 -23.15 4.54
N GLN B 261 30.99 -23.97 5.30
CA GLN B 261 31.50 -24.49 6.57
C GLN B 261 32.76 -25.33 6.34
N LYS B 262 32.79 -26.08 5.25
CA LYS B 262 33.98 -26.84 4.90
C LYS B 262 35.09 -25.92 4.40
N ARG B 263 34.72 -24.88 3.66
CA ARG B 263 35.74 -24.05 3.03
C ARG B 263 36.43 -23.13 4.01
N LYS B 264 35.71 -22.60 4.99
CA LYS B 264 36.28 -21.60 5.88
C LYS B 264 37.27 -22.25 6.83
N HIS B 265 38.19 -21.43 7.33
CA HIS B 265 39.27 -21.90 8.20
C HIS B 265 39.47 -20.79 9.23
N THR B 266 38.85 -20.96 10.39
CA THR B 266 38.76 -19.87 11.35
C THR B 266 40.09 -19.65 12.07
N GLN B 267 40.41 -18.38 12.23
CA GLN B 267 41.54 -17.91 13.04
C GLN B 267 41.03 -17.65 14.45
N TRP B 268 41.76 -16.86 15.21
CA TRP B 268 41.40 -16.49 16.58
C TRP B 268 40.02 -15.84 16.66
N THR B 269 39.38 -16.04 17.80
CA THR B 269 38.13 -15.39 18.16
C THR B 269 38.36 -14.59 19.42
N TYR B 270 37.77 -13.39 19.47
CA TYR B 270 38.06 -12.44 20.55
C TYR B 270 36.74 -11.99 21.16
N GLY B 271 36.24 -12.78 22.11
CA GLY B 271 34.96 -12.56 22.72
C GLY B 271 33.86 -12.60 21.69
N PRO B 272 33.19 -11.46 21.49
CA PRO B 272 32.16 -11.39 20.45
C PRO B 272 32.73 -11.30 19.06
N LEU B 273 34.04 -11.13 18.91
CA LEU B 273 34.65 -11.01 17.61
C LEU B 273 35.06 -12.38 17.11
N THR B 274 35.06 -12.51 15.80
CA THR B 274 35.54 -13.72 15.17
C THR B 274 36.30 -13.32 13.93
N SER B 275 37.58 -13.64 13.90
CA SER B 275 38.41 -13.37 12.75
C SER B 275 38.34 -14.62 11.87
N THR B 276 37.20 -14.81 11.22
CA THR B 276 37.09 -15.94 10.32
C THR B 276 37.82 -15.63 9.03
N LEU B 277 38.02 -16.67 8.24
CA LEU B 277 38.81 -16.57 7.02
C LEU B 277 38.17 -17.47 5.98
N TYR B 278 37.49 -16.87 5.01
CA TYR B 278 36.91 -17.68 3.96
C TYR B 278 37.97 -18.04 2.93
N ASP B 279 37.72 -19.14 2.24
CA ASP B 279 38.77 -19.79 1.46
C ASP B 279 39.07 -19.05 0.17
N LEU B 280 38.00 -18.72 -0.59
CA LEU B 280 38.08 -17.98 -1.86
C LEU B 280 38.95 -18.72 -2.89
N THR B 281 38.44 -19.85 -3.35
CA THR B 281 39.13 -20.61 -4.37
C THR B 281 38.39 -20.59 -5.70
N GLU B 282 37.14 -21.04 -5.72
CA GLU B 282 36.41 -21.07 -6.97
C GLU B 282 35.65 -19.79 -7.21
N ILE B 283 35.60 -18.91 -6.23
CA ILE B 283 34.98 -17.60 -6.39
C ILE B 283 36.02 -16.65 -6.96
N ASP B 284 35.71 -16.07 -8.11
CA ASP B 284 36.60 -15.16 -8.88
C ASP B 284 37.93 -15.83 -9.22
N SER B 285 37.85 -16.87 -10.04
CA SER B 285 39.06 -17.41 -10.66
C SER B 285 39.28 -16.71 -11.99
N SER B 286 40.18 -17.26 -12.79
CA SER B 286 40.23 -16.94 -14.21
C SER B 286 40.20 -18.26 -14.97
N GLY B 287 39.48 -19.24 -14.41
CA GLY B 287 39.54 -20.61 -14.87
C GLY B 287 38.77 -20.85 -16.16
N ASP B 288 38.27 -22.07 -16.30
CA ASP B 288 37.64 -22.47 -17.54
C ASP B 288 36.30 -21.79 -17.74
N GLU B 289 35.57 -21.58 -16.65
CA GLU B 289 34.30 -20.85 -16.70
C GLU B 289 34.44 -19.46 -16.09
N GLN B 290 35.69 -19.05 -15.90
CA GLN B 290 36.15 -17.67 -15.71
C GLN B 290 35.79 -17.07 -14.35
N SER B 291 34.89 -17.68 -13.59
CA SER B 291 34.46 -17.22 -12.27
C SER B 291 33.46 -18.19 -11.69
N LEU B 292 33.09 -17.93 -10.44
CA LEU B 292 31.76 -18.30 -9.96
C LEU B 292 30.75 -17.23 -10.32
N LEU B 293 31.16 -15.97 -10.23
CA LEU B 293 30.25 -14.83 -10.25
C LEU B 293 29.52 -14.66 -11.57
N GLU B 294 30.22 -14.85 -12.70
CA GLU B 294 29.57 -14.73 -14.00
C GLU B 294 28.51 -15.81 -14.19
N LEU B 295 28.78 -17.02 -13.70
CA LEU B 295 27.81 -18.09 -13.70
C LEU B 295 26.59 -17.78 -12.86
N ILE B 296 26.75 -16.99 -11.81
CA ILE B 296 25.59 -16.52 -11.08
C ILE B 296 24.81 -15.53 -11.93
N ILE B 297 25.52 -14.75 -12.73
CA ILE B 297 24.85 -13.77 -13.57
C ILE B 297 24.21 -14.43 -14.78
N THR B 298 24.98 -15.19 -15.56
CA THR B 298 24.52 -15.58 -16.89
C THR B 298 23.51 -16.73 -16.87
N THR B 299 23.13 -17.23 -15.71
CA THR B 299 21.97 -18.10 -15.70
C THR B 299 20.71 -17.28 -15.90
N LYS B 300 19.68 -17.94 -16.41
CA LYS B 300 18.36 -17.32 -16.47
C LYS B 300 17.60 -17.49 -15.17
N LYS B 301 18.15 -18.24 -14.22
CA LYS B 301 17.51 -18.36 -12.92
C LYS B 301 17.64 -17.06 -12.15
N ARG B 302 16.50 -16.42 -11.91
CA ARG B 302 16.48 -15.16 -11.18
C ARG B 302 16.81 -15.36 -9.72
N GLU B 303 16.44 -16.51 -9.16
CA GLU B 303 16.54 -16.71 -7.71
C GLU B 303 17.93 -17.07 -7.25
N ALA B 304 18.84 -17.40 -8.18
CA ALA B 304 20.20 -17.73 -7.79
C ALA B 304 21.01 -16.52 -7.38
N ARG B 305 20.51 -15.31 -7.63
CA ARG B 305 21.19 -14.10 -7.19
C ARG B 305 21.01 -13.83 -5.70
N GLN B 306 20.28 -14.68 -5.00
CA GLN B 306 20.17 -14.62 -3.55
C GLN B 306 21.49 -14.94 -2.85
N ILE B 307 22.39 -15.65 -3.55
CA ILE B 307 23.73 -15.96 -3.04
C ILE B 307 24.52 -14.70 -2.71
N LEU B 308 24.24 -13.60 -3.41
CA LEU B 308 25.02 -12.38 -3.27
C LEU B 308 24.80 -11.71 -1.90
N ASP B 309 23.73 -12.06 -1.20
CA ASP B 309 23.58 -11.61 0.16
C ASP B 309 24.34 -12.48 1.16
N GLN B 310 24.82 -13.64 0.74
CA GLN B 310 25.52 -14.51 1.67
C GLN B 310 26.95 -14.02 1.86
N THR B 311 27.38 -14.04 3.12
CA THR B 311 28.54 -13.26 3.55
C THR B 311 29.93 -13.54 2.97
N PRO B 312 30.33 -14.76 2.50
CA PRO B 312 31.68 -14.83 1.93
C PRO B 312 31.74 -14.27 0.53
N VAL B 313 30.59 -14.17 -0.12
CA VAL B 313 30.51 -13.57 -1.44
C VAL B 313 30.17 -12.09 -1.33
N LYS B 314 29.30 -11.76 -0.38
CA LYS B 314 28.90 -10.38 -0.14
C LYS B 314 30.07 -9.51 0.28
N GLU B 315 31.02 -10.09 1.00
CA GLU B 315 32.19 -9.33 1.43
C GLU B 315 33.13 -9.05 0.27
N LEU B 316 33.27 -10.02 -0.65
CA LEU B 316 34.17 -9.84 -1.78
C LEU B 316 33.69 -8.72 -2.69
N VAL B 317 32.43 -8.79 -3.11
CA VAL B 317 31.91 -7.84 -4.08
C VAL B 317 31.78 -6.44 -3.50
N SER B 318 31.74 -6.33 -2.17
CA SER B 318 31.86 -5.01 -1.58
C SER B 318 33.30 -4.54 -1.58
N LEU B 319 34.23 -5.44 -1.26
CA LEU B 319 35.65 -5.06 -1.28
C LEU B 319 36.15 -4.85 -2.69
N LYS B 320 35.67 -5.67 -3.63
CA LYS B 320 36.11 -5.56 -5.01
C LYS B 320 35.61 -4.27 -5.65
N TRP B 321 34.48 -3.75 -5.20
CA TRP B 321 33.92 -2.55 -5.79
C TRP B 321 34.36 -1.27 -5.09
N LYS B 322 34.55 -1.33 -3.76
CA LYS B 322 34.97 -0.16 -3.01
C LYS B 322 36.33 0.34 -3.45
N ARG B 323 37.36 -0.48 -3.28
CA ARG B 323 38.65 -0.22 -3.88
C ARG B 323 38.71 -1.00 -5.18
N TYR B 324 39.24 -0.36 -6.21
CA TYR B 324 39.57 -0.87 -7.54
C TYR B 324 38.33 -1.10 -8.41
N GLY B 325 37.13 -1.06 -7.84
CA GLY B 325 35.97 -1.21 -8.69
C GLY B 325 35.37 0.12 -9.09
N ARG B 326 34.97 0.90 -8.11
CA ARG B 326 34.26 2.15 -8.35
C ARG B 326 35.12 3.24 -9.00
N PRO B 327 36.35 3.56 -8.55
CA PRO B 327 37.06 4.62 -9.27
C PRO B 327 37.61 4.19 -10.61
N TYR B 328 37.80 2.89 -10.83
CA TYR B 328 38.17 2.47 -12.18
C TYR B 328 36.99 2.56 -13.13
N PHE B 329 35.77 2.44 -12.60
CA PHE B 329 34.60 2.60 -13.45
C PHE B 329 34.40 4.06 -13.83
N CYS B 330 34.51 4.96 -12.85
CA CYS B 330 34.27 6.36 -13.13
C CYS B 330 35.37 6.97 -13.98
N MET B 331 36.56 6.38 -13.95
CA MET B 331 37.62 6.84 -14.86
C MET B 331 37.27 6.49 -16.30
N LEU B 332 36.58 5.37 -16.51
CA LEU B 332 35.97 5.15 -17.81
C LEU B 332 34.80 6.11 -18.01
N GLY B 333 34.07 6.43 -16.94
CA GLY B 333 32.91 7.30 -17.07
C GLY B 333 33.27 8.73 -17.39
N ALA B 334 34.43 9.19 -16.89
CA ALA B 334 34.87 10.54 -17.22
C ALA B 334 35.29 10.66 -18.67
N ILE B 335 35.82 9.58 -19.25
CA ILE B 335 36.22 9.60 -20.64
C ILE B 335 35.00 9.69 -21.54
N TYR B 336 33.92 9.02 -21.15
CA TYR B 336 32.75 8.95 -22.01
C TYR B 336 32.01 10.28 -22.06
N LEU B 337 32.08 11.07 -20.98
CA LEU B 337 31.42 12.37 -20.98
C LEU B 337 32.15 13.35 -21.88
N LEU B 338 33.49 13.38 -21.79
CA LEU B 338 34.28 14.20 -22.70
C LEU B 338 34.20 13.71 -24.13
N TYR B 339 33.84 12.45 -24.36
CA TYR B 339 33.68 11.95 -25.70
C TYR B 339 32.41 12.51 -26.34
N ILE B 340 31.30 12.47 -25.61
CA ILE B 340 30.01 12.88 -26.17
C ILE B 340 29.95 14.40 -26.28
N ILE B 341 30.57 15.10 -25.33
CA ILE B 341 30.66 16.56 -25.43
C ILE B 341 31.48 16.96 -26.65
N CYS B 342 32.56 16.24 -26.92
CA CYS B 342 33.30 16.50 -28.16
C CYS B 342 32.56 15.93 -29.37
CA PHE B 343 30.79 14.57 -30.26
C PHE B 343 29.78 15.65 -30.65
CA THR B 344 28.08 17.22 -29.96
C THR B 344 28.72 18.49 -30.51
N MET B 345 29.92 18.81 -30.02
CA MET B 345 30.66 19.97 -30.50
C MET B 345 31.00 19.87 -31.97
N CYS B 346 31.28 18.66 -32.46
CA CYS B 346 31.43 18.48 -33.89
C CYS B 346 30.15 18.01 -34.54
N CYS B 347 29.02 18.10 -33.86
CA CYS B 347 27.74 17.81 -34.48
C CYS B 347 26.72 18.92 -34.39
N ILE B 348 26.88 19.87 -33.46
CA ILE B 348 26.04 21.06 -33.53
C ILE B 348 26.62 22.13 -34.41
N TYR B 349 27.86 21.97 -34.86
CA TYR B 349 28.44 22.84 -35.88
C TYR B 349 28.54 22.03 -37.16
N ARG B 350 27.74 22.39 -38.14
CA ARG B 350 27.62 21.65 -39.39
C ARG B 350 27.80 22.63 -40.55
N PRO B 351 28.31 22.19 -41.71
CA PRO B 351 28.69 23.16 -42.76
C PRO B 351 27.55 23.96 -43.39
N LEU B 352 26.65 23.31 -44.15
CA LEU B 352 25.26 23.73 -44.37
C LEU B 352 25.11 25.18 -44.87
N LYS B 353 25.46 25.39 -46.15
CA LYS B 353 25.30 26.67 -46.85
C LYS B 353 23.89 27.27 -46.83
N PRO B 354 23.71 28.52 -47.22
CA PRO B 354 22.37 28.99 -47.58
C PRO B 354 21.92 28.38 -48.90
N ARG B 355 20.60 28.40 -49.11
CA ARG B 355 19.99 27.71 -50.24
C ARG B 355 20.25 28.42 -51.55
N THR B 356 21.33 28.07 -52.24
CA THR B 356 21.58 28.61 -53.57
C THR B 356 21.02 27.71 -54.67
N ASN B 357 20.58 26.51 -54.33
CA ASN B 357 20.06 25.55 -55.30
C ASN B 357 18.60 25.81 -55.58
N ASN B 358 17.89 24.81 -56.14
CA ASN B 358 16.50 24.88 -56.58
C ASN B 358 15.55 25.49 -55.55
N ARG B 359 14.96 26.62 -55.91
CA ARG B 359 14.35 27.55 -54.97
C ARG B 359 12.91 27.23 -54.63
N THR B 360 12.04 27.25 -55.64
CA THR B 360 10.60 27.43 -55.42
C THR B 360 9.86 26.10 -55.57
N SER B 361 10.57 25.03 -55.27
CA SER B 361 9.94 23.71 -55.17
C SER B 361 8.94 23.59 -54.02
N PRO B 362 9.17 24.18 -52.79
CA PRO B 362 8.06 24.19 -51.83
C PRO B 362 6.98 25.21 -52.15
N ARG B 363 6.03 24.85 -53.02
CA ARG B 363 4.89 25.72 -53.26
C ARG B 363 3.98 25.67 -52.03
N ASP B 364 4.23 26.57 -51.08
CA ASP B 364 3.59 26.59 -49.76
C ASP B 364 3.69 25.22 -49.10
N ASN B 365 4.90 24.69 -49.11
CA ASN B 365 5.11 23.28 -48.92
C ASN B 365 6.46 23.07 -48.24
N THR B 366 7.04 21.88 -48.39
CA THR B 366 8.14 21.36 -47.57
C THR B 366 9.36 22.26 -47.56
N LEU B 367 9.59 22.91 -46.42
CA LEU B 367 10.53 24.01 -46.34
C LEU B 367 11.91 23.52 -45.91
N LEU B 368 12.94 24.19 -46.42
CA LEU B 368 14.35 23.90 -46.16
C LEU B 368 15.19 25.00 -46.77
N GLN B 369 16.35 25.33 -46.19
CA GLN B 369 17.25 26.23 -46.91
C GLN B 369 18.73 25.93 -46.71
N GLN B 370 19.08 24.75 -46.22
CA GLN B 370 20.47 24.55 -45.83
C GLN B 370 21.26 23.65 -46.77
N LYS B 371 20.73 22.47 -47.12
CA LYS B 371 21.22 21.64 -48.21
C LYS B 371 22.67 21.13 -48.08
N LEU B 372 23.32 21.34 -46.93
CA LEU B 372 24.47 20.56 -46.46
C LEU B 372 25.70 20.56 -47.38
N LEU B 373 26.53 21.60 -47.30
CA LEU B 373 27.76 21.82 -48.06
C LEU B 373 28.60 20.58 -48.39
N GLN B 374 29.14 20.55 -49.60
CA GLN B 374 29.71 19.33 -50.17
C GLN B 374 31.10 19.04 -49.61
N GLU B 375 32.08 19.90 -49.92
CA GLU B 375 33.44 19.68 -49.45
C GLU B 375 34.11 20.99 -49.05
N ALA B 376 33.34 22.01 -48.70
CA ALA B 376 33.90 23.28 -48.24
C ALA B 376 34.42 23.09 -46.82
N TYR B 377 35.67 22.66 -46.73
CA TYR B 377 36.33 22.44 -45.45
C TYR B 377 37.39 23.49 -45.18
N MET B 378 37.14 24.71 -45.64
CA MET B 378 37.98 25.86 -45.35
C MET B 378 37.63 26.43 -43.99
N THR B 379 38.10 27.65 -43.70
CA THR B 379 37.91 28.39 -42.45
C THR B 379 38.39 27.55 -41.27
N PRO B 380 39.72 27.56 -40.98
CA PRO B 380 40.36 26.56 -40.10
C PRO B 380 39.84 26.42 -38.67
N LYS B 381 38.85 27.23 -38.29
CA LYS B 381 37.97 26.84 -37.20
C LYS B 381 37.30 25.51 -37.51
N ASP B 382 36.95 25.28 -38.77
CA ASP B 382 36.48 23.96 -39.21
C ASP B 382 37.57 22.91 -39.17
N ASP B 383 38.84 23.30 -39.28
CA ASP B 383 39.91 22.33 -39.09
C ASP B 383 39.98 21.88 -37.64
N ILE B 384 39.66 22.77 -36.71
CA ILE B 384 39.50 22.37 -35.31
C ILE B 384 38.29 21.47 -35.17
N ARG B 385 37.21 21.78 -35.90
CA ARG B 385 36.10 20.85 -36.02
C ARG B 385 36.54 19.56 -36.71
N LEU B 386 37.42 19.66 -37.71
CA LEU B 386 37.92 18.46 -38.37
C LEU B 386 38.80 17.65 -37.43
N VAL B 387 39.47 18.30 -36.49
CA VAL B 387 40.10 17.58 -35.40
C VAL B 387 39.05 16.90 -34.53
N GLY B 388 38.04 17.66 -34.10
CA GLY B 388 37.00 17.15 -33.23
C GLY B 388 36.13 16.07 -33.87
N GLU B 389 35.97 16.11 -35.19
CA GLU B 389 35.32 15.00 -35.86
C GLU B 389 36.15 13.73 -35.78
N LEU B 390 37.47 13.85 -35.93
CA LEU B 390 38.32 12.65 -35.91
C LEU B 390 38.45 12.07 -34.52
N VAL B 391 38.13 12.85 -33.48
CA VAL B 391 38.13 12.33 -32.12
C VAL B 391 37.04 11.29 -31.97
N THR B 392 35.88 11.53 -32.55
CA THR B 392 34.78 10.58 -32.46
C THR B 392 35.07 9.34 -33.28
N VAL B 393 35.66 9.51 -34.46
CA VAL B 393 35.86 8.43 -35.41
C VAL B 393 36.86 7.42 -34.87
N ILE B 394 37.98 7.92 -34.33
CA ILE B 394 38.95 7.05 -33.68
C ILE B 394 38.33 6.38 -32.47
N GLY B 395 37.55 7.13 -31.70
CA GLY B 395 36.85 6.53 -30.57
C GLY B 395 35.76 5.58 -30.99
N ALA B 396 35.24 5.73 -32.21
CA ALA B 396 34.25 4.78 -32.70
C ALA B 396 34.88 3.43 -33.00
N ILE B 397 36.10 3.44 -33.54
CA ILE B 397 36.76 2.20 -33.89
C ILE B 397 37.19 1.45 -32.63
N ILE B 398 37.52 2.17 -31.56
CA ILE B 398 37.92 1.56 -30.30
C ILE B 398 36.79 0.73 -29.71
N ILE B 399 35.56 1.22 -29.83
CA ILE B 399 34.40 0.49 -29.34
C ILE B 399 34.21 -0.79 -30.13
N LEU B 400 34.42 -0.74 -31.44
CA LEU B 400 34.37 -1.97 -32.21
C LEU B 400 35.62 -2.82 -32.02
N LEU B 401 36.76 -2.21 -31.70
CA LEU B 401 37.91 -3.03 -31.32
C LEU B 401 37.72 -3.67 -29.97
N VAL B 402 36.86 -3.08 -29.13
CA VAL B 402 36.39 -3.80 -27.94
C VAL B 402 35.43 -4.93 -28.35
N GLU B 403 34.50 -4.63 -29.24
CA GLU B 403 33.39 -5.53 -29.53
C GLU B 403 33.55 -6.26 -30.85
N VAL B 404 34.77 -6.74 -31.15
CA VAL B 404 34.92 -7.76 -32.21
C VAL B 404 34.09 -9.00 -31.93
N PRO B 405 34.01 -9.54 -30.69
CA PRO B 405 32.97 -10.58 -30.53
C PRO B 405 31.55 -10.01 -30.51
N PRO B 424 22.31 -5.71 -22.67
CA PRO B 424 21.25 -4.71 -22.82
C PRO B 424 21.83 -3.32 -22.92
N PHE B 425 23.14 -3.22 -22.93
CA PHE B 425 23.81 -1.94 -23.12
C PHE B 425 24.96 -2.00 -24.10
N HIS B 426 25.44 -3.20 -24.45
CA HIS B 426 26.23 -3.34 -25.66
C HIS B 426 25.37 -3.02 -26.87
N VAL B 427 24.10 -3.42 -26.82
CA VAL B 427 23.13 -3.13 -27.88
C VAL B 427 22.89 -1.63 -28.00
N LEU B 428 23.22 -0.86 -26.97
CA LEU B 428 23.28 0.58 -27.16
C LEU B 428 24.60 0.97 -27.83
N ILE B 429 25.73 0.53 -27.26
CA ILE B 429 26.99 1.11 -27.69
C ILE B 429 27.46 0.52 -29.01
N ILE B 430 27.03 -0.69 -29.36
CA ILE B 430 27.36 -1.21 -30.68
C ILE B 430 26.54 -0.51 -31.74
N THR B 431 25.25 -0.29 -31.46
CA THR B 431 24.44 0.53 -32.34
C THR B 431 24.83 2.00 -32.28
N TYR B 432 25.50 2.42 -31.23
CA TYR B 432 26.19 3.71 -31.29
C TYR B 432 27.35 3.62 -32.26
N ALA B 433 28.06 2.49 -32.26
CA ALA B 433 29.25 2.36 -33.08
C ALA B 433 28.92 2.21 -34.55
N PHE B 434 27.76 1.64 -34.88
CA PHE B 434 27.33 1.64 -36.28
C PHE B 434 27.12 3.06 -36.79
N MET B 435 26.31 3.84 -36.07
CA MET B 435 25.82 5.11 -36.60
C MET B 435 26.92 6.16 -36.72
N VAL B 436 27.98 6.06 -35.93
CA VAL B 436 29.12 6.95 -36.14
C VAL B 436 29.90 6.51 -37.36
N LEU B 437 30.01 5.20 -37.57
CA LEU B 437 30.57 4.72 -38.82
C LEU B 437 29.67 5.01 -40.00
N VAL B 438 28.35 4.96 -39.81
CA VAL B 438 27.44 5.26 -40.91
C VAL B 438 27.52 6.73 -41.29
N THR B 439 27.60 7.61 -40.30
CA THR B 439 27.64 9.03 -40.62
C THR B 439 28.99 9.48 -41.17
N MET B 440 30.01 8.61 -41.19
CA MET B 440 31.23 8.96 -41.91
C MET B 440 31.19 8.39 -43.32
N VAL B 441 30.60 7.21 -43.48
CA VAL B 441 30.32 6.69 -44.81
C VAL B 441 29.31 7.59 -45.51
N MET B 442 28.44 8.25 -44.75
CA MET B 442 27.56 9.26 -45.30
C MET B 442 28.33 10.52 -45.70
N ARG B 443 29.56 10.66 -45.25
CA ARG B 443 30.40 11.79 -45.67
C ARG B 443 31.42 11.42 -46.73
N LEU B 444 31.89 10.16 -46.75
CA LEU B 444 32.86 9.79 -47.77
C LEU B 444 32.19 9.62 -49.13
N ILE B 445 31.06 8.91 -49.17
CA ILE B 445 30.20 8.93 -50.35
C ILE B 445 29.60 10.31 -50.53
N SER B 446 29.39 11.02 -49.42
CA SER B 446 28.85 12.38 -49.36
C SER B 446 27.45 12.42 -49.98
N ALA B 447 26.54 11.68 -49.36
CA ALA B 447 25.14 11.67 -49.77
C ALA B 447 24.37 12.78 -49.08
N SER B 448 23.04 12.74 -49.16
CA SER B 448 22.19 13.80 -48.64
C SER B 448 21.57 13.42 -47.32
N GLY B 449 20.99 12.22 -47.20
CA GLY B 449 20.23 11.86 -46.02
C GLY B 449 21.10 11.58 -44.81
N GLU B 450 21.68 12.64 -44.24
CA GLU B 450 22.70 12.50 -43.21
C GLU B 450 22.18 12.72 -41.80
N VAL B 451 21.03 13.35 -41.63
CA VAL B 451 20.56 13.60 -40.28
C VAL B 451 19.87 12.37 -39.71
N VAL B 452 19.37 11.49 -40.60
CA VAL B 452 18.69 10.29 -40.12
C VAL B 452 19.59 9.30 -39.39
N PRO B 453 20.86 9.09 -39.75
CA PRO B 453 21.68 8.31 -38.81
C PRO B 453 22.23 9.16 -37.69
N MET B 454 22.22 10.48 -37.86
CA MET B 454 22.81 11.36 -36.86
C MET B 454 21.98 11.36 -35.59
N SER B 455 20.66 11.28 -35.71
CA SER B 455 19.82 11.41 -34.54
C SER B 455 19.76 10.12 -33.75
N PHE B 456 19.79 8.96 -34.42
CA PHE B 456 20.04 7.72 -33.71
C PHE B 456 21.39 7.75 -33.00
N ALA B 457 22.39 8.36 -33.63
CA ALA B 457 23.72 8.40 -33.05
C ALA B 457 23.80 9.25 -31.81
N LEU B 458 23.07 10.35 -31.77
CA LEU B 458 23.27 11.31 -30.70
C LEU B 458 22.51 10.93 -29.44
N VAL B 459 21.24 10.56 -29.58
CA VAL B 459 20.45 10.34 -28.38
C VAL B 459 20.81 9.02 -27.73
N LEU B 460 21.18 8.01 -28.53
CA LEU B 460 21.68 6.77 -27.95
C LEU B 460 23.10 6.95 -27.42
N GLY B 461 23.85 7.89 -27.97
CA GLY B 461 25.11 8.26 -27.37
C GLY B 461 24.89 8.89 -26.00
N TRP B 462 23.90 9.79 -25.91
CA TRP B 462 23.59 10.37 -24.61
C TRP B 462 22.94 9.37 -23.68
N CYS B 463 21.93 8.63 -24.15
CA CYS B 463 21.22 7.73 -23.25
C CYS B 463 22.03 6.50 -22.86
N ASN B 464 23.24 6.34 -23.37
CA ASN B 464 24.08 5.24 -22.92
C ASN B 464 24.85 5.59 -21.67
N VAL B 465 24.83 6.85 -21.24
CA VAL B 465 25.47 7.22 -19.99
C VAL B 465 24.52 7.04 -18.82
N MET B 466 23.25 6.70 -19.10
CA MET B 466 22.38 6.03 -18.14
C MET B 466 23.07 4.83 -17.52
N ALA B 467 23.77 4.04 -18.34
CA ALA B 467 24.49 2.86 -17.87
C ALA B 467 25.60 3.23 -16.90
N PHE B 468 26.16 4.43 -17.02
CA PHE B 468 27.18 4.86 -16.07
C PHE B 468 26.61 5.35 -14.75
N ALA B 469 25.29 5.42 -14.61
CA ALA B 469 24.74 5.84 -13.34
C ALA B 469 24.62 4.70 -12.33
N ARG B 470 25.06 3.51 -12.69
CA ARG B 470 24.95 2.39 -11.77
C ARG B 470 26.04 2.43 -10.70
N GLY B 471 27.13 3.12 -10.95
CA GLY B 471 28.22 3.12 -9.99
C GLY B 471 28.20 4.37 -9.14
N PHE B 472 27.02 4.93 -8.95
CA PHE B 472 26.86 6.19 -8.23
C PHE B 472 25.70 6.05 -7.26
N GLN B 473 25.84 5.11 -6.31
CA GLN B 473 24.84 4.54 -5.40
C GLN B 473 23.75 5.49 -4.93
N MET B 474 22.51 5.00 -4.98
CA MET B 474 21.18 5.62 -4.96
C MET B 474 20.83 6.13 -6.36
N LEU B 475 21.59 5.76 -7.39
CA LEU B 475 21.19 5.96 -8.77
C LEU B 475 21.22 4.68 -9.59
N GLY B 476 21.68 3.57 -9.02
CA GLY B 476 21.84 2.32 -9.71
C GLY B 476 20.57 1.71 -10.30
N PRO B 477 19.65 1.25 -9.46
CA PRO B 477 18.51 0.48 -9.97
C PRO B 477 17.47 1.30 -10.71
N PHE B 478 17.64 2.62 -10.83
CA PHE B 478 16.70 3.35 -11.67
C PHE B 478 16.88 3.00 -13.13
N THR B 479 18.11 2.73 -13.54
CA THR B 479 18.31 2.21 -14.89
C THR B 479 17.75 0.80 -15.02
N ILE B 480 17.80 0.03 -13.93
CA ILE B 480 17.10 -1.26 -13.89
C ILE B 480 15.60 -1.04 -13.99
N MET B 481 15.08 0.04 -13.39
CA MET B 481 13.65 0.32 -13.48
C MET B 481 13.23 0.62 -14.90
N ILE B 482 14.06 1.31 -15.68
CA ILE B 482 13.68 1.67 -17.04
C ILE B 482 13.60 0.42 -17.91
N GLN B 483 14.53 -0.51 -17.71
CA GLN B 483 14.46 -1.80 -18.39
C GLN B 483 13.26 -2.60 -17.91
N LYS B 484 12.90 -2.45 -16.64
CA LYS B 484 11.73 -3.15 -16.14
C LYS B 484 10.44 -2.54 -16.66
N MET B 485 10.43 -1.25 -16.96
CA MET B 485 9.22 -0.66 -17.51
C MET B 485 9.03 -1.07 -18.96
N ILE B 486 10.09 -0.96 -19.76
CA ILE B 486 9.96 -1.08 -21.21
C ILE B 486 9.77 -2.53 -21.61
N PHE B 487 10.77 -3.36 -21.37
CA PHE B 487 10.66 -4.75 -21.79
C PHE B 487 9.85 -5.59 -20.83
N GLY B 488 9.47 -5.05 -19.67
CA GLY B 488 8.70 -5.79 -18.72
C GLY B 488 7.23 -5.44 -18.72
N ASP B 489 6.90 -4.17 -18.92
CA ASP B 489 5.51 -3.74 -18.89
C ASP B 489 5.06 -3.02 -20.14
N LEU B 490 5.91 -2.15 -20.70
CA LEU B 490 5.45 -1.28 -21.77
C LEU B 490 5.29 -2.02 -23.09
N MET B 491 6.23 -2.89 -23.42
CA MET B 491 6.13 -3.61 -24.68
C MET B 491 5.08 -4.70 -24.65
N ARG B 492 4.60 -5.09 -23.47
CA ARG B 492 3.39 -5.89 -23.37
C ARG B 492 2.17 -5.02 -23.10
N PHE B 493 2.31 -3.71 -23.34
CA PHE B 493 1.20 -2.79 -23.27
C PHE B 493 1.09 -1.93 -24.52
N CYS B 494 2.16 -1.81 -25.32
CA CYS B 494 2.09 -1.04 -26.56
C CYS B 494 1.17 -1.71 -27.56
N TRP B 495 1.00 -3.02 -27.43
CA TRP B 495 0.00 -3.72 -28.21
C TRP B 495 -1.42 -3.31 -27.81
N LEU B 496 -1.60 -2.72 -26.64
CA LEU B 496 -2.92 -2.22 -26.29
C LEU B 496 -3.11 -0.81 -26.82
N MET B 497 -2.07 0.02 -26.77
CA MET B 497 -2.20 1.40 -27.23
C MET B 497 -2.30 1.48 -28.74
N ALA B 498 -1.68 0.55 -29.45
CA ALA B 498 -1.73 0.56 -30.90
C ALA B 498 -3.09 0.14 -31.44
N VAL B 499 -3.89 -0.54 -30.61
CA VAL B 499 -5.26 -0.85 -30.99
C VAL B 499 -6.11 0.39 -31.02
N VAL B 500 -6.08 1.16 -29.93
CA VAL B 500 -6.89 2.36 -29.80
C VAL B 500 -6.43 3.42 -30.78
N ILE B 501 -5.12 3.58 -30.93
CA ILE B 501 -4.60 4.68 -31.73
C ILE B 501 -4.81 4.43 -33.22
N LEU B 502 -4.94 3.16 -33.63
CA LEU B 502 -5.26 2.92 -35.02
C LEU B 502 -6.74 2.87 -35.28
N GLY B 503 -7.55 3.11 -34.26
CA GLY B 503 -8.95 3.36 -34.48
C GLY B 503 -9.20 4.82 -34.74
N PHE B 504 -8.85 5.64 -33.76
CA PHE B 504 -9.25 7.04 -33.75
C PHE B 504 -8.54 7.85 -34.82
N ALA B 505 -7.25 7.56 -35.05
CA ALA B 505 -6.55 8.21 -36.14
C ALA B 505 -7.10 7.78 -37.47
N SER B 506 -7.47 6.50 -37.59
CA SER B 506 -8.16 6.08 -38.78
C SER B 506 -9.57 6.66 -38.82
N ALA B 507 -10.16 6.92 -37.65
CA ALA B 507 -11.46 7.55 -37.62
C ALA B 507 -11.37 8.99 -38.10
N PHE B 508 -10.51 9.78 -37.44
CA PHE B 508 -10.45 11.22 -37.68
C PHE B 508 -10.03 11.57 -39.10
N TYR B 509 -9.32 10.66 -39.77
CA TYR B 509 -9.03 10.87 -41.19
C TYR B 509 -10.29 10.79 -42.02
N ILE B 510 -11.23 9.95 -41.59
CA ILE B 510 -12.48 9.85 -42.33
C ILE B 510 -13.39 11.03 -42.01
N ILE B 511 -13.34 11.54 -40.77
CA ILE B 511 -14.09 12.73 -40.43
C ILE B 511 -13.53 13.94 -41.18
N PHE B 512 -12.22 14.14 -41.11
CA PHE B 512 -11.60 15.32 -41.68
C PHE B 512 -11.13 15.10 -43.10
N GLN B 513 -11.61 14.05 -43.74
CA GLN B 513 -11.52 14.00 -45.19
C GLN B 513 -12.36 15.10 -45.82
N THR B 514 -13.48 15.46 -45.20
CA THR B 514 -14.40 16.47 -45.66
C THR B 514 -13.78 17.86 -45.65
N GLU B 515 -13.08 18.20 -44.58
CA GLU B 515 -12.71 19.59 -44.32
C GLU B 515 -11.50 20.05 -45.14
N ASP B 516 -11.41 21.34 -45.39
CA ASP B 516 -10.17 21.96 -45.83
C ASP B 516 -9.16 21.83 -44.70
N PRO B 517 -8.02 21.18 -44.90
CA PRO B 517 -7.02 21.13 -43.84
C PRO B 517 -6.21 22.39 -43.68
N GLU B 518 -6.50 23.45 -44.44
CA GLU B 518 -5.84 24.73 -44.20
C GLU B 518 -6.21 25.29 -42.84
N GLU B 519 -7.49 25.24 -42.49
CA GLU B 519 -7.92 25.34 -41.11
C GLU B 519 -7.87 23.94 -40.54
N LEU B 520 -7.40 23.82 -39.29
CA LEU B 520 -7.40 22.57 -38.54
C LEU B 520 -6.61 21.49 -39.26
N GLY B 521 -5.31 21.70 -39.36
CA GLY B 521 -4.46 20.82 -40.14
C GLY B 521 -3.90 19.66 -39.36
N HIS B 522 -4.64 19.23 -38.34
CA HIS B 522 -4.23 18.10 -37.53
C HIS B 522 -4.29 16.80 -38.31
N PHE B 523 -5.14 16.71 -39.32
CA PHE B 523 -5.40 15.45 -40.01
C PHE B 523 -5.48 15.65 -41.51
N TYR B 524 -4.49 16.32 -42.09
CA TYR B 524 -4.47 16.51 -43.54
C TYR B 524 -4.21 15.20 -44.26
N ASP B 525 -3.54 14.27 -43.60
CA ASP B 525 -3.34 12.95 -44.19
C ASP B 525 -3.27 11.89 -43.11
N TYR B 526 -3.46 10.65 -43.54
CA TYR B 526 -3.34 9.51 -42.64
C TYR B 526 -1.95 9.27 -42.02
N PRO B 527 -0.80 9.51 -42.68
CA PRO B 527 0.47 9.24 -41.98
C PRO B 527 0.72 10.13 -40.78
N MET B 528 0.37 11.41 -40.85
CA MET B 528 0.57 12.24 -39.69
C MET B 528 -0.62 12.16 -38.74
N ALA B 529 -1.72 11.53 -39.18
CA ALA B 529 -2.89 11.39 -38.32
C ALA B 529 -2.60 10.49 -37.14
N LEU B 530 -1.75 9.49 -37.33
CA LEU B 530 -1.28 8.67 -36.22
C LEU B 530 -0.49 9.49 -35.24
N PHE B 531 0.44 10.30 -35.74
CA PHE B 531 1.25 11.17 -34.89
C PHE B 531 0.40 12.21 -34.20
N SER B 532 -0.66 12.66 -34.86
CA SER B 532 -1.51 13.68 -34.27
C SER B 532 -2.38 13.10 -33.16
N THR B 533 -2.83 11.87 -33.32
CA THR B 533 -3.60 11.25 -32.26
C THR B 533 -2.69 10.83 -31.12
N PHE B 534 -1.42 10.61 -31.42
CA PHE B 534 -0.49 10.04 -30.45
C PHE B 534 -0.25 10.97 -29.28
N GLU B 535 -0.29 12.26 -29.51
CA GLU B 535 0.01 13.19 -28.44
C GLU B 535 -1.24 13.79 -27.85
N LEU B 536 -2.37 13.62 -28.52
CA LEU B 536 -3.65 13.70 -27.84
C LEU B 536 -3.78 12.56 -26.85
N PHE B 537 -3.15 11.44 -27.15
CA PHE B 537 -3.17 10.29 -26.26
C PHE B 537 -2.23 10.48 -25.10
N LEU B 538 -1.15 11.22 -25.29
CA LEU B 538 -0.23 11.51 -24.21
C LEU B 538 -0.37 12.92 -23.69
N THR B 539 -1.45 13.61 -24.04
CA THR B 539 -1.82 14.93 -23.53
C THR B 539 -0.73 15.95 -23.84
N ILE B 540 -0.43 16.07 -25.13
CA ILE B 540 0.58 17.03 -25.53
C ILE B 540 -0.01 18.02 -26.53
N ILE B 541 -0.49 17.51 -27.67
CA ILE B 541 -1.12 18.40 -28.64
C ILE B 541 -2.44 18.90 -28.06
N ASP B 542 -2.74 20.17 -28.37
CA ASP B 542 -3.66 20.98 -27.58
C ASP B 542 -5.11 20.57 -27.76
N GLY B 543 -5.40 19.67 -28.69
CA GLY B 543 -6.75 19.36 -29.02
C GLY B 543 -7.17 20.20 -30.20
N PRO B 544 -7.54 19.54 -31.29
CA PRO B 544 -7.92 20.26 -32.51
C PRO B 544 -9.24 20.99 -32.34
N ALA B 545 -9.18 22.32 -32.38
CA ALA B 545 -10.36 23.16 -32.25
C ALA B 545 -10.10 24.46 -33.00
N ASN B 546 -11.02 24.85 -33.88
CA ASN B 546 -10.81 26.02 -34.71
C ASN B 546 -11.48 27.27 -34.15
N TYR B 547 -12.79 27.21 -33.91
CA TYR B 547 -13.71 28.23 -33.41
C TYR B 547 -14.03 29.31 -34.42
N ASN B 548 -13.35 29.34 -35.56
CA ASN B 548 -13.79 30.19 -36.65
C ASN B 548 -15.01 29.60 -37.33
N VAL B 549 -14.88 28.36 -37.79
CA VAL B 549 -15.96 27.66 -38.45
C VAL B 549 -16.51 26.61 -37.50
N ASP B 550 -17.63 26.02 -37.88
CA ASP B 550 -18.13 24.88 -37.15
C ASP B 550 -17.35 23.64 -37.55
N LEU B 551 -17.23 22.74 -36.59
CA LEU B 551 -16.66 21.42 -36.75
C LEU B 551 -17.74 20.46 -37.23
N PRO B 552 -17.35 19.36 -37.88
CA PRO B 552 -18.35 18.35 -38.23
C PRO B 552 -18.86 17.63 -36.99
N PHE B 553 -20.10 17.17 -37.09
CA PHE B 553 -20.84 16.75 -35.92
C PHE B 553 -20.33 15.44 -35.33
N MET B 554 -19.84 14.54 -36.17
CA MET B 554 -19.37 13.26 -35.65
C MET B 554 -18.04 13.42 -34.94
N TYR B 555 -17.31 14.51 -35.21
CA TYR B 555 -16.08 14.82 -34.49
C TYR B 555 -16.33 15.02 -33.01
N SER B 556 -17.37 15.78 -32.67
CA SER B 556 -17.56 16.22 -31.29
C SER B 556 -17.90 15.05 -30.38
N ILE B 557 -18.65 14.09 -30.89
CA ILE B 557 -18.91 12.88 -30.11
C ILE B 557 -17.65 12.04 -30.01
N THR B 558 -16.98 11.83 -31.14
CA THR B 558 -15.88 10.87 -31.20
C THR B 558 -14.67 11.32 -30.43
N TYR B 559 -14.31 12.59 -30.57
CA TYR B 559 -13.16 13.11 -29.85
C TYR B 559 -13.45 13.23 -28.36
N ALA B 560 -14.73 13.40 -28.01
CA ALA B 560 -15.08 13.28 -26.60
C ALA B 560 -14.99 11.83 -26.14
N ALA B 561 -15.41 10.89 -26.97
CA ALA B 561 -15.29 9.48 -26.62
C ALA B 561 -13.83 9.06 -26.62
N PHE B 562 -13.02 9.69 -27.47
CA PHE B 562 -11.58 9.49 -27.40
C PHE B 562 -11.01 10.00 -26.10
N ALA B 563 -11.59 11.07 -25.56
CA ALA B 563 -11.07 11.64 -24.33
C ALA B 563 -11.32 10.73 -23.15
N ILE B 564 -12.51 10.14 -23.07
CA ILE B 564 -12.84 9.31 -21.91
C ILE B 564 -12.04 8.02 -21.94
N ILE B 565 -12.02 7.34 -23.08
CA ILE B 565 -11.41 6.02 -23.13
C ILE B 565 -9.89 6.10 -23.14
N ALA B 566 -9.33 7.26 -23.39
CA ALA B 566 -7.89 7.23 -23.55
C ALA B 566 -7.15 8.25 -22.71
N THR B 567 -7.69 9.44 -22.52
CA THR B 567 -6.92 10.49 -21.88
C THR B 567 -6.80 10.27 -20.39
N LEU B 568 -7.90 9.94 -19.73
CA LEU B 568 -7.82 9.62 -18.31
C LEU B 568 -7.74 8.13 -18.06
N LEU B 569 -8.28 7.30 -18.94
CA LEU B 569 -8.44 5.90 -18.57
C LEU B 569 -7.26 5.06 -19.04
N MET B 570 -7.01 5.02 -20.35
CA MET B 570 -5.94 4.19 -20.87
C MET B 570 -4.58 4.74 -20.50
N LEU B 571 -4.47 6.05 -20.29
CA LEU B 571 -3.20 6.63 -19.89
C LEU B 571 -2.87 6.28 -18.45
N ASN B 572 -3.82 6.50 -17.53
CA ASN B 572 -3.54 6.30 -16.11
C ASN B 572 -3.39 4.83 -15.76
N LEU B 573 -4.05 3.95 -16.49
CA LEU B 573 -3.88 2.53 -16.25
C LEU B 573 -2.47 2.08 -16.62
N LEU B 574 -1.85 2.78 -17.57
CA LEU B 574 -0.42 2.58 -17.79
C LEU B 574 0.39 3.11 -16.61
N ILE B 575 -0.05 4.22 -16.03
CA ILE B 575 0.70 4.83 -14.94
C ILE B 575 0.63 3.96 -13.69
N ALA B 576 -0.49 3.29 -13.46
CA ALA B 576 -0.57 2.38 -12.34
C ALA B 576 0.30 1.15 -12.55
N MET B 577 0.52 0.76 -13.81
CA MET B 577 1.49 -0.29 -14.09
C MET B 577 2.91 0.20 -13.82
N MET B 578 3.18 1.47 -14.14
CA MET B 578 4.43 2.09 -13.72
C MET B 578 4.48 2.18 -12.21
N GLY B 579 3.35 2.54 -11.60
CA GLY B 579 3.30 2.69 -10.16
C GLY B 579 3.31 1.38 -9.43
N ASP B 580 3.06 0.28 -10.13
CA ASP B 580 3.15 -1.02 -9.48
C ASP B 580 4.58 -1.52 -9.45
N THR B 581 5.29 -1.41 -10.57
CA THR B 581 6.59 -2.07 -10.67
C THR B 581 7.65 -1.25 -9.95
N HIS B 582 7.42 0.05 -9.81
CA HIS B 582 8.30 0.88 -9.00
C HIS B 582 8.33 0.42 -7.55
N TRP B 583 7.18 0.04 -7.02
CA TRP B 583 7.14 -0.50 -5.67
C TRP B 583 7.69 -1.91 -5.62
N ARG B 584 7.69 -2.60 -6.76
CA ARG B 584 8.30 -3.92 -6.80
C ARG B 584 9.82 -3.83 -6.80
N VAL B 585 10.38 -2.79 -7.41
CA VAL B 585 11.83 -2.72 -7.49
C VAL B 585 12.43 -2.23 -6.19
N ALA B 586 11.90 -1.14 -5.65
CA ALA B 586 12.48 -0.53 -4.45
C ALA B 586 12.29 -1.36 -3.19
N HIS B 587 11.36 -2.31 -3.20
CA HIS B 587 11.27 -3.26 -2.09
C HIS B 587 12.41 -4.25 -2.11
N GLU B 588 13.04 -4.46 -3.28
CA GLU B 588 14.22 -5.29 -3.44
C GLU B 588 15.37 -4.50 -4.05
N ARG B 589 15.61 -3.30 -3.52
CA ARG B 589 16.43 -2.31 -4.21
C ARG B 589 17.89 -2.69 -4.26
N ASP B 590 18.53 -2.79 -3.08
CA ASP B 590 19.98 -2.97 -3.02
C ASP B 590 20.40 -4.33 -3.56
N GLU B 591 19.46 -5.29 -3.58
CA GLU B 591 19.65 -6.59 -4.19
C GLU B 591 19.97 -6.43 -5.67
N LEU B 592 19.07 -5.78 -6.41
CA LEU B 592 19.29 -5.60 -7.84
C LEU B 592 20.34 -4.54 -8.08
N TRP B 593 20.61 -3.70 -7.08
CA TRP B 593 21.82 -2.89 -7.15
C TRP B 593 23.05 -3.77 -7.03
N ARG B 594 23.01 -4.77 -6.15
CA ARG B 594 24.18 -5.61 -5.93
C ARG B 594 24.42 -6.48 -7.16
N ALA B 595 23.34 -6.96 -7.77
CA ALA B 595 23.47 -7.73 -9.01
C ALA B 595 23.96 -6.85 -10.14
N GLN B 596 23.64 -5.56 -10.10
CA GLN B 596 24.15 -4.66 -11.11
C GLN B 596 25.65 -4.48 -11.00
N ILE B 597 26.19 -4.45 -9.77
CA ILE B 597 27.61 -4.18 -9.57
C ILE B 597 28.46 -5.34 -10.08
N VAL B 598 28.06 -6.56 -9.76
CA VAL B 598 28.88 -7.73 -10.05
C VAL B 598 28.99 -7.97 -11.55
N ALA B 599 27.84 -7.94 -12.23
CA ALA B 599 27.82 -8.14 -13.68
C ALA B 599 28.54 -7.02 -14.40
N THR B 600 28.55 -5.83 -13.81
CA THR B 600 29.40 -4.77 -14.33
C THR B 600 30.87 -5.08 -14.09
N THR B 601 31.16 -5.69 -12.95
CA THR B 601 32.55 -5.82 -12.52
C THR B 601 33.29 -6.86 -13.35
N VAL B 602 32.70 -8.05 -13.50
CA VAL B 602 33.33 -9.13 -14.23
C VAL B 602 33.45 -8.77 -15.71
N MET B 603 32.46 -8.03 -16.22
CA MET B 603 32.52 -7.50 -17.58
C MET B 603 33.67 -6.52 -17.74
N LEU B 604 33.98 -5.77 -16.70
CA LEU B 604 35.16 -4.92 -16.73
C LEU B 604 36.45 -5.73 -16.66
N GLU B 605 36.42 -6.91 -16.03
CA GLU B 605 37.65 -7.67 -15.88
C GLU B 605 38.05 -8.36 -17.16
N ARG B 606 37.08 -8.82 -17.94
CA ARG B 606 37.38 -9.54 -19.16
C ARG B 606 37.84 -8.62 -20.28
N LYS B 607 37.79 -7.30 -20.09
CA LYS B 607 38.21 -6.36 -21.11
C LYS B 607 39.27 -5.40 -20.58
N LEU B 608 39.80 -5.66 -19.38
CA LEU B 608 40.94 -4.92 -18.86
C LEU B 608 42.02 -5.91 -18.46
N PRO B 609 43.28 -5.64 -18.80
CA PRO B 609 44.35 -6.59 -18.52
C PRO B 609 44.83 -6.54 -17.08
N ARG B 610 45.88 -7.28 -16.78
CA ARG B 610 46.46 -7.27 -15.44
C ARG B 610 47.41 -6.09 -15.31
N CYS B 611 48.16 -6.07 -14.19
CA CYS B 611 49.18 -5.06 -13.84
C CYS B 611 48.57 -3.67 -13.60
N LEU B 612 47.23 -3.63 -13.59
CA LEU B 612 46.45 -2.47 -13.23
C LEU B 612 45.35 -2.95 -12.30
N TRP B 613 45.09 -4.25 -12.38
CA TRP B 613 44.11 -4.94 -11.55
C TRP B 613 44.78 -6.13 -10.89
N PRO B 614 45.08 -6.08 -9.60
CA PRO B 614 45.41 -7.31 -8.89
C PRO B 614 44.14 -8.07 -8.58
N ARG B 615 44.26 -9.40 -8.56
CA ARG B 615 43.13 -10.21 -8.13
C ARG B 615 42.93 -10.05 -6.64
N SER B 616 41.70 -9.71 -6.25
CA SER B 616 41.44 -9.24 -4.90
C SER B 616 41.53 -10.39 -3.90
N GLY B 617 41.62 -10.01 -2.63
CA GLY B 617 41.97 -10.97 -1.60
C GLY B 617 43.47 -11.17 -1.51
N ILE B 618 43.96 -11.28 -0.28
CA ILE B 618 45.39 -11.34 -0.07
C ILE B 618 45.90 -12.73 -0.40
N CYS B 619 47.21 -12.83 -0.65
CA CYS B 619 47.78 -14.05 -1.19
C CYS B 619 48.25 -14.97 -0.08
N GLY B 620 48.65 -16.17 -0.48
CA GLY B 620 49.22 -17.13 0.43
C GLY B 620 50.69 -17.36 0.16
N ARG B 621 51.20 -18.52 0.56
CA ARG B 621 52.54 -19.07 0.25
C ARG B 621 53.68 -18.34 0.94
N GLU B 622 53.39 -17.23 1.59
CA GLU B 622 54.40 -16.48 2.32
C GLU B 622 53.87 -16.26 3.72
N TYR B 623 52.55 -16.21 3.81
CA TYR B 623 51.88 -16.29 5.10
C TYR B 623 51.56 -17.75 5.41
N GLY B 624 51.81 -18.63 4.44
CA GLY B 624 52.00 -20.03 4.73
C GLY B 624 50.77 -20.91 4.72
N LEU B 625 49.97 -20.87 3.66
CA LEU B 625 48.93 -21.86 3.53
C LEU B 625 48.97 -22.50 2.15
N GLY B 626 49.37 -21.73 1.14
CA GLY B 626 49.39 -22.25 -0.21
C GLY B 626 48.88 -21.25 -1.24
N ASP B 627 48.60 -21.74 -2.45
CA ASP B 627 48.25 -20.88 -3.56
C ASP B 627 46.82 -20.35 -3.47
N ARG B 628 46.04 -20.86 -2.54
CA ARG B 628 44.70 -20.33 -2.31
C ARG B 628 44.80 -18.93 -1.72
N TRP B 629 44.03 -17.99 -2.29
CA TRP B 629 44.11 -16.59 -1.89
C TRP B 629 42.92 -16.28 -0.99
N PHE B 630 43.18 -15.62 0.12
CA PHE B 630 42.20 -15.51 1.17
C PHE B 630 41.73 -14.08 1.38
N LEU B 631 40.61 -13.92 2.08
CA LEU B 631 40.17 -12.66 2.62
C LEU B 631 39.46 -12.95 3.93
N ARG B 632 39.67 -12.09 4.91
CA ARG B 632 39.09 -12.27 6.22
C ARG B 632 38.03 -11.22 6.46
N VAL B 633 37.13 -11.54 7.38
CA VAL B 633 36.03 -10.65 7.70
C VAL B 633 35.69 -10.86 9.17
N GLU B 634 35.23 -9.79 9.81
CA GLU B 634 34.99 -9.78 11.23
C GLU B 634 33.51 -9.63 11.48
N ASP B 635 33.05 -10.02 12.66
CA ASP B 635 31.64 -9.88 13.01
C ASP B 635 31.47 -9.85 14.52
N ARG B 636 30.49 -9.09 14.99
CA ARG B 636 30.03 -9.28 16.35
C ARG B 636 29.12 -10.51 16.37
N GLN B 637 28.94 -11.09 17.56
CA GLN B 637 28.04 -12.22 17.76
C GLN B 637 26.61 -11.86 17.37
N ASP B 638 26.13 -10.70 17.84
CA ASP B 638 24.83 -10.20 17.43
C ASP B 638 24.85 -8.67 17.41
N SER C 28 41.97 0.47 2.83
CA SER C 28 43.39 0.27 2.58
C SER C 28 44.12 -0.04 3.89
N TRP C 29 43.74 0.69 4.94
CA TRP C 29 44.33 0.44 6.26
C TRP C 29 43.84 -0.88 6.83
N ALA C 30 42.61 -1.26 6.49
CA ALA C 30 42.07 -2.53 6.95
C ALA C 30 42.80 -3.70 6.31
N GLN C 31 43.24 -3.51 5.06
CA GLN C 31 44.12 -4.49 4.44
C GLN C 31 45.46 -4.56 5.16
N SER C 32 45.96 -3.40 5.60
CA SER C 32 47.17 -3.37 6.40
C SER C 32 46.93 -3.98 7.78
N ARG C 33 45.69 -3.90 8.26
CA ARG C 33 45.32 -4.68 9.44
C ARG C 33 45.31 -6.16 9.11
N ASP C 34 44.91 -6.51 7.89
CA ASP C 34 44.85 -7.92 7.52
C ASP C 34 46.21 -8.44 7.12
N GLU C 35 47.02 -7.59 6.49
CA GLU C 35 48.39 -7.97 6.16
C GLU C 35 49.21 -8.17 7.42
N GLN C 36 48.91 -7.40 8.47
CA GLN C 36 49.59 -7.61 9.73
C GLN C 36 49.08 -8.87 10.41
N ASN C 37 47.82 -9.24 10.14
CA ASN C 37 47.20 -10.31 10.90
C ASN C 37 47.69 -11.68 10.45
N LEU C 38 47.81 -11.88 9.14
CA LEU C 38 48.26 -13.17 8.64
C LEU C 38 49.74 -13.37 8.90
N LEU C 39 50.50 -12.26 8.96
CA LEU C 39 51.91 -12.33 9.30
C LEU C 39 52.11 -12.79 10.74
N GLN C 40 51.14 -12.47 11.60
CA GLN C 40 51.12 -13.01 12.95
C GLN C 40 50.83 -14.51 12.93
N GLN C 41 50.04 -14.95 11.96
CA GLN C 41 49.72 -16.37 11.86
C GLN C 41 50.90 -17.15 11.31
N LYS C 42 51.67 -16.52 10.42
CA LYS C 42 52.88 -17.16 9.92
C LYS C 42 53.95 -17.16 10.99
N ARG C 43 53.92 -16.15 11.86
CA ARG C 43 54.90 -16.04 12.94
C ARG C 43 54.72 -17.16 13.96
N ILE C 44 53.47 -17.43 14.34
CA ILE C 44 53.21 -18.49 15.32
C ILE C 44 53.42 -19.85 14.67
N TRP C 45 53.32 -19.90 13.34
CA TRP C 45 53.49 -21.16 12.65
C TRP C 45 54.95 -21.59 12.65
N GLU C 46 55.87 -20.63 12.74
CA GLU C 46 57.28 -20.97 12.68
C GLU C 46 57.88 -21.19 14.06
N SER C 47 57.44 -20.44 15.05
CA SER C 47 57.97 -20.60 16.39
C SER C 47 57.41 -21.87 17.02
N PRO C 48 58.26 -22.76 17.55
CA PRO C 48 57.74 -23.99 18.14
C PRO C 48 57.10 -23.77 19.49
N LEU C 49 57.48 -22.72 20.20
CA LEU C 49 56.87 -22.43 21.49
C LEU C 49 55.43 -21.94 21.32
N LEU C 50 55.24 -20.94 20.47
CA LEU C 50 53.92 -20.35 20.27
C LEU C 50 52.98 -21.31 19.56
N LEU C 51 53.50 -22.16 18.67
CA LEU C 51 52.65 -23.18 18.07
C LEU C 51 52.29 -24.24 19.08
N ALA C 52 53.18 -24.51 20.04
CA ALA C 52 52.79 -25.30 21.18
C ALA C 52 51.87 -24.54 22.12
N ALA C 53 51.89 -23.22 22.06
CA ALA C 53 50.98 -22.43 22.89
C ALA C 53 49.60 -22.33 22.27
N LYS C 54 49.42 -22.85 21.06
CA LYS C 54 48.10 -22.84 20.43
C LYS C 54 47.15 -23.79 21.14
N ASP C 55 47.53 -25.06 21.24
CA ASP C 55 46.75 -26.01 22.01
C ASP C 55 47.54 -26.47 23.22
N ASN C 56 46.85 -26.66 24.35
CA ASN C 56 47.49 -26.99 25.61
C ASN C 56 47.98 -28.44 25.63
N ASP C 57 49.09 -28.67 24.92
CA ASP C 57 49.79 -29.97 24.93
C ASP C 57 50.88 -29.86 25.97
N VAL C 58 50.51 -30.15 27.23
CA VAL C 58 51.37 -29.87 28.37
C VAL C 58 52.59 -30.77 28.37
N GLN C 59 52.41 -32.02 27.92
CA GLN C 59 53.54 -32.95 27.79
C GLN C 59 54.53 -32.45 26.74
N ALA C 60 54.01 -31.84 25.67
CA ALA C 60 54.90 -31.18 24.70
C ALA C 60 55.52 -29.93 25.31
N LEU C 61 54.81 -29.26 26.23
CA LEU C 61 55.33 -28.03 26.81
C LEU C 61 56.46 -28.28 27.79
N ASN C 62 56.32 -29.28 28.66
CA ASN C 62 57.31 -29.48 29.71
C ASN C 62 58.62 -30.00 29.14
N LYS C 63 58.55 -30.71 28.03
CA LYS C 63 59.76 -31.01 27.27
C LYS C 63 60.33 -29.75 26.65
N LEU C 64 59.46 -28.81 26.29
CA LEU C 64 59.89 -27.59 25.63
C LEU C 64 60.29 -26.51 26.63
N LEU C 65 59.59 -26.42 27.75
CA LEU C 65 59.86 -25.38 28.73
C LEU C 65 60.73 -25.86 29.87
N LYS C 66 60.35 -26.95 30.53
CA LYS C 66 61.02 -27.34 31.77
C LYS C 66 62.36 -27.99 31.51
N TYR C 67 62.51 -28.69 30.38
CA TYR C 67 63.75 -29.38 30.12
C TYR C 67 64.82 -28.43 29.58
N GLU C 68 64.59 -27.84 28.43
CA GLU C 68 65.58 -26.99 27.80
C GLU C 68 65.35 -25.53 28.15
N ASP C 69 66.32 -24.70 27.79
CA ASP C 69 66.27 -23.28 28.10
C ASP C 69 65.76 -22.51 26.90
N CYS C 70 64.51 -22.09 26.95
CA CYS C 70 63.89 -21.31 25.89
C CYS C 70 63.66 -19.90 26.39
N LYS C 71 63.92 -18.92 25.52
CA LYS C 71 63.57 -17.55 25.85
C LYS C 71 62.05 -17.40 25.86
N VAL C 72 61.56 -16.53 26.75
CA VAL C 72 60.13 -16.33 26.86
C VAL C 72 59.68 -15.05 26.19
N HIS C 73 60.60 -14.25 25.67
CA HIS C 73 60.29 -12.96 25.07
C HIS C 73 60.20 -13.07 23.55
N GLN C 74 59.63 -14.17 23.08
CA GLN C 74 59.48 -14.44 21.66
C GLN C 74 58.35 -13.57 21.14
N ARG C 75 58.70 -12.47 20.48
CA ARG C 75 57.72 -11.49 20.08
C ARG C 75 57.12 -11.89 18.73
N GLY C 76 55.80 -11.70 18.62
CA GLY C 76 55.09 -12.00 17.39
C GLY C 76 55.24 -10.91 16.36
N ALA C 77 54.25 -10.81 15.46
CA ALA C 77 54.31 -9.77 14.44
C ALA C 77 53.96 -8.40 15.02
N MET C 78 53.26 -8.36 16.16
CA MET C 78 52.98 -7.10 16.83
C MET C 78 53.16 -7.18 18.33
N GLY C 79 53.96 -8.12 18.83
CA GLY C 79 54.36 -8.08 20.22
C GLY C 79 53.81 -9.21 21.07
N GLU C 80 53.70 -10.39 20.49
CA GLU C 80 53.11 -11.52 21.19
C GLU C 80 54.05 -12.09 22.24
N THR C 81 53.45 -12.81 23.17
CA THR C 81 54.12 -13.84 23.95
C THR C 81 53.28 -15.10 23.89
N ALA C 82 53.87 -16.21 24.33
CA ALA C 82 53.10 -17.43 24.53
C ALA C 82 52.09 -17.25 25.65
N LEU C 83 52.39 -16.38 26.61
CA LEU C 83 51.44 -16.04 27.66
C LEU C 83 50.23 -15.31 27.10
N HIS C 84 50.41 -14.56 26.03
CA HIS C 84 49.26 -13.92 25.38
C HIS C 84 48.44 -14.93 24.60
N ILE C 85 49.10 -15.89 23.96
CA ILE C 85 48.42 -16.80 23.04
C ILE C 85 47.50 -17.74 23.78
N ALA C 86 47.99 -18.39 24.84
CA ALA C 86 47.17 -19.32 25.60
C ALA C 86 46.04 -18.61 26.32
N ALA C 87 46.25 -17.32 26.63
CA ALA C 87 45.17 -16.51 27.16
C ALA C 87 44.15 -16.17 26.08
N LEU C 88 44.55 -16.28 24.82
CA LEU C 88 43.67 -15.80 23.76
C LEU C 88 42.97 -16.96 23.05
N TYR C 89 43.53 -18.15 23.16
CA TYR C 89 42.92 -19.33 22.53
C TYR C 89 42.35 -20.30 23.56
N ASP C 90 42.14 -19.77 24.78
CA ASP C 90 41.50 -20.47 25.89
C ASP C 90 42.27 -21.73 26.30
N ASN C 91 43.55 -21.58 26.57
CA ASN C 91 44.34 -22.64 27.20
C ASN C 91 44.64 -22.23 28.63
N LEU C 92 43.75 -22.64 29.54
CA LEU C 92 43.98 -22.43 30.96
C LEU C 92 45.18 -23.22 31.46
N GLU C 93 45.28 -24.49 31.06
CA GLU C 93 46.27 -25.38 31.65
C GLU C 93 47.66 -25.09 31.11
N ALA C 94 47.76 -24.63 29.86
CA ALA C 94 49.05 -24.27 29.31
C ALA C 94 49.61 -23.03 29.96
N ALA C 95 48.73 -22.09 30.33
CA ALA C 95 49.19 -20.87 30.99
C ALA C 95 49.64 -21.15 32.42
N MET C 96 49.14 -22.23 33.02
CA MET C 96 49.61 -22.65 34.34
C MET C 96 51.08 -23.04 34.30
N VAL C 97 51.51 -23.67 33.21
CA VAL C 97 52.93 -23.94 33.02
C VAL C 97 53.67 -22.64 32.78
N LEU C 98 53.03 -21.67 32.12
CA LEU C 98 53.67 -20.40 31.80
C LEU C 98 53.90 -19.56 33.05
N MET C 99 53.11 -19.76 34.10
CA MET C 99 53.30 -18.95 35.30
C MET C 99 54.53 -19.36 36.07
N GLU C 100 54.88 -20.65 36.05
CA GLU C 100 56.13 -21.07 36.67
C GLU C 100 57.32 -20.58 35.86
N ALA C 101 57.22 -20.66 34.54
CA ALA C 101 58.35 -20.27 33.71
C ALA C 101 58.48 -18.76 33.58
N ALA C 102 57.36 -18.05 33.46
CA ALA C 102 57.35 -16.60 33.22
C ALA C 102 56.70 -15.91 34.40
N PRO C 103 57.49 -15.42 35.37
CA PRO C 103 56.91 -14.63 36.45
C PRO C 103 56.60 -13.20 36.03
N GLU C 104 57.16 -12.72 34.94
CA GLU C 104 57.09 -11.30 34.61
C GLU C 104 56.45 -11.01 33.27
N LEU C 105 55.97 -12.01 32.54
CA LEU C 105 55.25 -11.72 31.31
C LEU C 105 53.80 -11.34 31.54
N VAL C 106 53.32 -11.36 32.79
CA VAL C 106 52.06 -10.70 33.09
C VAL C 106 52.21 -9.20 32.95
N PHE C 107 53.41 -8.70 33.25
CA PHE C 107 53.74 -7.28 33.13
C PHE C 107 54.21 -6.97 31.71
N GLU C 108 53.39 -7.36 30.72
CA GLU C 108 53.79 -7.24 29.34
C GLU C 108 52.64 -6.71 28.50
N PRO C 109 52.72 -5.48 28.02
CA PRO C 109 51.67 -4.97 27.13
C PRO C 109 51.87 -5.48 25.71
N MET C 110 50.78 -5.56 24.93
CA MET C 110 50.92 -5.77 23.50
C MET C 110 51.53 -4.53 22.85
N THR C 111 52.34 -4.73 21.83
CA THR C 111 53.34 -3.71 21.48
C THR C 111 52.80 -2.56 20.65
N SER C 112 52.33 -2.83 19.43
CA SER C 112 52.21 -1.70 18.51
C SER C 112 51.11 -1.86 17.48
N GLU C 113 50.56 -0.70 17.10
CA GLU C 113 49.93 -0.33 15.83
C GLU C 113 48.52 -0.88 15.65
N LEU C 114 48.16 -1.87 16.39
CA LEU C 114 46.76 -2.12 16.62
C LEU C 114 46.49 -2.34 18.09
N TYR C 115 47.38 -3.04 18.77
CA TYR C 115 47.22 -3.38 20.17
C TYR C 115 48.37 -2.73 20.90
N GLU C 116 48.08 -1.66 21.62
CA GLU C 116 49.10 -0.91 22.34
C GLU C 116 48.65 -0.81 23.78
N GLY C 117 49.40 -1.43 24.69
CA GLY C 117 49.01 -1.44 26.07
C GLY C 117 48.02 -2.52 26.44
N GLN C 118 47.84 -3.53 25.59
CA GLN C 118 46.97 -4.64 25.93
C GLN C 118 47.77 -5.74 26.60
N THR C 119 47.32 -6.18 27.76
CA THR C 119 47.98 -7.30 28.40
C THR C 119 47.02 -8.48 28.48
N ALA C 120 47.52 -9.60 29.00
CA ALA C 120 46.71 -10.80 29.08
C ALA C 120 45.64 -10.69 30.15
N LEU C 121 45.76 -9.73 31.07
CA LEU C 121 44.67 -9.47 31.99
C LEU C 121 43.44 -8.96 31.25
N HIS C 122 43.64 -8.15 30.21
CA HIS C 122 42.53 -7.78 29.35
C HIS C 122 41.97 -8.98 28.62
N ILE C 123 42.85 -9.85 28.15
CA ILE C 123 42.46 -10.90 27.20
C ILE C 123 41.62 -11.96 27.89
N ALA C 124 41.99 -12.33 29.12
CA ALA C 124 41.23 -13.33 29.87
C ALA C 124 39.84 -12.84 30.24
N VAL C 125 39.66 -11.52 30.34
CA VAL C 125 38.34 -10.97 30.60
C VAL C 125 37.42 -11.17 29.40
N VAL C 126 37.97 -10.95 28.20
CA VAL C 126 37.18 -10.93 26.97
C VAL C 126 36.58 -12.29 26.67
N ASN C 127 37.23 -13.36 27.09
CA ASN C 127 36.69 -14.70 26.91
C ASN C 127 35.89 -15.17 28.12
N GLN C 128 35.25 -14.22 28.81
CA GLN C 128 34.16 -14.35 29.78
C GLN C 128 34.54 -14.95 31.13
N ASN C 129 35.68 -15.64 31.20
CA ASN C 129 36.34 -16.18 32.38
C ASN C 129 37.56 -16.92 31.89
N MET C 130 38.52 -17.10 32.79
CA MET C 130 39.46 -18.20 32.66
C MET C 130 39.72 -18.91 33.98
N ASN C 131 39.55 -18.21 35.11
CA ASN C 131 40.06 -18.43 36.47
C ASN C 131 41.56 -18.24 36.55
N LEU C 132 42.24 -18.07 35.42
CA LEU C 132 43.50 -17.35 35.36
C LEU C 132 43.28 -15.90 35.73
N VAL C 133 42.08 -15.38 35.46
CA VAL C 133 41.58 -14.11 36.01
C VAL C 133 41.85 -14.01 37.49
N ARG C 134 41.54 -15.07 38.24
CA ARG C 134 41.90 -15.13 39.65
C ARG C 134 43.39 -15.37 39.83
N ALA C 135 44.03 -16.06 38.89
CA ALA C 135 45.44 -16.38 39.04
C ALA C 135 46.36 -15.25 38.60
N LEU C 136 45.90 -14.42 37.66
CA LEU C 136 46.71 -13.26 37.27
C LEU C 136 46.81 -12.28 38.41
N LEU C 137 45.73 -12.10 39.16
CA LEU C 137 45.82 -11.28 40.36
C LEU C 137 46.55 -12.03 41.48
N ALA C 138 46.55 -13.36 41.43
CA ALA C 138 47.41 -14.12 42.33
C ALA C 138 48.87 -13.98 41.94
N ARG C 139 49.16 -13.70 40.67
CA ARG C 139 50.49 -13.28 40.26
C ARG C 139 50.61 -11.76 40.24
N ARG C 140 49.63 -11.06 40.83
CA ARG C 140 49.58 -9.60 40.96
C ARG C 140 49.62 -8.90 39.60
N ALA C 141 48.56 -9.14 38.82
CA ALA C 141 48.41 -8.43 37.55
C ALA C 141 48.05 -6.97 37.78
N SER C 142 48.27 -6.14 36.77
CA SER C 142 48.00 -4.71 36.88
C SER C 142 46.67 -4.39 36.21
N VAL C 143 45.67 -4.03 37.03
CA VAL C 143 44.35 -3.69 36.50
C VAL C 143 44.26 -2.25 36.01
N SER C 144 45.32 -1.46 36.17
CA SER C 144 45.33 -0.10 35.70
C SER C 144 45.93 0.02 34.30
N ALA C 145 46.11 -1.12 33.63
CA ALA C 145 46.73 -1.12 32.31
C ALA C 145 45.78 -0.52 31.28
N ARG C 146 46.33 0.35 30.43
CA ARG C 146 45.53 1.12 29.49
C ARG C 146 45.74 0.58 28.08
N ALA C 147 44.66 0.12 27.47
CA ALA C 147 44.71 -0.38 26.10
C ALA C 147 44.54 0.79 25.14
N THR C 148 45.65 1.49 24.89
CA THR C 148 45.65 2.69 24.08
C THR C 148 45.85 2.41 22.58
N GLY C 149 45.58 1.20 22.13
CA GLY C 149 45.82 0.86 20.75
C GLY C 149 44.83 1.51 19.80
N THR C 150 45.15 1.40 18.52
CA THR C 150 44.25 1.90 17.49
C THR C 150 43.03 1.00 17.35
N ALA C 151 43.23 -0.31 17.49
CA ALA C 151 42.14 -1.27 17.35
C ALA C 151 41.20 -1.29 18.54
N PHE C 152 41.37 -0.42 19.52
CA PHE C 152 40.38 -0.25 20.56
C PHE C 152 39.68 1.10 20.52
N ARG C 153 40.24 2.05 19.78
CA ARG C 153 39.71 3.40 19.76
C ARG C 153 38.40 3.44 18.98
N ARG C 154 37.53 4.38 19.37
CA ARG C 154 36.19 4.53 18.80
C ARG C 154 36.26 4.84 17.32
N SER C 155 35.69 3.94 16.51
CA SER C 155 35.80 4.04 15.07
C SER C 155 34.73 3.19 14.40
N PRO C 156 34.33 3.51 13.18
CA PRO C 156 33.58 2.53 12.38
C PRO C 156 34.46 1.44 11.80
N CYS C 157 35.79 1.58 11.89
CA CYS C 157 36.67 0.50 11.46
C CYS C 157 36.63 -0.66 12.44
N ASN C 158 36.73 -0.37 13.74
CA ASN C 158 36.55 -1.40 14.74
C ASN C 158 35.07 -1.74 14.85
N LEU C 159 34.75 -3.02 14.97
CA LEU C 159 33.36 -3.38 15.16
C LEU C 159 32.93 -3.32 16.62
N ILE C 160 33.84 -2.98 17.53
CA ILE C 160 33.56 -2.91 18.95
C ILE C 160 34.27 -1.69 19.53
N TYR C 161 33.88 -1.35 20.76
CA TYR C 161 34.52 -0.25 21.47
C TYR C 161 34.32 -0.47 22.95
N PHE C 162 35.42 -0.75 23.66
CA PHE C 162 35.32 -1.01 25.09
C PHE C 162 36.32 -0.22 25.92
N GLY C 163 36.94 0.81 25.37
CA GLY C 163 37.83 1.64 26.16
C GLY C 163 39.19 1.00 26.37
N GLU C 164 39.80 1.35 27.51
CA GLU C 164 41.17 0.95 27.81
C GLU C 164 41.30 -0.02 28.96
N HIS C 165 40.73 0.27 30.04
CA HIS C 165 40.98 -0.46 31.27
C HIS C 165 40.19 -1.76 31.28
N PRO C 166 40.76 -2.82 31.89
CA PRO C 166 40.07 -4.11 31.89
C PRO C 166 38.82 -4.11 32.74
N LEU C 167 38.70 -3.16 33.66
CA LEU C 167 37.42 -2.96 34.34
C LEU C 167 36.35 -2.53 33.34
N SER C 168 36.71 -1.67 32.40
CA SER C 168 35.78 -1.38 31.31
C SER C 168 35.63 -2.58 30.39
N PHE C 169 36.65 -3.42 30.27
CA PHE C 169 36.46 -4.65 29.52
C PHE C 169 35.60 -5.61 30.32
N ALA C 170 35.58 -5.45 31.63
CA ALA C 170 34.79 -6.35 32.44
C ALA C 170 33.30 -6.04 32.35
N ALA C 171 32.92 -4.77 32.37
CA ALA C 171 31.52 -4.41 32.46
C ALA C 171 30.81 -4.60 31.14
N CYS C 172 31.53 -4.51 30.03
CA CYS C 172 30.89 -4.50 28.73
C CYS C 172 30.45 -5.90 28.32
N VAL C 173 31.20 -6.92 28.71
CA VAL C 173 30.89 -8.29 28.32
C VAL C 173 29.84 -8.92 29.23
N ASN C 174 29.33 -8.18 30.22
CA ASN C 174 28.26 -8.61 31.14
C ASN C 174 28.66 -9.88 31.89
N SER C 175 29.70 -9.76 32.70
CA SER C 175 30.21 -10.86 33.51
C SER C 175 30.39 -10.34 34.93
N GLU C 176 29.38 -10.54 35.76
CA GLU C 176 29.20 -9.75 36.97
C GLU C 176 30.23 -10.07 38.04
N GLU C 177 30.47 -11.34 38.31
CA GLU C 177 31.42 -11.72 39.34
C GLU C 177 32.84 -11.41 38.90
N ILE C 178 33.09 -11.49 37.59
CA ILE C 178 34.39 -11.14 37.05
C ILE C 178 34.64 -9.64 37.20
N VAL C 179 33.57 -8.85 37.14
CA VAL C 179 33.67 -7.44 37.54
C VAL C 179 34.00 -7.34 39.02
N ARG C 180 33.26 -8.10 39.84
CA ARG C 180 33.36 -8.02 41.30
C ARG C 180 34.75 -8.36 41.81
N LEU C 181 35.45 -9.26 41.12
CA LEU C 181 36.81 -9.61 41.48
C LEU C 181 37.74 -8.42 41.33
N LEU C 182 37.51 -7.58 40.33
CA LEU C 182 38.36 -6.43 40.11
C LEU C 182 38.12 -5.34 41.14
N ILE C 183 36.90 -5.23 41.65
CA ILE C 183 36.66 -4.39 42.83
C ILE C 183 37.46 -4.92 44.01
N GLU C 184 37.54 -6.23 44.16
CA GLU C 184 38.27 -6.81 45.28
C GLU C 184 39.77 -6.90 45.04
N HIS C 185 40.31 -6.17 44.06
CA HIS C 185 41.75 -6.01 43.91
C HIS C 185 42.11 -4.58 43.52
N GLY C 186 41.18 -3.64 43.66
CA GLY C 186 41.51 -2.24 43.54
C GLY C 186 41.42 -1.67 42.15
N ALA C 187 40.45 -2.07 41.34
CA ALA C 187 40.25 -1.44 40.04
C ALA C 187 39.48 -0.14 40.21
N ASP C 188 40.12 0.97 39.86
CA ASP C 188 39.53 2.28 40.05
C ASP C 188 38.43 2.52 39.02
N ILE C 189 37.21 2.72 39.51
CA ILE C 189 36.07 2.90 38.63
C ILE C 189 36.16 4.24 37.92
N ARG C 190 36.73 5.24 38.58
CA ARG C 190 36.78 6.60 38.07
C ARG C 190 37.82 6.82 36.97
N ALA C 191 38.39 5.75 36.42
CA ALA C 191 39.37 5.87 35.35
C ALA C 191 38.69 6.34 34.07
N GLN C 192 39.49 6.94 33.19
CA GLN C 192 39.00 7.42 31.92
C GLN C 192 39.89 6.91 30.80
N ASP C 193 39.37 6.98 29.58
CA ASP C 193 40.13 6.62 28.40
C ASP C 193 40.84 7.87 27.87
N SER C 194 41.35 7.82 26.64
CA SER C 194 41.86 9.02 26.00
C SER C 194 40.73 9.99 25.67
N LEU C 195 39.54 9.46 25.38
CA LEU C 195 38.38 10.28 25.09
C LEU C 195 37.76 10.89 26.33
N GLY C 196 38.18 10.48 27.52
CA GLY C 196 37.56 10.95 28.73
C GLY C 196 36.32 10.17 29.13
N ASN C 197 36.05 9.06 28.45
CA ASN C 197 34.87 8.28 28.75
C ASN C 197 35.14 7.37 29.92
N THR C 198 34.30 7.47 30.94
CA THR C 198 34.37 6.58 32.07
C THR C 198 33.65 5.28 31.76
N VAL C 199 33.51 4.45 32.78
CA VAL C 199 33.00 3.10 32.54
C VAL C 199 31.49 3.15 32.34
N LEU C 200 30.82 4.20 32.80
CA LEU C 200 29.39 4.32 32.52
C LEU C 200 29.14 4.70 31.07
N HIS C 201 30.08 5.43 30.48
CA HIS C 201 29.91 5.83 29.09
C HIS C 201 30.05 4.65 28.16
N ILE C 202 30.83 3.66 28.55
CA ILE C 202 31.04 2.51 27.68
C ILE C 202 29.80 1.63 27.68
N LEU C 203 29.11 1.56 28.81
CA LEU C 203 27.93 0.71 28.92
C LEU C 203 26.79 1.21 28.05
N ILE C 204 26.74 2.50 27.80
CA ILE C 204 25.66 3.03 26.98
C ILE C 204 25.97 2.81 25.51
N LEU C 205 27.24 2.82 25.14
CA LEU C 205 27.64 2.65 23.76
C LEU C 205 27.55 1.21 23.28
N GLN C 206 27.21 0.27 24.14
CA GLN C 206 27.12 -1.10 23.64
C GLN C 206 25.83 -1.31 22.88
N PRO C 207 25.84 -2.17 21.85
CA PRO C 207 24.60 -2.43 21.11
C PRO C 207 23.58 -3.24 21.89
N ASN C 208 24.02 -4.11 22.79
CA ASN C 208 23.10 -4.74 23.72
C ASN C 208 22.58 -3.69 24.68
N LYS C 209 21.27 -3.51 24.72
CA LYS C 209 20.67 -2.43 25.49
C LYS C 209 20.09 -2.93 26.81
N THR C 210 19.14 -3.86 26.74
CA THR C 210 18.62 -4.48 27.96
C THR C 210 19.67 -5.35 28.63
N PHE C 211 20.50 -6.01 27.83
CA PHE C 211 21.47 -6.96 28.33
C PHE C 211 22.60 -6.26 29.06
N ALA C 212 22.77 -4.96 28.85
CA ALA C 212 23.80 -4.19 29.52
C ALA C 212 23.26 -3.30 30.62
N CYS C 213 21.93 -3.23 30.78
CA CYS C 213 21.35 -2.28 31.73
C CYS C 213 21.59 -2.71 33.17
N GLN C 214 21.78 -4.00 33.40
CA GLN C 214 21.91 -4.50 34.76
C GLN C 214 23.26 -4.16 35.34
N MET C 215 24.26 -3.95 34.48
CA MET C 215 25.56 -3.47 34.95
C MET C 215 25.49 -2.04 35.46
N TYR C 216 24.55 -1.25 34.94
CA TYR C 216 24.46 0.15 35.36
C TYR C 216 24.03 0.26 36.82
N ASN C 217 23.25 -0.70 37.30
CA ASN C 217 22.89 -0.71 38.71
C ASN C 217 24.02 -1.25 39.56
N LEU C 218 24.71 -2.29 39.06
CA LEU C 218 25.75 -2.93 39.84
C LEU C 218 26.98 -2.05 39.96
N LEU C 219 27.32 -1.34 38.89
CA LEU C 219 28.47 -0.47 38.96
C LEU C 219 28.19 0.81 39.71
N LEU C 220 26.93 1.23 39.81
CA LEU C 220 26.61 2.31 40.72
C LEU C 220 26.45 1.83 42.15
N SER C 221 26.64 0.54 42.42
CA SER C 221 26.73 0.13 43.81
C SER C 221 28.12 0.37 44.37
N TYR C 222 29.09 0.63 43.51
CA TYR C 222 30.47 0.85 43.90
C TYR C 222 30.93 2.27 43.63
N ASP C 223 30.05 3.24 43.82
CA ASP C 223 30.41 4.64 43.70
C ASP C 223 30.66 5.28 45.07
N ARG C 224 31.31 4.53 45.96
CA ARG C 224 31.34 4.63 47.44
C ARG C 224 31.53 6.08 47.91
N HIS C 225 32.56 6.79 47.45
CA HIS C 225 32.77 8.14 47.95
C HIS C 225 32.26 9.19 46.98
N GLY C 226 32.62 9.06 45.70
CA GLY C 226 32.28 10.07 44.72
C GLY C 226 33.37 11.07 44.47
N ASP C 227 34.48 10.97 45.21
CA ASP C 227 35.64 11.86 45.13
C ASP C 227 35.26 13.33 45.34
N HIS C 228 34.30 13.54 46.24
CA HIS C 228 33.79 14.81 46.75
C HIS C 228 32.98 15.62 45.74
N LEU C 229 32.95 15.18 44.48
CA LEU C 229 32.22 15.89 43.43
C LEU C 229 32.00 14.98 42.23
N GLN C 230 30.78 15.07 41.66
CA GLN C 230 30.25 14.24 40.58
C GLN C 230 30.40 12.76 40.90
N PRO C 231 29.53 12.18 41.73
CA PRO C 231 29.68 10.76 42.08
C PRO C 231 29.37 9.82 40.92
N LEU C 232 30.26 9.86 39.91
CA LEU C 232 30.39 8.98 38.75
C LEU C 232 29.28 9.18 37.71
N ASP C 233 28.20 9.85 38.08
CA ASP C 233 27.05 9.96 37.22
C ASP C 233 26.94 11.35 36.61
N LEU C 234 27.90 12.21 36.90
CA LEU C 234 27.93 13.56 36.35
C LEU C 234 29.29 13.91 35.78
N VAL C 235 30.17 12.94 35.59
CA VAL C 235 31.52 13.21 35.10
C VAL C 235 31.50 13.37 33.60
N PRO C 236 31.89 14.52 33.08
CA PRO C 236 31.96 14.71 31.64
C PRO C 236 33.22 14.07 31.06
N ASN C 237 33.22 13.95 29.74
CA ASN C 237 34.38 13.47 29.00
C ASN C 237 35.24 14.65 28.56
N HIS C 238 36.19 14.42 27.66
CA HIS C 238 36.95 15.54 27.09
C HIS C 238 36.08 16.47 26.28
N GLN C 239 35.03 15.97 25.62
CA GLN C 239 34.09 16.84 24.93
C GLN C 239 32.91 17.22 25.82
N GLY C 240 33.03 16.99 27.13
CA GLY C 240 32.08 17.52 28.07
C GLY C 240 30.73 16.85 28.10
N LEU C 241 30.69 15.52 28.23
CA LEU C 241 29.43 14.79 28.15
C LEU C 241 29.24 13.95 29.41
N THR C 242 28.24 14.30 30.20
CA THR C 242 27.73 13.43 31.24
C THR C 242 27.13 12.19 30.59
N PRO C 243 27.18 11.04 31.27
CA PRO C 243 26.59 9.83 30.68
C PRO C 243 25.07 9.90 30.55
N PHE C 244 24.43 10.73 31.36
CA PHE C 244 23.00 10.95 31.19
C PHE C 244 22.71 11.63 29.86
N LYS C 245 23.46 12.69 29.54
CA LYS C 245 23.25 13.37 28.28
C LYS C 245 23.75 12.54 27.10
N LEU C 246 24.85 11.80 27.30
CA LEU C 246 25.38 10.97 26.22
C LEU C 246 24.43 9.84 25.89
N ALA C 247 23.66 9.39 26.87
CA ALA C 247 22.56 8.47 26.61
C ALA C 247 21.54 9.09 25.67
N GLY C 248 21.31 10.39 25.79
CA GLY C 248 20.43 11.07 24.87
C GLY C 248 21.06 11.23 23.50
N VAL C 249 22.38 11.39 23.45
CA VAL C 249 23.05 11.62 22.17
C VAL C 249 23.03 10.37 21.32
N GLU C 250 23.28 9.21 21.94
CA GLU C 250 23.20 7.98 21.18
C GLU C 250 21.80 7.43 21.05
N GLY C 251 20.84 7.98 21.80
CA GLY C 251 19.49 7.52 21.68
C GLY C 251 19.24 6.13 22.21
N ASN C 252 19.98 5.72 23.23
CA ASN C 252 19.75 4.43 23.87
C ASN C 252 18.51 4.58 24.75
N THR C 253 17.35 4.37 24.12
CA THR C 253 16.07 4.69 24.75
C THR C 253 15.78 3.79 25.94
N VAL C 254 16.21 2.52 25.86
CA VAL C 254 15.94 1.60 26.95
C VAL C 254 16.76 1.96 28.17
N MET C 255 18.03 2.31 27.96
CA MET C 255 18.85 2.83 29.04
C MET C 255 18.34 4.15 29.57
N PHE C 256 17.82 5.00 28.69
CA PHE C 256 17.40 6.34 29.06
C PHE C 256 16.23 6.32 30.04
N GLN C 257 15.29 5.40 29.86
CA GLN C 257 14.19 5.28 30.81
C GLN C 257 14.68 4.80 32.15
N HIS C 258 15.74 3.99 32.16
CA HIS C 258 16.28 3.51 33.42
C HIS C 258 17.03 4.61 34.16
N LEU C 259 17.61 5.58 33.43
CA LEU C 259 18.25 6.69 34.11
C LEU C 259 17.25 7.71 34.61
N MET C 260 16.05 7.71 34.05
CA MET C 260 15.03 8.63 34.54
C MET C 260 14.43 8.14 35.84
N GLN C 261 14.54 6.83 36.10
CA GLN C 261 14.10 6.25 37.36
C GLN C 261 14.88 6.83 38.53
N LYS C 262 16.18 7.08 38.32
CA LYS C 262 16.98 7.72 39.35
C LYS C 262 16.63 9.20 39.48
N ARG C 263 16.33 9.85 38.36
CA ARG C 263 16.13 11.29 38.39
C ARG C 263 14.80 11.68 38.99
N LYS C 264 13.75 10.90 38.73
CA LYS C 264 12.41 11.30 39.16
C LYS C 264 12.27 11.15 40.67
N HIS C 265 11.34 11.91 41.23
CA HIS C 265 11.13 11.95 42.67
C HIS C 265 9.62 12.06 42.87
N THR C 266 8.97 10.93 43.09
CA THR C 266 7.53 10.87 43.04
C THR C 266 6.89 11.49 44.27
N GLN C 267 5.83 12.24 44.03
CA GLN C 267 4.96 12.79 45.06
C GLN C 267 3.83 11.80 45.31
N TRP C 268 2.74 12.28 45.88
CA TRP C 268 1.56 11.46 46.16
C TRP C 268 1.01 10.78 44.92
N THR C 269 0.40 9.63 45.13
CA THR C 269 -0.34 8.89 44.13
C THR C 269 -1.77 8.74 44.59
N TYR C 270 -2.71 8.89 43.65
CA TYR C 270 -4.13 8.95 44.00
C TYR C 270 -4.88 7.92 43.15
N GLY C 271 -4.90 6.69 43.64
CA GLY C 271 -5.49 5.59 42.93
C GLY C 271 -4.78 5.38 41.62
N PRO C 272 -5.52 5.56 40.51
CA PRO C 272 -4.89 5.46 39.19
C PRO C 272 -4.05 6.66 38.83
N LEU C 273 -4.07 7.71 39.63
CA LEU C 273 -3.29 8.90 39.34
C LEU C 273 -1.93 8.79 39.99
N THR C 274 -0.97 9.44 39.37
CA THR C 274 0.36 9.52 39.94
C THR C 274 0.89 10.92 39.66
N SER C 275 1.14 11.65 40.71
CA SER C 275 1.71 12.99 40.59
C SER C 275 3.22 12.81 40.65
N THR C 276 3.78 12.29 39.56
CA THR C 276 5.22 12.16 39.53
C THR C 276 5.85 13.52 39.25
N LEU C 277 7.16 13.59 39.45
CA LEU C 277 7.88 14.84 39.35
C LEU C 277 9.25 14.53 38.73
N TYR C 278 9.42 14.87 37.47
CA TYR C 278 10.72 14.65 36.87
C TYR C 278 11.68 15.77 37.26
N ASP C 279 12.97 15.45 37.21
CA ASP C 279 13.97 16.29 37.86
C ASP C 279 14.26 17.55 37.07
N LEU C 280 14.50 17.40 35.75
CA LEU C 280 14.79 18.48 34.81
C LEU C 280 16.03 19.29 35.24
N THR C 281 17.18 18.64 35.13
CA THR C 281 18.43 19.31 35.45
C THR C 281 19.28 19.53 34.22
N GLU C 282 19.63 18.46 33.50
CA GLU C 282 20.47 18.63 32.33
C GLU C 282 19.65 18.85 31.08
N ILE C 283 18.34 18.71 31.15
CA ILE C 283 17.46 19.00 30.04
C ILE C 283 17.13 20.47 30.07
N ASP C 284 17.44 21.18 28.98
CA ASP C 284 17.28 22.63 28.81
C ASP C 284 18.01 23.41 29.90
N SER C 285 19.33 23.31 29.88
CA SER C 285 20.14 24.21 30.68
C SER C 285 20.50 25.42 29.84
N SER C 286 21.46 26.21 30.32
CA SER C 286 22.15 27.18 29.48
C SER C 286 23.64 26.93 29.65
N GLY C 287 24.00 25.67 29.86
CA GLY C 287 25.34 25.30 30.26
C GLY C 287 26.36 25.36 29.15
N ASP C 288 27.37 24.49 29.26
CA ASP C 288 28.49 24.54 28.34
C ASP C 288 28.09 24.05 26.95
N GLU C 289 27.21 23.07 26.90
CA GLU C 289 26.69 22.57 25.63
C GLU C 289 25.24 23.00 25.42
N GLN C 290 24.81 23.96 26.25
CA GLN C 290 23.65 24.82 26.05
C GLN C 290 22.30 24.14 26.22
N SER C 291 22.26 22.80 26.25
CA SER C 291 21.04 22.03 26.42
C SER C 291 21.38 20.55 26.43
N LEU C 292 20.35 19.73 26.70
CA LEU C 292 20.33 18.39 26.15
C LEU C 292 19.74 18.39 24.75
N LEU C 293 18.74 19.24 24.53
CA LEU C 293 17.88 19.18 23.35
C LEU C 293 18.62 19.48 22.05
N GLU C 294 19.51 20.47 22.05
CA GLU C 294 20.27 20.78 20.85
C GLU C 294 21.20 19.65 20.48
N LEU C 295 21.78 18.98 21.47
CA LEU C 295 22.60 17.80 21.23
C LEU C 295 21.80 16.66 20.66
N ILE C 296 20.51 16.58 20.96
CA ILE C 296 19.67 15.60 20.29
C ILE C 296 19.48 16.00 18.83
N ILE C 297 19.43 17.31 18.58
CA ILE C 297 19.23 17.77 17.22
C ILE C 297 20.52 17.67 16.41
N THR C 298 21.61 18.26 16.91
CA THR C 298 22.78 18.47 16.06
C THR C 298 23.62 17.22 15.86
N THR C 299 23.24 16.09 16.42
CA THR C 299 23.87 14.87 15.97
C THR C 299 23.39 14.50 14.57
N LYS C 300 24.21 13.75 13.86
CA LYS C 300 23.77 13.18 12.60
C LYS C 300 23.03 11.87 12.79
N LYS C 301 22.98 11.37 14.03
CA LYS C 301 22.21 10.17 14.30
C LYS C 301 20.73 10.46 14.21
N ARG C 302 20.08 9.86 13.21
CA ARG C 302 18.66 10.04 13.01
C ARG C 302 17.85 9.39 14.11
N GLU C 303 18.33 8.28 14.65
CA GLU C 303 17.54 7.45 15.56
C GLU C 303 17.52 8.00 16.97
N ALA C 304 18.38 8.96 17.30
CA ALA C 304 18.38 9.53 18.63
C ALA C 304 17.21 10.44 18.88
N ARG C 305 16.45 10.81 17.85
CA ARG C 305 15.26 11.62 18.04
C ARG C 305 14.08 10.83 18.57
N GLN C 306 14.25 9.53 18.78
CA GLN C 306 13.25 8.70 19.43
C GLN C 306 13.05 9.07 20.89
N ILE C 307 14.03 9.74 21.51
CA ILE C 307 13.94 10.22 22.88
C ILE C 307 12.79 11.21 23.06
N LEU C 308 12.42 11.92 22.00
CA LEU C 308 11.40 12.95 22.08
C LEU C 308 10.02 12.39 22.34
N ASP C 309 9.81 11.10 22.09
CA ASP C 309 8.56 10.47 22.48
C ASP C 309 8.57 10.04 23.94
N GLN C 310 9.72 10.04 24.60
CA GLN C 310 9.77 9.60 25.98
C GLN C 310 9.28 10.71 26.90
N THR C 311 8.47 10.32 27.87
CA THR C 311 7.61 11.24 28.59
C THR C 311 8.22 12.38 29.42
N PRO C 312 9.45 12.33 30.01
CA PRO C 312 9.89 13.53 30.74
C PRO C 312 10.37 14.61 29.79
N VAL C 313 10.73 14.22 28.57
CA VAL C 313 11.15 15.17 27.55
C VAL C 313 9.96 15.59 26.71
N LYS C 314 9.07 14.63 26.43
CA LYS C 314 7.87 14.89 25.64
C LYS C 314 6.95 15.88 26.32
N GLU C 315 6.92 15.86 27.64
CA GLU C 315 6.07 16.80 28.36
C GLU C 315 6.64 18.21 28.31
N LEU C 316 7.96 18.34 28.37
CA LEU C 316 8.59 19.66 28.36
C LEU C 316 8.34 20.37 27.04
N VAL C 317 8.65 19.70 25.93
CA VAL C 317 8.57 20.33 24.62
C VAL C 317 7.13 20.59 24.20
N SER C 318 6.18 19.89 24.81
CA SER C 318 4.79 20.29 24.62
C SER C 318 4.45 21.51 25.46
N LEU C 319 4.92 21.55 26.71
CA LEU C 319 4.66 22.71 27.55
C LEU C 319 5.44 23.92 27.09
N LYS C 320 6.67 23.71 26.61
CA LYS C 320 7.49 24.82 26.16
C LYS C 320 6.95 25.44 24.90
N TRP C 321 6.25 24.66 24.07
CA TRP C 321 5.73 25.18 22.82
C TRP C 321 4.31 25.71 22.93
N LYS C 322 3.49 25.10 23.79
CA LYS C 322 2.10 25.53 23.95
C LYS C 322 2.03 26.96 24.49
N ARG C 323 2.54 27.17 25.69
CA ARG C 323 2.74 28.52 26.20
C ARG C 323 4.18 28.89 25.91
N TYR C 324 4.40 30.12 25.48
CA TYR C 324 5.66 30.83 25.25
C TYR C 324 6.39 30.33 24.01
N GLY C 325 5.97 29.22 23.41
CA GLY C 325 6.64 28.81 22.19
C GLY C 325 5.90 29.25 20.95
N ARG C 326 4.66 28.83 20.83
CA ARG C 326 3.86 29.06 19.63
C ARG C 326 3.49 30.53 19.42
N PRO C 327 2.96 31.29 20.39
CA PRO C 327 2.64 32.69 20.06
C PRO C 327 3.85 33.58 19.96
N TYR C 328 4.98 33.21 20.57
CA TYR C 328 6.18 33.99 20.32
C TYR C 328 6.72 33.73 18.94
N PHE C 329 6.45 32.56 18.37
CA PHE C 329 6.89 32.29 17.00
C PHE C 329 6.04 33.05 16.01
N CYS C 330 4.72 33.04 16.19
CA CYS C 330 3.85 33.69 15.24
C CYS C 330 3.96 35.21 15.32
N MET C 331 4.39 35.73 16.47
CA MET C 331 4.65 37.17 16.56
C MET C 331 5.85 37.54 15.71
N LEU C 332 6.83 36.65 15.61
CA LEU C 332 7.85 36.82 14.58
C LEU C 332 7.25 36.59 13.19
N GLY C 333 6.30 35.67 13.09
CA GLY C 333 5.73 35.36 11.79
C GLY C 333 4.86 36.47 11.24
N ALA C 334 4.19 37.22 12.12
CA ALA C 334 3.39 38.34 11.67
C ALA C 334 4.27 39.47 11.17
N ILE C 335 5.46 39.63 11.74
CA ILE C 335 6.37 40.68 11.29
C ILE C 335 6.89 40.37 9.90
N TYR C 336 7.13 39.09 9.62
CA TYR C 336 7.74 38.73 8.35
C TYR C 336 6.75 38.87 7.20
N LEU C 337 5.45 38.73 7.45
CA LEU C 337 4.48 38.90 6.39
C LEU C 337 4.32 40.36 6.01
N LEU C 338 4.25 41.24 7.01
CA LEU C 338 4.24 42.68 6.74
C LEU C 338 5.56 43.17 6.16
N TYR C 339 6.64 42.43 6.35
CA TYR C 339 7.91 42.81 5.75
C TYR C 339 7.90 42.56 4.25
N ILE C 340 7.44 41.37 3.84
CA ILE C 340 7.49 41.00 2.43
C ILE C 340 6.42 41.74 1.65
N ILE C 341 5.26 41.99 2.28
CA ILE C 341 4.24 42.81 1.63
C ILE C 341 4.75 44.22 1.41
N CYS C 342 5.47 44.78 2.39
CA CYS C 342 6.10 46.06 2.16
C CYS C 342 7.31 45.95 1.25
N PHE C 343 7.86 44.75 1.09
CA PHE C 343 8.91 44.57 0.10
C PHE C 343 8.36 44.59 -1.32
N THR C 344 7.28 43.85 -1.56
CA THR C 344 6.69 43.81 -2.90
C THR C 344 6.12 45.16 -3.28
N MET C 345 5.56 45.87 -2.30
CA MET C 345 5.00 47.20 -2.54
C MET C 345 6.05 48.19 -3.01
N CYS C 346 7.28 48.07 -2.52
CA CYS C 346 8.36 48.86 -3.08
C CYS C 346 9.15 48.10 -4.14
N CYS C 347 8.61 46.99 -4.63
CA CYS C 347 9.24 46.31 -5.76
C CYS C 347 8.32 46.10 -6.94
N ILE C 348 7.00 46.16 -6.78
CA ILE C 348 6.15 46.19 -7.95
C ILE C 348 5.93 47.59 -8.48
N TYR C 349 6.35 48.61 -7.75
CA TYR C 349 6.37 49.97 -8.24
C TYR C 349 7.83 50.36 -8.46
N ARG C 350 8.19 50.52 -9.73
CA ARG C 350 9.57 50.75 -10.12
C ARG C 350 9.60 51.98 -11.04
N PRO C 351 10.69 52.75 -11.08
CA PRO C 351 10.65 54.05 -11.79
C PRO C 351 10.46 53.99 -13.30
N LEU C 352 11.44 53.47 -14.06
CA LEU C 352 11.27 52.83 -15.38
C LEU C 352 10.50 53.70 -16.39
N LYS C 353 11.19 54.73 -16.91
CA LYS C 353 10.68 55.63 -17.96
C LYS C 353 10.21 54.93 -19.24
N PRO C 354 9.52 55.63 -20.13
CA PRO C 354 9.41 55.12 -21.51
C PRO C 354 10.73 55.23 -22.25
N ARG C 355 10.83 54.45 -23.33
CA ARG C 355 12.09 54.32 -24.05
C ARG C 355 12.42 55.55 -24.87
N THR C 356 13.14 56.49 -24.27
CA THR C 356 13.62 57.64 -25.04
C THR C 356 15.01 57.43 -25.60
N ASN C 357 15.69 56.36 -25.22
CA ASN C 357 17.05 56.08 -25.65
C ASN C 357 17.03 55.34 -26.99
N ASN C 358 18.15 54.69 -27.34
CA ASN C 358 18.38 53.99 -28.60
C ASN C 358 17.24 53.07 -29.03
N ARG C 359 16.62 53.41 -30.17
CA ARG C 359 15.29 52.93 -30.52
C ARG C 359 15.30 51.59 -31.26
N THR C 360 15.94 51.56 -32.42
CA THR C 360 15.65 50.54 -33.43
C THR C 360 16.74 49.48 -33.45
N SER C 361 17.36 49.27 -32.29
CA SER C 361 18.29 48.17 -32.11
C SER C 361 17.60 46.78 -32.18
N PRO C 362 16.37 46.56 -31.65
CA PRO C 362 15.71 45.27 -31.96
C PRO C 362 15.15 45.20 -33.36
N ARG C 363 15.98 44.85 -34.34
CA ARG C 363 15.48 44.61 -35.68
C ARG C 363 14.71 43.30 -35.69
N ASP C 364 13.40 43.38 -35.41
CA ASP C 364 12.51 42.24 -35.20
C ASP C 364 13.11 41.27 -34.17
N ASN C 365 13.52 41.88 -33.05
CA ASN C 365 14.47 41.23 -32.16
C ASN C 365 14.18 41.69 -30.74
N THR C 366 15.19 41.60 -29.86
CA THR C 366 15.04 41.65 -28.41
C THR C 366 14.36 42.92 -27.92
N LEU C 367 13.13 42.78 -27.44
CA LEU C 367 12.25 43.92 -27.22
C LEU C 367 12.34 44.38 -25.77
N LEU C 368 12.19 45.70 -25.59
CA LEU C 368 12.24 46.37 -24.30
C LEU C 368 11.82 47.83 -24.51
N GLN C 369 11.20 48.47 -23.51
CA GLN C 369 11.00 49.90 -23.64
C GLN C 369 11.11 50.67 -22.32
N GLN C 370 11.68 50.07 -21.27
CA GLN C 370 11.58 50.73 -19.98
C GLN C 370 12.88 51.35 -19.50
N LYS C 371 13.98 50.60 -19.53
CA LYS C 371 15.33 51.14 -19.36
C LYS C 371 15.64 51.82 -18.02
N LEU C 372 14.73 51.74 -17.04
CA LEU C 372 15.02 51.90 -15.61
C LEU C 372 15.64 53.24 -15.20
N LEU C 373 14.79 54.27 -15.03
CA LEU C 373 15.16 55.65 -14.63
C LEU C 373 16.30 55.81 -13.63
N GLN C 374 17.13 56.81 -13.86
CA GLN C 374 18.42 56.93 -13.19
C GLN C 374 18.28 57.44 -11.76
N GLU C 375 17.85 58.70 -11.60
CA GLU C 375 17.70 59.27 -10.27
C GLU C 375 16.46 60.14 -10.15
N ALA C 376 15.47 59.91 -10.99
CA ALA C 376 14.20 60.66 -10.92
C ALA C 376 13.42 60.15 -9.72
N TYR C 377 13.69 60.76 -8.56
CA TYR C 377 13.02 60.41 -7.31
C TYR C 377 12.06 61.51 -6.88
N MET C 378 11.44 62.16 -7.86
CA MET C 378 10.40 63.14 -7.60
C MET C 378 9.07 62.43 -7.41
N THR C 379 7.95 63.19 -7.46
CA THR C 379 6.57 62.73 -7.29
C THR C 379 6.44 62.03 -5.94
N PRO C 380 6.25 62.79 -4.83
CA PRO C 380 6.43 62.26 -3.46
C PRO C 380 5.57 61.06 -3.03
N LYS C 381 4.71 60.56 -3.91
CA LYS C 381 4.28 59.18 -3.80
C LYS C 381 5.49 58.24 -3.86
N ASP C 382 6.49 58.58 -4.67
CA ASP C 382 7.76 57.86 -4.64
C ASP C 382 8.54 58.08 -3.36
N ASP C 383 8.33 59.20 -2.67
CA ASP C 383 8.95 59.37 -1.36
C ASP C 383 8.33 58.41 -0.35
N ILE C 384 7.04 58.11 -0.50
CA ILE C 384 6.42 57.05 0.29
C ILE C 384 6.99 55.71 -0.11
N ARG C 385 7.24 55.52 -1.40
CA ARG C 385 8.02 54.37 -1.86
C ARG C 385 9.44 54.42 -1.33
N LEU C 386 10.03 55.61 -1.25
CA LEU C 386 11.37 55.75 -0.70
C LEU C 386 11.37 55.44 0.80
N VAL C 387 10.25 55.72 1.48
CA VAL C 387 10.09 55.21 2.83
C VAL C 387 10.03 53.68 2.82
N GLY C 388 9.16 53.12 1.98
CA GLY C 388 8.97 51.68 1.91
C GLY C 388 10.18 50.92 1.44
N GLU C 389 11.03 51.54 0.61
CA GLU C 389 12.30 50.92 0.27
C GLU C 389 13.22 50.85 1.50
N LEU C 390 13.24 51.89 2.32
CA LEU C 390 14.12 51.89 3.48
C LEU C 390 13.65 50.94 4.57
N VAL C 391 12.38 50.54 4.53
CA VAL C 391 11.87 49.55 5.47
C VAL C 391 12.55 48.20 5.23
N THR C 392 12.74 47.85 3.97
CA THR C 392 13.40 46.59 3.64
C THR C 392 14.88 46.62 3.98
N VAL C 393 15.51 47.77 3.72
CA VAL C 393 16.96 47.89 3.86
C VAL C 393 17.37 47.81 5.32
N ILE C 394 16.65 48.52 6.19
CA ILE C 394 16.88 48.42 7.63
C ILE C 394 16.59 47.01 8.10
N GLY C 395 15.51 46.41 7.60
CA GLY C 395 15.21 45.04 7.94
C GLY C 395 16.21 44.05 7.38
N ALA C 396 16.88 44.43 6.28
CA ALA C 396 17.92 43.56 5.73
C ALA C 396 19.13 43.51 6.65
N ILE C 397 19.49 44.63 7.25
CA ILE C 397 20.66 44.69 8.11
C ILE C 397 20.40 43.94 9.41
N ILE C 398 19.15 43.94 9.88
CA ILE C 398 18.78 43.23 11.10
C ILE C 398 19.02 41.74 10.96
N ILE C 399 18.71 41.19 9.78
CA ILE C 399 18.93 39.77 9.52
C ILE C 399 20.42 39.45 9.56
N LEU C 400 21.25 40.34 9.00
CA LEU C 400 22.68 40.13 9.11
C LEU C 400 23.20 40.47 10.50
N LEU C 401 22.54 41.38 11.23
CA LEU C 401 22.92 41.57 12.62
C LEU C 401 22.50 40.39 13.48
N VAL C 402 21.50 39.62 13.03
CA VAL C 402 21.27 38.32 13.63
C VAL C 402 22.37 37.35 13.23
N GLU C 403 22.73 37.33 11.94
CA GLU C 403 23.58 36.29 11.40
C GLU C 403 25.01 36.76 11.16
N VAL C 404 25.58 37.53 12.09
CA VAL C 404 27.04 37.72 12.11
C VAL C 404 27.78 36.40 12.20
N PRO C 405 27.37 35.42 13.05
CA PRO C 405 28.04 34.12 12.84
C PRO C 405 27.59 33.40 11.57
N PRO C 424 19.13 24.85 7.02
CA PRO C 424 18.47 24.68 5.72
C PRO C 424 17.50 25.80 5.46
N PHE C 425 17.44 26.77 6.37
CA PHE C 425 16.61 27.94 6.18
C PHE C 425 17.30 29.23 6.53
N HIS C 426 18.43 29.18 7.23
CA HIS C 426 19.34 30.31 7.23
C HIS C 426 19.89 30.53 5.83
N VAL C 427 20.15 29.43 5.12
CA VAL C 427 20.63 29.49 3.74
C VAL C 427 19.57 30.11 2.83
N LEU C 428 18.32 30.14 3.25
CA LEU C 428 17.36 30.98 2.57
C LEU C 428 17.51 32.44 2.99
N ILE C 429 17.48 32.69 4.29
CA ILE C 429 17.33 34.07 4.74
C ILE C 429 18.65 34.84 4.65
N ILE C 430 19.79 34.14 4.69
CA ILE C 430 21.06 34.84 4.49
C ILE C 430 21.23 35.19 3.02
N THR C 431 20.86 34.26 2.13
CA THR C 431 20.81 34.57 0.71
C THR C 431 19.68 35.52 0.37
N TYR C 432 18.66 35.61 1.21
CA TYR C 432 17.74 36.72 1.11
C TYR C 432 18.45 38.02 1.50
N ALA C 433 19.31 37.95 2.51
CA ALA C 433 19.95 39.16 3.00
C ALA C 433 21.03 39.67 2.06
N PHE C 434 21.67 38.78 1.30
CA PHE C 434 22.59 39.23 0.26
C PHE C 434 21.86 40.05 -0.80
N MET C 435 20.79 39.47 -1.36
CA MET C 435 20.18 40.04 -2.56
C MET C 435 19.47 41.36 -2.30
N VAL C 436 19.03 41.61 -1.06
CA VAL C 436 18.51 42.94 -0.74
C VAL C 436 19.65 43.94 -0.62
N LEU C 437 20.77 43.49 -0.06
CA LEU C 437 21.96 44.32 -0.08
C LEU C 437 22.52 44.49 -1.49
N VAL C 438 22.41 43.46 -2.33
CA VAL C 438 22.91 43.56 -3.69
C VAL C 438 22.06 44.54 -4.50
N THR C 439 20.74 44.47 -4.32
CA THR C 439 19.88 45.37 -5.08
C THR C 439 19.91 46.81 -4.60
N MET C 440 20.58 47.10 -3.48
CA MET C 440 20.81 48.49 -3.13
C MET C 440 22.17 48.97 -3.63
N VAL C 441 23.16 48.08 -3.62
CA VAL C 441 24.42 48.36 -4.28
C VAL C 441 24.20 48.47 -5.79
N MET C 442 23.19 47.77 -6.31
CA MET C 442 22.79 47.95 -7.70
C MET C 442 22.11 49.30 -7.91
N ARG C 443 21.70 49.98 -6.84
CA ARG C 443 21.15 51.32 -6.96
C ARG C 443 22.13 52.43 -6.60
N LEU C 444 23.09 52.17 -5.72
CA LEU C 444 24.06 53.20 -5.37
C LEU C 444 25.06 53.40 -6.49
N ILE C 445 25.61 52.31 -7.01
CA ILE C 445 26.38 52.36 -8.25
C ILE C 445 25.45 52.71 -9.41
N SER C 446 24.18 52.31 -9.30
CA SER C 446 23.12 52.56 -10.28
C SER C 446 23.48 51.95 -11.63
N ALA C 447 23.62 50.62 -11.64
CA ALA C 447 23.89 49.88 -12.86
C ALA C 447 22.59 49.52 -13.56
N SER C 448 22.68 48.62 -14.55
CA SER C 448 21.52 48.27 -15.37
C SER C 448 20.94 46.94 -14.96
N GLY C 449 21.76 45.90 -14.78
CA GLY C 449 21.25 44.56 -14.55
C GLY C 449 20.67 44.36 -13.16
N GLU C 450 19.50 44.96 -12.92
CA GLU C 450 18.94 45.04 -11.59
C GLU C 450 17.84 44.03 -11.32
N VAL C 451 17.25 43.44 -12.35
CA VAL C 451 16.17 42.50 -12.10
C VAL C 451 16.72 41.13 -11.76
N VAL C 452 17.95 40.85 -12.19
CA VAL C 452 18.55 39.54 -11.90
C VAL C 452 18.82 39.28 -10.42
N PRO C 453 19.22 40.26 -9.58
CA PRO C 453 19.18 39.94 -8.15
C PRO C 453 17.82 40.11 -7.56
N MET C 454 16.94 40.83 -8.24
CA MET C 454 15.62 41.11 -7.69
C MET C 454 14.77 39.86 -7.62
N SER C 455 14.91 38.99 -8.61
CA SER C 455 14.04 37.82 -8.67
C SER C 455 14.49 36.73 -7.72
N PHE C 456 15.80 36.57 -7.52
CA PHE C 456 16.28 35.74 -6.41
C PHE C 456 15.79 36.30 -5.08
N ALA C 457 15.74 37.63 -4.96
CA ALA C 457 15.35 38.25 -3.71
C ALA C 457 13.89 38.04 -3.39
N LEU C 458 13.03 38.04 -4.39
CA LEU C 458 11.61 38.05 -4.12
C LEU C 458 11.06 36.67 -3.85
N VAL C 459 11.42 35.69 -4.67
CA VAL C 459 10.79 34.39 -4.53
C VAL C 459 11.37 33.65 -3.32
N LEU C 460 12.65 33.86 -3.02
CA LEU C 460 13.21 33.30 -1.80
C LEU C 460 12.74 34.06 -0.58
N GLY C 461 12.40 35.34 -0.74
CA GLY C 461 11.72 36.04 0.32
C GLY C 461 10.35 35.45 0.59
N TRP C 462 9.60 35.15 -0.47
CA TRP C 462 8.31 34.52 -0.29
C TRP C 462 8.45 33.09 0.18
N CYS C 463 9.30 32.29 -0.47
CA CYS C 463 9.40 30.88 -0.12
C CYS C 463 10.07 30.63 1.23
N ASN C 464 10.53 31.66 1.92
CA ASN C 464 11.07 31.47 3.25
C ASN C 464 9.98 31.48 4.30
N VAL C 465 8.75 31.85 3.95
CA VAL C 465 7.66 31.78 4.91
C VAL C 465 7.01 30.41 4.90
N MET C 466 7.45 29.53 3.99
CA MET C 466 7.31 28.09 4.16
C MET C 466 7.82 27.64 5.52
N ALA C 467 8.95 28.19 5.96
CA ALA C 467 9.54 27.87 7.24
C ALA C 467 8.63 28.27 8.39
N PHE C 468 7.80 29.30 8.19
CA PHE C 468 6.86 29.70 9.23
C PHE C 468 5.64 28.81 9.30
N ALA C 469 5.47 27.87 8.39
CA ALA C 469 4.31 27.00 8.45
C ALA C 469 4.50 25.83 9.40
N ARG C 470 5.65 25.76 10.07
CA ARG C 470 5.88 24.64 10.98
C ARG C 470 5.16 24.82 12.30
N GLY C 471 4.81 26.05 12.66
CA GLY C 471 4.17 26.27 13.94
C GLY C 471 2.68 26.39 13.82
N PHE C 472 2.12 25.74 12.81
CA PHE C 472 0.70 25.85 12.51
C PHE C 472 0.16 24.46 12.22
N GLN C 473 0.25 23.59 13.25
CA GLN C 473 0.08 22.13 13.25
C GLN C 473 -0.96 21.58 12.27
N MET C 474 -0.57 20.52 11.57
CA MET C 474 -1.06 19.90 10.33
C MET C 474 -0.52 20.66 9.13
N LEU C 475 0.44 21.56 9.30
CA LEU C 475 1.19 22.13 8.21
C LEU C 475 2.69 21.99 8.38
N GLY C 476 3.15 21.46 9.50
CA GLY C 476 4.56 21.34 9.81
C GLY C 476 5.39 20.50 8.87
N PRO C 477 5.18 19.18 8.84
CA PRO C 477 6.09 18.31 8.10
C PRO C 477 5.96 18.39 6.59
N PHE C 478 5.04 19.20 6.05
CA PHE C 478 5.03 19.38 4.61
C PHE C 478 6.26 20.12 4.13
N THR C 479 6.75 21.05 4.93
CA THR C 479 8.02 21.68 4.62
C THR C 479 9.17 20.69 4.77
N ILE C 480 9.04 19.76 5.72
CA ILE C 480 9.98 18.64 5.81
C ILE C 480 9.86 17.76 4.57
N MET C 481 8.65 17.60 4.03
CA MET C 481 8.48 16.80 2.82
C MET C 481 9.21 17.43 1.63
N ILE C 482 9.20 18.75 1.52
CA ILE C 482 9.82 19.40 0.37
C ILE C 482 11.33 19.22 0.42
N GLN C 483 11.91 19.31 1.62
CA GLN C 483 13.32 19.00 1.79
C GLN C 483 13.60 17.53 1.53
N LYS C 484 12.64 16.66 1.87
CA LYS C 484 12.84 15.24 1.59
C LYS C 484 12.72 14.94 0.11
N MET C 485 11.93 15.72 -0.64
CA MET C 485 11.85 15.46 -2.07
C MET C 485 13.11 15.93 -2.78
N ILE C 486 13.57 17.14 -2.48
CA ILE C 486 14.60 17.79 -3.27
C ILE C 486 15.96 17.17 -2.97
N PHE C 487 16.43 17.32 -1.73
CA PHE C 487 17.75 16.82 -1.42
C PHE C 487 17.75 15.34 -1.13
N GLY C 488 16.57 14.71 -1.04
CA GLY C 488 16.50 13.30 -0.77
C GLY C 488 16.23 12.46 -1.99
N ASP C 489 15.40 12.95 -2.91
CA ASP C 489 15.04 12.18 -4.10
C ASP C 489 15.32 12.91 -5.40
N LEU C 490 15.05 14.21 -5.46
CA LEU C 490 15.09 14.90 -6.75
C LEU C 490 16.51 15.14 -7.21
N MET C 491 17.40 15.55 -6.31
CA MET C 491 18.76 15.82 -6.72
C MET C 491 19.56 14.55 -6.98
N ARG C 492 19.08 13.40 -6.54
CA ARG C 492 19.61 12.13 -7.00
C ARG C 492 18.76 11.57 -8.13
N PHE C 493 17.94 12.41 -8.74
CA PHE C 493 17.18 12.06 -9.93
C PHE C 493 17.36 13.07 -11.05
N CYS C 494 17.80 14.30 -10.74
CA CYS C 494 18.05 15.30 -11.78
C CYS C 494 19.21 14.89 -12.66
N TRP C 495 20.10 14.06 -12.14
CA TRP C 495 21.14 13.46 -12.96
C TRP C 495 20.56 12.47 -13.97
N LEU C 496 19.33 11.99 -13.74
CA LEU C 496 18.72 11.14 -14.75
C LEU C 496 18.01 11.97 -15.80
N MET C 497 17.36 13.06 -15.39
CA MET C 497 16.62 13.89 -16.33
C MET C 497 17.55 14.67 -17.24
N ALA C 498 18.72 15.04 -16.74
CA ALA C 498 19.68 15.80 -17.54
C ALA C 498 20.33 14.95 -18.61
N VAL C 499 20.30 13.62 -18.46
CA VAL C 499 20.77 12.74 -19.51
C VAL C 499 19.84 12.77 -20.70
N VAL C 500 18.55 12.57 -20.45
CA VAL C 500 17.56 12.53 -21.52
C VAL C 500 17.40 13.88 -22.17
N ILE C 501 17.40 14.95 -21.37
CA ILE C 501 17.09 16.26 -21.91
C ILE C 501 18.26 16.80 -22.71
N LEU C 502 19.48 16.32 -22.46
CA LEU C 502 20.59 16.75 -23.30
C LEU C 502 20.77 15.84 -24.49
N GLY C 503 19.91 14.85 -24.66
CA GLY C 503 19.88 14.14 -25.90
C GLY C 503 18.93 14.80 -26.88
N PHE C 504 17.67 14.90 -26.47
CA PHE C 504 16.62 15.29 -27.40
C PHE C 504 16.72 16.75 -27.79
N ALA C 505 17.10 17.62 -26.85
CA ALA C 505 17.31 19.02 -27.20
C ALA C 505 18.53 19.15 -28.10
N SER C 506 19.55 18.35 -27.85
CA SER C 506 20.65 18.31 -28.79
C SER C 506 20.23 17.65 -30.09
N ALA C 507 19.27 16.73 -30.03
CA ALA C 507 18.77 16.12 -31.25
C ALA C 507 17.99 17.13 -32.07
N PHE C 508 16.98 17.76 -31.46
CA PHE C 508 16.04 18.61 -32.18
C PHE C 508 16.72 19.84 -32.78
N TYR C 509 17.84 20.27 -32.21
CA TYR C 509 18.63 21.33 -32.82
C TYR C 509 19.22 20.87 -34.14
N ILE C 510 19.57 19.60 -34.22
CA ILE C 510 20.12 19.08 -35.47
C ILE C 510 19.01 18.85 -36.49
N ILE C 511 17.82 18.46 -36.03
CA ILE C 511 16.69 18.34 -36.94
C ILE C 511 16.28 19.70 -37.47
N PHE C 512 16.10 20.66 -36.57
CA PHE C 512 15.58 21.97 -36.94
C PHE C 512 16.68 22.96 -37.25
N GLN C 513 17.90 22.47 -37.47
CA GLN C 513 18.89 23.29 -38.13
C GLN C 513 18.47 23.60 -39.56
N THR C 514 17.78 22.66 -40.20
CA THR C 514 17.32 22.77 -41.57
C THR C 514 16.26 23.85 -41.75
N GLU C 515 15.31 23.92 -40.83
CA GLU C 515 14.10 24.70 -41.05
C GLU C 515 14.29 26.19 -40.80
N ASP C 516 13.49 27.02 -41.45
CA ASP C 516 13.33 28.40 -41.05
C ASP C 516 12.68 28.42 -39.68
N PRO C 517 13.32 29.01 -38.66
CA PRO C 517 12.66 29.08 -37.36
C PRO C 517 11.61 30.17 -37.25
N GLU C 518 11.30 30.89 -38.33
CA GLU C 518 10.20 31.83 -38.30
C GLU C 518 8.87 31.10 -38.12
N GLU C 519 8.68 30.01 -38.84
CA GLU C 519 7.69 29.01 -38.48
C GLU C 519 8.36 28.06 -37.52
N LEU C 520 7.64 27.65 -36.47
CA LEU C 520 8.07 26.63 -35.52
C LEU C 520 9.38 27.05 -34.84
N GLY C 521 9.29 28.11 -34.04
CA GLY C 521 10.47 28.69 -33.43
C GLY C 521 10.84 28.09 -32.09
N HIS C 522 10.49 26.82 -31.91
CA HIS C 522 10.81 26.12 -30.68
C HIS C 522 12.31 25.87 -30.55
N PHE C 523 13.02 25.79 -31.66
CA PHE C 523 14.42 25.39 -31.63
C PHE C 523 15.26 26.25 -32.57
N TYR C 524 15.13 27.57 -32.45
CA TYR C 524 15.95 28.45 -33.27
C TYR C 524 17.41 28.40 -32.87
N ASP C 525 17.70 28.05 -31.63
CA ASP C 525 19.07 27.88 -31.20
C ASP C 525 19.16 26.83 -30.10
N TYR C 526 20.38 26.34 -29.91
CA TYR C 526 20.65 25.38 -28.84
C TYR C 526 20.42 25.88 -27.41
N PRO C 527 20.68 27.15 -27.02
CA PRO C 527 20.43 27.52 -25.61
C PRO C 527 18.98 27.46 -25.21
N MET C 528 18.07 27.87 -26.06
CA MET C 528 16.67 27.77 -25.70
C MET C 528 16.10 26.40 -26.03
N ALA C 529 16.85 25.59 -26.78
CA ALA C 529 16.40 24.25 -27.11
C ALA C 529 16.29 23.37 -25.88
N LEU C 530 17.19 23.57 -24.92
CA LEU C 530 17.07 22.90 -23.63
C LEU C 530 15.80 23.31 -22.91
N PHE C 531 15.53 24.62 -22.85
CA PHE C 531 14.33 25.12 -22.21
C PHE C 531 13.09 24.66 -22.94
N SER C 532 13.17 24.49 -24.27
CA SER C 532 12.01 24.09 -25.02
C SER C 532 11.71 22.62 -24.82
N THR C 533 12.74 21.80 -24.69
CA THR C 533 12.51 20.40 -24.40
C THR C 533 12.07 20.20 -22.96
N PHE C 534 12.44 21.14 -22.09
CA PHE C 534 12.24 20.97 -20.65
C PHE C 534 10.77 20.95 -20.29
N GLU C 535 9.95 21.66 -21.03
CA GLU C 535 8.56 21.73 -20.67
C GLU C 535 7.70 20.84 -21.53
N LEU C 536 8.26 20.35 -22.64
CA LEU C 536 7.74 19.13 -23.24
C LEU C 536 7.95 17.96 -22.30
N PHE C 537 9.00 18.02 -21.50
CA PHE C 537 9.29 16.97 -20.54
C PHE C 537 8.38 17.07 -19.33
N LEU C 538 7.96 18.28 -18.98
CA LEU C 538 7.02 18.46 -17.88
C LEU C 538 5.62 18.77 -18.33
N THR C 539 5.33 18.55 -19.62
CA THR C 539 4.00 18.64 -20.21
C THR C 539 3.44 20.06 -20.05
N ILE C 540 4.21 21.01 -20.55
CA ILE C 540 3.75 22.39 -20.45
C ILE C 540 3.66 23.01 -21.85
N ILE C 541 4.79 23.05 -22.57
CA ILE C 541 4.75 23.57 -23.93
C ILE C 541 3.98 22.60 -24.80
N ASP C 542 3.23 23.17 -25.76
CA ASP C 542 2.09 22.49 -26.38
C ASP C 542 2.51 21.40 -27.35
N GLY C 543 3.80 21.27 -27.62
CA GLY C 543 4.24 20.37 -28.65
C GLY C 543 4.39 21.13 -29.94
N PRO C 544 5.60 21.14 -30.49
CA PRO C 544 5.85 21.90 -31.72
C PRO C 544 5.18 21.24 -32.91
N ALA C 545 4.21 21.94 -33.49
CA ALA C 545 3.49 21.47 -34.66
C ALA C 545 3.01 22.68 -35.43
N ASN C 546 3.28 22.71 -36.73
CA ASN C 546 2.94 23.87 -37.55
C ASN C 546 1.63 23.71 -38.30
N TYR C 547 1.51 22.65 -39.09
CA TYR C 547 0.41 22.24 -39.97
C TYR C 547 0.26 23.08 -41.22
N ASN C 548 0.99 24.19 -41.33
CA ASN C 548 1.05 24.89 -42.60
C ASN C 548 1.95 24.13 -43.56
N VAL C 549 3.18 23.87 -43.15
CA VAL C 549 4.14 23.15 -43.97
C VAL C 549 4.29 21.76 -43.40
N ASP C 550 4.98 20.91 -44.16
CA ASP C 550 5.36 19.61 -43.62
C ASP C 550 6.56 19.77 -42.70
N LEU C 551 6.61 18.90 -41.71
CA LEU C 551 7.72 18.75 -40.79
C LEU C 551 8.74 17.81 -41.39
N PRO C 552 10.00 17.88 -40.96
CA PRO C 552 10.99 16.90 -41.40
C PRO C 552 10.71 15.55 -40.81
N PHE C 553 11.11 14.52 -41.56
CA PHE C 553 10.65 13.16 -41.29
C PHE C 553 11.26 12.57 -40.03
N MET C 554 12.50 12.93 -39.71
CA MET C 554 13.11 12.37 -38.52
C MET C 554 12.53 12.96 -37.25
N TYR C 555 11.90 14.13 -37.36
CA TYR C 555 11.20 14.73 -36.23
C TYR C 555 10.07 13.85 -35.73
N SER C 556 9.26 13.32 -36.65
CA SER C 556 8.03 12.65 -36.26
C SER C 556 8.31 11.37 -35.51
N ILE C 557 9.36 10.66 -35.89
CA ILE C 557 9.75 9.48 -35.13
C ILE C 557 10.32 9.89 -33.78
N THR C 558 11.24 10.86 -33.79
CA THR C 558 12.01 11.18 -32.59
C THR C 558 11.16 11.82 -31.52
N TYR C 559 10.31 12.75 -31.90
CA TYR C 559 9.45 13.40 -30.92
C TYR C 559 8.38 12.45 -30.41
N ALA C 560 8.01 11.46 -31.23
CA ALA C 560 7.18 10.40 -30.70
C ALA C 560 7.97 9.52 -29.74
N ALA C 561 9.22 9.22 -30.06
CA ALA C 561 10.04 8.44 -29.15
C ALA C 561 10.38 9.24 -27.90
N PHE C 562 10.47 10.57 -28.04
CA PHE C 562 10.58 11.42 -26.87
C PHE C 562 9.34 11.35 -26.01
N ALA C 563 8.18 11.18 -26.63
CA ALA C 563 6.94 11.15 -25.87
C ALA C 563 6.85 9.87 -25.03
N ILE C 564 7.23 8.73 -25.59
CA ILE C 564 7.09 7.48 -24.86
C ILE C 564 8.08 7.42 -23.70
N ILE C 565 9.35 7.73 -23.97
CA ILE C 565 10.38 7.55 -22.97
C ILE C 565 10.34 8.63 -21.91
N ALA C 566 9.63 9.72 -22.15
CA ALA C 566 9.77 10.78 -21.16
C ALA C 566 8.45 11.32 -20.65
N THR C 567 7.43 11.41 -21.49
CA THR C 567 6.21 12.11 -21.06
C THR C 567 5.40 11.27 -20.10
N LEU C 568 5.22 9.99 -20.40
CA LEU C 568 4.53 9.13 -19.47
C LEU C 568 5.47 8.33 -18.61
N LEU C 569 6.67 8.04 -19.08
CA LEU C 569 7.50 7.06 -18.39
C LEU C 569 8.45 7.72 -17.39
N MET C 570 9.33 8.58 -17.88
CA MET C 570 10.31 9.21 -16.99
C MET C 570 9.66 10.20 -16.06
N LEU C 571 8.53 10.79 -16.47
CA LEU C 571 7.85 11.72 -15.59
C LEU C 571 7.15 11.00 -14.45
N ASN C 572 6.38 9.96 -14.76
CA ASN C 572 5.61 9.28 -13.72
C ASN C 572 6.48 8.49 -12.77
N LEU C 573 7.62 8.01 -13.23
CA LEU C 573 8.53 7.30 -12.34
C LEU C 573 9.13 8.26 -11.32
N LEU C 574 9.22 9.54 -11.67
CA LEU C 574 9.53 10.54 -10.66
C LEU C 574 8.37 10.72 -9.70
N ILE C 575 7.14 10.63 -10.21
CA ILE C 575 5.96 10.85 -9.37
C ILE C 575 5.80 9.71 -8.38
N ALA C 576 6.15 8.49 -8.78
CA ALA C 576 6.09 7.39 -7.84
C ALA C 576 7.16 7.51 -6.77
N MET C 577 8.29 8.16 -7.08
CA MET C 577 9.26 8.48 -6.05
C MET C 577 8.73 9.54 -5.11
N MET C 578 7.98 10.50 -5.65
CA MET C 578 7.26 11.44 -4.80
C MET C 578 6.19 10.70 -4.02
N GLY C 579 5.51 9.75 -4.68
CA GLY C 579 4.45 9.02 -4.04
C GLY C 579 4.96 7.98 -3.05
N ASP C 580 6.25 7.66 -3.11
CA ASP C 580 6.80 6.75 -2.12
C ASP C 580 7.16 7.49 -0.84
N THR C 581 7.83 8.63 -0.96
CA THR C 581 8.39 9.26 0.21
C THR C 581 7.32 10.00 1.00
N HIS C 582 6.23 10.38 0.32
CA HIS C 582 5.08 10.95 1.01
C HIS C 582 4.48 9.97 1.99
N TRP C 583 4.41 8.70 1.62
CA TRP C 583 3.92 7.68 2.52
C TRP C 583 4.97 7.35 3.58
N ARG C 584 6.24 7.63 3.29
CA ARG C 584 7.25 7.44 4.31
C ARG C 584 7.19 8.53 5.37
N VAL C 585 6.83 9.75 5.00
CA VAL C 585 6.83 10.83 5.97
C VAL C 585 5.61 10.77 6.88
N ALA C 586 4.42 10.63 6.28
CA ALA C 586 3.19 10.68 7.04
C ALA C 586 2.98 9.46 7.94
N HIS C 587 3.69 8.37 7.69
CA HIS C 587 3.68 7.24 8.62
C HIS C 587 4.44 7.56 9.89
N GLU C 588 5.37 8.52 9.83
CA GLU C 588 6.12 9.03 10.98
C GLU C 588 5.93 10.54 11.13
N ARG C 589 4.68 10.99 11.06
CA ARG C 589 4.38 12.40 10.84
C ARG C 589 4.72 13.26 12.05
N ASP C 590 4.03 13.01 13.16
CA ASP C 590 4.13 13.89 14.33
C ASP C 590 5.52 13.80 14.97
N GLU C 591 6.23 12.72 14.71
CA GLU C 591 7.62 12.56 15.10
C GLU C 591 8.48 13.65 14.49
N LEU C 592 8.47 13.74 13.16
CA LEU C 592 9.27 14.76 12.49
C LEU C 592 8.65 16.14 12.67
N TRP C 593 7.36 16.18 13.00
CA TRP C 593 6.79 17.43 13.48
C TRP C 593 7.40 17.80 14.83
N ARG C 594 7.56 16.81 15.70
CA ARG C 594 8.06 17.09 17.05
C ARG C 594 9.52 17.50 16.98
N ALA C 595 10.28 16.85 16.09
CA ALA C 595 11.67 17.25 15.88
C ALA C 595 11.76 18.62 15.25
N GLN C 596 10.75 19.01 14.47
CA GLN C 596 10.74 20.34 13.91
C GLN C 596 10.55 21.40 14.97
N ILE C 597 9.73 21.12 15.99
CA ILE C 597 9.40 22.11 17.01
C ILE C 597 10.60 22.42 17.87
N VAL C 598 11.32 21.39 18.30
CA VAL C 598 12.40 21.53 19.27
C VAL C 598 13.56 22.30 18.67
N ALA C 599 13.98 21.91 17.47
CA ALA C 599 15.09 22.58 16.80
C ALA C 599 14.72 24.01 16.43
N THR C 600 13.43 24.27 16.21
CA THR C 600 12.98 25.65 16.08
C THR C 600 13.07 26.37 17.41
N THR C 601 12.78 25.67 18.50
CA THR C 601 12.61 26.33 19.78
C THR C 601 13.94 26.78 20.36
N VAL C 602 14.93 25.88 20.38
CA VAL C 602 16.24 26.19 20.94
C VAL C 602 16.93 27.24 20.10
N MET C 603 16.71 27.21 18.78
CA MET C 603 17.21 28.24 17.89
C MET C 603 16.58 29.59 18.19
N LEU C 604 15.32 29.60 18.63
CA LEU C 604 14.72 30.84 19.09
C LEU C 604 15.28 31.29 20.42
N GLU C 605 15.77 30.37 21.25
CA GLU C 605 16.24 30.77 22.57
C GLU C 605 17.61 31.41 22.50
N ARG C 606 18.45 30.94 21.59
CA ARG C 606 19.80 31.47 21.50
C ARG C 606 19.86 32.84 20.84
N LYS C 607 18.75 33.33 20.30
CA LYS C 607 18.71 34.63 19.66
C LYS C 607 17.64 35.52 20.27
N LEU C 608 17.05 35.12 21.40
CA LEU C 608 16.16 35.97 22.16
C LEU C 608 16.64 36.02 23.60
N PRO C 609 16.68 37.20 24.21
CA PRO C 609 17.21 37.33 25.57
C PRO C 609 16.23 36.90 26.64
N ARG C 610 16.59 37.11 27.89
CA ARG C 610 15.72 36.78 29.01
C ARG C 610 14.74 37.92 29.24
N CYS C 611 14.00 37.85 30.35
CA CYS C 611 13.01 38.85 30.82
C CYS C 611 11.81 38.96 29.88
N LEU C 612 11.76 38.06 28.90
CA LEU C 612 10.65 37.89 27.99
C LEU C 612 10.39 36.40 27.90
N TRP C 613 11.41 35.63 28.25
CA TRP C 613 11.39 34.17 28.28
C TRP C 613 11.85 33.69 29.65
N PRO C 614 10.97 33.23 30.52
CA PRO C 614 11.43 32.49 31.69
C PRO C 614 11.78 31.07 31.27
N ARG C 615 12.77 30.50 31.95
CA ARG C 615 13.10 29.11 31.72
C ARG C 615 11.99 28.23 32.28
N SER C 616 11.48 27.34 31.44
CA SER C 616 10.23 26.65 31.74
C SER C 616 10.43 25.62 32.85
N GLY C 617 9.31 25.17 33.40
CA GLY C 617 9.36 24.40 34.62
C GLY C 617 9.46 25.28 35.85
N ILE C 618 8.75 24.88 36.90
CA ILE C 618 8.66 25.73 38.07
C ILE C 618 9.93 25.60 38.90
N CYS C 619 10.17 26.58 39.76
CA CYS C 619 11.45 26.68 40.44
C CYS C 619 11.41 25.95 41.77
N GLY C 620 12.58 25.88 42.39
CA GLY C 620 12.72 25.31 43.72
C GLY C 620 13.08 26.37 44.73
N ARG C 621 13.69 25.93 45.85
CA ARG C 621 14.31 26.75 46.90
C ARG C 621 13.32 27.52 47.77
N GLU C 622 12.06 27.51 47.38
CA GLU C 622 11.02 28.16 48.17
C GLU C 622 9.93 27.14 48.41
N TYR C 623 9.82 26.21 47.47
CA TYR C 623 9.03 25.00 47.70
C TYR C 623 9.92 23.92 48.28
N GLY C 624 11.22 24.18 48.36
CA GLY C 624 12.09 23.49 49.27
C GLY C 624 12.74 22.23 48.77
N LEU C 625 13.40 22.29 47.62
CA LEU C 625 14.24 21.15 47.24
C LEU C 625 15.62 21.63 46.84
N GLY C 626 15.71 22.82 46.25
CA GLY C 626 16.99 23.31 45.79
C GLY C 626 16.92 24.00 44.45
N ASP C 627 18.08 24.23 43.83
CA ASP C 627 18.15 25.01 42.61
C ASP C 627 17.69 24.24 41.38
N ARG C 628 17.45 22.94 41.53
CA ARG C 628 16.90 22.15 40.43
C ARG C 628 15.46 22.57 40.18
N TRP C 629 15.12 22.80 38.91
CA TRP C 629 13.80 23.31 38.54
C TRP C 629 12.96 22.16 38.02
N PHE C 630 11.73 22.06 38.49
CA PHE C 630 10.96 20.85 38.28
C PHE C 630 9.74 21.12 37.40
N LEU C 631 9.16 20.03 36.88
CA LEU C 631 7.85 20.04 36.28
C LEU C 631 7.20 18.71 36.58
N ARG C 632 5.91 18.74 36.85
CA ARG C 632 5.18 17.54 37.20
C ARG C 632 4.21 17.18 36.07
N VAL C 633 3.85 15.91 36.05
CA VAL C 633 2.96 15.40 35.02
C VAL C 633 2.15 14.27 35.64
N GLU C 634 0.93 14.11 35.15
CA GLU C 634 -0.03 13.18 35.72
C GLU C 634 -0.30 12.10 34.70
N ASP C 635 -0.80 10.95 35.16
CA ASP C 635 -1.14 9.86 34.26
C ASP C 635 -2.16 8.94 34.90
N ARG C 636 -3.05 8.37 34.10
CA ARG C 636 -3.79 7.23 34.56
C ARG C 636 -2.89 6.00 34.45
N GLN C 637 -3.24 4.95 35.22
CA GLN C 637 -2.53 3.68 35.17
C GLN C 637 -2.55 3.08 33.77
N ASP C 638 -3.73 3.07 33.14
CA ASP C 638 -3.85 2.62 31.76
C ASP C 638 -4.98 3.38 31.07
N SER D 28 -2.15 27.66 31.85
CA SER D 28 -1.83 28.67 32.84
C SER D 28 -2.45 28.31 34.18
N TRP D 29 -3.70 27.82 34.13
CA TRP D 29 -4.37 27.39 35.34
C TRP D 29 -3.76 26.10 35.88
N ALA D 30 -3.25 25.26 34.98
CA ALA D 30 -2.60 24.02 35.39
C ALA D 30 -1.30 24.32 36.12
N GLN D 31 -0.62 25.39 35.72
CA GLN D 31 0.54 25.86 36.47
C GLN D 31 0.11 26.36 37.85
N SER D 32 -1.05 27.01 37.92
CA SER D 32 -1.59 27.42 39.20
C SER D 32 -2.05 26.21 40.01
N ARG D 33 -2.43 25.13 39.32
CA ARG D 33 -2.62 23.86 40.01
C ARG D 33 -1.28 23.31 40.51
N ASP D 34 -0.22 23.53 39.74
CA ASP D 34 1.09 23.01 40.13
C ASP D 34 1.75 23.92 41.15
N GLU D 35 1.53 25.23 41.04
CA GLU D 35 2.03 26.17 42.03
C GLU D 35 1.35 25.94 43.38
N GLN D 36 0.09 25.53 43.35
CA GLN D 36 -0.59 25.20 44.60
C GLN D 36 -0.09 23.87 45.14
N ASN D 37 0.37 22.98 44.25
CA ASN D 37 0.66 21.63 44.67
C ASN D 37 1.99 21.55 45.40
N LEU D 38 3.01 22.26 44.91
CA LEU D 38 4.32 22.22 45.56
C LEU D 38 4.29 22.99 46.87
N LEU D 39 3.42 24.00 46.95
CA LEU D 39 3.25 24.75 48.19
C LEU D 39 2.66 23.87 49.28
N GLN D 40 1.84 22.90 48.88
CA GLN D 40 1.36 21.89 49.81
C GLN D 40 2.50 20.98 50.25
N GLN D 41 3.47 20.74 49.37
CA GLN D 41 4.60 19.90 49.73
C GLN D 41 5.56 20.64 50.64
N LYS D 42 5.67 21.95 50.46
CA LYS D 42 6.48 22.74 51.38
C LYS D 42 5.78 22.90 52.71
N ARG D 43 4.44 22.88 52.69
CA ARG D 43 3.65 23.02 53.91
C ARG D 43 3.83 21.80 54.80
N ILE D 44 3.78 20.60 54.20
CA ILE D 44 3.93 19.39 55.00
C ILE D 44 5.38 19.22 55.43
N TRP D 45 6.29 19.85 54.70
CA TRP D 45 7.70 19.75 55.02
C TRP D 45 8.03 20.54 56.29
N GLU D 46 7.25 21.58 56.57
CA GLU D 46 7.54 22.42 57.72
C GLU D 46 6.81 21.97 58.97
N SER D 47 5.58 21.47 58.82
CA SER D 47 4.82 21.03 59.98
C SER D 47 5.36 19.69 60.46
N PRO D 48 5.69 19.56 61.75
CA PRO D 48 6.22 18.29 62.24
C PRO D 48 5.17 17.21 62.36
N LEU D 49 3.91 17.59 62.54
CA LEU D 49 2.84 16.60 62.62
C LEU D 49 2.58 15.96 61.28
N LEU D 50 2.39 16.77 60.24
CA LEU D 50 2.07 16.26 58.92
C LEU D 50 3.26 15.55 58.29
N LEU D 51 4.48 15.98 58.60
CA LEU D 51 5.65 15.24 58.12
C LEU D 51 5.77 13.91 58.86
N ALA D 52 5.35 13.88 60.12
CA ALA D 52 5.20 12.60 60.78
C ALA D 52 4.00 11.82 60.25
N ALA D 53 3.04 12.51 59.65
CA ALA D 53 1.91 11.81 59.06
C ALA D 53 2.23 11.25 57.68
N LYS D 54 3.42 11.55 57.16
CA LYS D 54 3.83 10.99 55.87
C LYS D 54 4.07 9.49 55.97
N ASP D 55 4.96 9.08 56.87
CA ASP D 55 5.17 7.67 57.12
C ASP D 55 4.71 7.33 58.53
N ASN D 56 4.11 6.14 58.69
CA ASN D 56 3.53 5.74 59.97
C ASN D 56 4.62 5.36 60.99
N ASP D 57 5.26 6.39 61.52
CA ASP D 57 6.22 6.24 62.61
C ASP D 57 5.45 6.47 63.91
N VAL D 58 4.85 5.39 64.42
CA VAL D 58 3.88 5.49 65.50
C VAL D 58 4.58 5.89 66.81
N GLN D 59 5.81 5.41 67.01
CA GLN D 59 6.60 5.82 68.17
C GLN D 59 6.91 7.30 68.12
N ALA D 60 7.16 7.84 66.93
CA ALA D 60 7.29 9.28 66.78
C ALA D 60 5.97 9.98 66.98
N LEU D 61 4.86 9.31 66.64
CA LEU D 61 3.55 9.94 66.76
C LEU D 61 3.09 10.05 68.21
N ASN D 62 3.27 9.00 69.00
CA ASN D 62 2.73 9.01 70.35
C ASN D 62 3.49 9.97 71.25
N LYS D 63 4.77 10.19 70.96
CA LYS D 63 5.49 11.29 71.58
C LYS D 63 4.96 12.63 71.10
N LEU D 64 4.48 12.68 69.86
CA LEU D 64 4.00 13.92 69.28
C LEU D 64 2.54 14.17 69.61
N LEU D 65 1.73 13.11 69.63
CA LEU D 65 0.30 13.27 69.86
C LEU D 65 -0.09 13.01 71.31
N LYS D 66 0.29 11.86 71.86
CA LYS D 66 -0.23 11.46 73.16
C LYS D 66 0.45 12.21 74.30
N TYR D 67 1.71 12.59 74.14
CA TYR D 67 2.41 13.24 75.23
C TYR D 67 2.04 14.72 75.30
N GLU D 68 2.36 15.48 74.27
CA GLU D 68 2.14 16.91 74.28
C GLU D 68 0.81 17.26 73.64
N ASP D 69 0.42 18.53 73.80
CA ASP D 69 -0.84 19.00 73.27
C ASP D 69 -0.63 19.69 71.94
N CYS D 70 -0.99 19.00 70.86
CA CYS D 70 -0.87 19.54 69.52
C CYS D 70 -2.27 19.79 68.97
N LYS D 71 -2.44 20.91 68.28
CA LYS D 71 -3.69 21.15 67.57
C LYS D 71 -3.81 20.18 66.40
N VAL D 72 -5.04 19.79 66.11
CA VAL D 72 -5.29 18.83 65.04
C VAL D 72 -5.81 19.51 63.79
N HIS D 73 -6.06 20.81 63.83
CA HIS D 73 -6.64 21.55 62.71
C HIS D 73 -5.56 22.25 61.91
N GLN D 74 -4.42 21.60 61.76
CA GLN D 74 -3.28 22.15 61.04
C GLN D 74 -3.58 22.08 59.55
N ARG D 75 -3.97 23.21 58.97
CA ARG D 75 -4.46 23.23 57.60
C ARG D 75 -3.29 23.36 56.65
N GLY D 76 -3.35 22.62 55.54
CA GLY D 76 -2.31 22.66 54.53
C GLY D 76 -2.46 23.85 53.61
N ALA D 77 -1.94 23.72 52.40
CA ALA D 77 -2.06 24.81 51.44
C ALA D 77 -3.46 24.92 50.86
N MET D 78 -4.25 23.85 50.93
CA MET D 78 -5.64 23.89 50.49
C MET D 78 -6.57 23.14 51.45
N GLY D 79 -6.18 22.97 52.71
CA GLY D 79 -7.13 22.49 53.70
C GLY D 79 -6.85 21.11 54.24
N GLU D 80 -5.57 20.79 54.40
CA GLU D 80 -5.18 19.46 54.83
C GLU D 80 -5.45 19.25 56.31
N THR D 81 -5.51 17.98 56.69
CA THR D 81 -5.26 17.51 58.03
C THR D 81 -4.27 16.37 57.95
N ALA D 82 -3.72 16.00 59.11
CA ALA D 82 -2.94 14.77 59.20
C ALA D 82 -3.81 13.55 58.95
N LEU D 83 -5.10 13.66 59.28
CA LEU D 83 -6.04 12.59 58.98
C LEU D 83 -6.24 12.42 57.48
N HIS D 84 -6.09 13.49 56.72
CA HIS D 84 -6.15 13.37 55.26
C HIS D 84 -4.88 12.76 54.71
N ILE D 85 -3.74 13.08 55.30
CA ILE D 85 -2.45 12.69 54.74
C ILE D 85 -2.21 11.19 54.88
N ALA D 86 -2.43 10.65 56.08
CA ALA D 86 -2.23 9.22 56.28
C ALA D 86 -3.25 8.40 55.51
N ALA D 87 -4.41 8.99 55.24
CA ALA D 87 -5.39 8.35 54.36
C ALA D 87 -4.93 8.41 52.92
N LEU D 88 -4.02 9.32 52.58
CA LEU D 88 -3.68 9.52 51.19
C LEU D 88 -2.34 8.87 50.85
N TYR D 89 -1.52 8.62 51.83
CA TYR D 89 -0.22 7.98 51.60
C TYR D 89 -0.17 6.57 52.15
N ASP D 90 -1.36 6.01 52.39
CA ASP D 90 -1.57 4.63 52.82
C ASP D 90 -0.89 4.31 54.15
N ASN D 91 -1.19 5.13 55.16
CA ASN D 91 -0.80 4.81 56.53
C ASN D 91 -2.05 4.43 57.31
N LEU D 92 -2.34 3.13 57.31
CA LEU D 92 -3.43 2.60 58.11
C LEU D 92 -3.16 2.77 59.60
N GLU D 93 -1.95 2.45 60.03
CA GLU D 93 -1.66 2.37 61.46
C GLU D 93 -1.52 3.76 62.07
N ALA D 94 -1.05 4.73 61.28
CA ALA D 94 -0.94 6.09 61.79
C ALA D 94 -2.32 6.71 61.97
N ALA D 95 -3.26 6.37 61.10
CA ALA D 95 -4.61 6.89 61.23
C ALA D 95 -5.34 6.29 62.41
N MET D 96 -4.93 5.09 62.85
CA MET D 96 -5.48 4.50 64.06
C MET D 96 -5.15 5.34 65.29
N VAL D 97 -3.96 5.93 65.33
CA VAL D 97 -3.62 6.87 66.38
C VAL D 97 -4.44 8.14 66.21
N LEU D 98 -4.73 8.52 64.97
CA LEU D 98 -5.48 9.74 64.70
C LEU D 98 -6.94 9.63 65.14
N MET D 99 -7.48 8.42 65.20
CA MET D 99 -8.88 8.28 65.59
C MET D 99 -9.08 8.49 67.08
N GLU D 100 -8.10 8.13 67.89
CA GLU D 100 -8.18 8.45 69.31
C GLU D 100 -8.02 9.94 69.54
N ALA D 101 -7.08 10.56 68.82
CA ALA D 101 -6.83 11.97 69.04
C ALA D 101 -7.88 12.85 68.39
N ALA D 102 -8.33 12.50 67.19
CA ALA D 102 -9.26 13.32 66.43
C ALA D 102 -10.57 12.56 66.24
N PRO D 103 -11.57 12.81 67.09
CA PRO D 103 -12.89 12.20 66.88
C PRO D 103 -13.69 12.91 65.80
N GLU D 104 -13.32 14.12 65.42
CA GLU D 104 -14.17 14.93 64.57
C GLU D 104 -13.52 15.38 63.26
N LEU D 105 -12.29 14.96 62.99
CA LEU D 105 -11.69 15.28 61.70
C LEU D 105 -12.13 14.34 60.59
N VAL D 106 -12.94 13.33 60.90
CA VAL D 106 -13.65 12.61 59.84
C VAL D 106 -14.68 13.52 59.21
N PHE D 107 -15.24 14.41 60.01
CA PHE D 107 -16.22 15.39 59.55
C PHE D 107 -15.53 16.64 59.01
N GLU D 108 -14.60 16.43 58.09
CA GLU D 108 -13.76 17.52 57.61
C GLU D 108 -13.61 17.44 56.10
N PRO D 109 -14.23 18.35 55.36
CA PRO D 109 -14.02 18.37 53.91
C PRO D 109 -12.71 19.04 53.54
N MET D 110 -12.14 18.69 52.39
CA MET D 110 -11.03 19.45 51.84
C MET D 110 -11.54 20.82 51.40
N THR D 111 -10.71 21.85 51.54
CA THR D 111 -11.26 23.21 51.64
C THR D 111 -11.57 23.85 50.29
N SER D 112 -10.57 24.08 49.45
CA SER D 112 -10.82 25.03 48.38
C SER D 112 -10.02 24.77 47.12
N GLU D 113 -10.64 25.17 46.01
CA GLU D 113 -10.08 25.60 44.72
C GLU D 113 -9.56 24.48 43.84
N LEU D 114 -9.30 23.36 44.42
CA LEU D 114 -9.26 22.14 43.61
C LEU D 114 -10.08 21.05 44.28
N TYR D 115 -9.98 20.95 45.59
CA TYR D 115 -10.65 19.90 46.35
C TYR D 115 -11.62 20.60 47.28
N GLU D 116 -12.91 20.53 46.96
CA GLU D 116 -13.93 21.20 47.74
C GLU D 116 -14.96 20.14 48.11
N GLY D 117 -15.10 19.86 49.40
CA GLY D 117 -16.00 18.83 49.83
C GLY D 117 -15.43 17.43 49.80
N GLN D 118 -14.12 17.29 49.67
CA GLN D 118 -13.50 15.97 49.70
C GLN D 118 -13.12 15.63 51.13
N THR D 119 -13.53 14.47 51.61
CA THR D 119 -13.13 14.02 52.92
C THR D 119 -12.29 12.76 52.79
N ALA D 120 -11.79 12.28 53.93
CA ALA D 120 -10.94 11.10 53.92
C ALA D 120 -11.73 9.83 53.65
N LEU D 121 -13.06 9.88 53.77
CA LEU D 121 -13.87 8.75 53.33
C LEU D 121 -13.76 8.56 51.83
N HIS D 122 -13.68 9.66 51.08
CA HIS D 122 -13.40 9.55 49.64
C HIS D 122 -12.02 8.98 49.40
N ILE D 123 -11.04 9.43 50.19
CA ILE D 123 -9.65 9.17 49.89
C ILE D 123 -9.30 7.71 50.11
N ALA D 124 -9.83 7.11 51.18
CA ALA D 124 -9.57 5.71 51.47
C ALA D 124 -10.18 4.79 50.42
N VAL D 125 -11.24 5.24 49.74
CA VAL D 125 -11.83 4.45 48.67
C VAL D 125 -10.89 4.40 47.48
N VAL D 126 -10.27 5.53 47.15
CA VAL D 126 -9.48 5.68 45.93
C VAL D 126 -8.26 4.76 45.95
N ASN D 127 -7.72 4.47 47.13
CA ASN D 127 -6.61 3.55 47.24
C ASN D 127 -7.05 2.12 47.48
N GLN D 128 -8.22 1.77 46.96
CA GLN D 128 -8.76 0.42 46.71
C GLN D 128 -9.19 -0.35 47.95
N ASN D 129 -8.72 0.06 49.13
CA ASN D 129 -9.09 -0.40 50.47
C ASN D 129 -8.21 0.36 51.45
N MET D 130 -8.67 0.43 52.69
CA MET D 130 -7.74 0.61 53.81
C MET D 130 -8.09 -0.27 54.99
N ASN D 131 -9.35 -0.68 55.14
CA ASN D 131 -10.08 -1.18 56.31
C ASN D 131 -10.28 -0.09 57.36
N LEU D 132 -9.66 1.07 57.19
CA LEU D 132 -10.16 2.31 57.74
C LEU D 132 -11.49 2.66 57.12
N VAL D 133 -11.71 2.23 55.89
CA VAL D 133 -13.02 2.20 55.23
C VAL D 133 -14.07 1.62 56.16
N ARG D 134 -13.77 0.49 56.79
CA ARG D 134 -14.65 -0.06 57.80
C ARG D 134 -14.59 0.75 59.09
N ALA D 135 -13.44 1.36 59.39
CA ALA D 135 -13.30 2.09 60.63
C ALA D 135 -13.86 3.50 60.56
N LEU D 136 -13.86 4.11 59.37
CA LEU D 136 -14.48 5.43 59.24
C LEU D 136 -15.98 5.36 59.46
N LEU D 137 -16.61 4.29 58.98
CA LEU D 137 -18.01 4.09 59.30
C LEU D 137 -18.18 3.61 60.74
N ALA D 138 -17.15 2.99 61.31
CA ALA D 138 -17.16 2.73 62.74
C ALA D 138 -17.01 4.00 63.55
N ARG D 139 -16.38 5.03 62.99
CA ARG D 139 -16.43 6.37 63.55
C ARG D 139 -17.56 7.19 62.96
N ARG D 140 -18.48 6.55 62.22
CA ARG D 140 -19.66 7.14 61.60
C ARG D 140 -19.28 8.24 60.61
N ALA D 141 -18.61 7.83 59.54
CA ALA D 141 -18.30 8.77 58.46
C ALA D 141 -19.56 9.09 57.66
N SER D 142 -19.51 10.20 56.93
CA SER D 142 -20.66 10.65 56.14
C SER D 142 -20.47 10.26 54.68
N VAL D 143 -21.27 9.29 54.21
CA VAL D 143 -21.18 8.86 52.82
C VAL D 143 -21.94 9.75 51.87
N SER D 144 -22.64 10.76 52.37
CA SER D 144 -23.36 11.69 51.52
C SER D 144 -22.52 12.92 51.18
N ALA D 145 -21.23 12.86 51.48
CA ALA D 145 -20.35 14.01 51.25
C ALA D 145 -20.13 14.22 49.76
N ARG D 146 -20.22 15.46 49.33
CA ARG D 146 -20.19 15.81 47.91
C ARG D 146 -18.85 16.47 47.59
N ALA D 147 -18.09 15.84 46.69
CA ALA D 147 -16.82 16.39 46.23
C ALA D 147 -17.07 17.35 45.09
N THR D 148 -17.42 18.59 45.46
CA THR D 148 -17.79 19.61 44.50
C THR D 148 -16.61 20.44 44.00
N GLY D 149 -15.40 19.92 44.12
CA GLY D 149 -14.22 20.66 43.73
C GLY D 149 -14.10 20.82 42.23
N THR D 150 -13.16 21.69 41.85
CA THR D 150 -12.87 21.89 40.43
C THR D 150 -12.10 20.70 39.88
N ALA D 151 -11.22 20.12 40.69
CA ALA D 151 -10.40 19.00 40.24
C ALA D 151 -11.17 17.68 40.18
N PHE D 152 -12.47 17.68 40.42
CA PHE D 152 -13.29 16.52 40.16
C PHE D 152 -14.28 16.72 39.04
N ARG D 153 -14.51 17.96 38.62
CA ARG D 153 -15.51 18.26 37.62
C ARG D 153 -15.02 17.80 36.24
N ARG D 154 -15.99 17.45 35.39
CA ARG D 154 -15.74 16.92 34.06
C ARG D 154 -14.98 17.92 33.20
N SER D 155 -13.79 17.55 32.77
CA SER D 155 -12.90 18.46 32.06
C SER D 155 -11.84 17.67 31.32
N PRO D 156 -11.27 18.22 30.25
CA PRO D 156 -10.01 17.68 29.74
C PRO D 156 -8.81 18.08 30.56
N CYS D 157 -8.97 19.01 31.52
CA CYS D 157 -7.87 19.32 32.42
C CYS D 157 -7.64 18.21 33.42
N ASN D 158 -8.71 17.69 34.03
CA ASN D 158 -8.60 16.52 34.88
C ASN D 158 -8.42 15.29 34.01
N LEU D 159 -7.53 14.40 34.42
CA LEU D 159 -7.39 13.16 33.66
C LEU D 159 -8.41 12.11 34.07
N ILE D 160 -9.25 12.39 35.05
CA ILE D 160 -10.24 11.46 35.55
C ILE D 160 -11.53 12.21 35.82
N TYR D 161 -12.60 11.44 36.02
CA TYR D 161 -13.91 12.02 36.35
C TYR D 161 -14.71 10.96 37.08
N PHE D 162 -14.96 11.18 38.36
CA PHE D 162 -15.71 10.21 39.15
C PHE D 162 -16.85 10.83 39.95
N GLY D 163 -17.26 12.05 39.67
CA GLY D 163 -18.40 12.62 40.35
C GLY D 163 -18.07 13.12 41.73
N GLU D 164 -19.07 13.09 42.61
CA GLU D 164 -18.96 13.67 43.94
C GLU D 164 -18.99 12.66 45.07
N HIS D 165 -19.93 11.82 45.08
CA HIS D 165 -20.18 10.96 46.22
C HIS D 165 -19.21 9.79 46.25
N PRO D 166 -18.81 9.33 47.44
CA PRO D 166 -17.84 8.24 47.52
C PRO D 166 -18.40 6.92 47.04
N LEU D 167 -19.72 6.79 47.01
CA LEU D 167 -20.32 5.65 46.33
C LEU D 167 -19.99 5.66 44.85
N SER D 168 -20.03 6.84 44.23
CA SER D 168 -19.52 6.94 42.87
C SER D 168 -18.01 6.77 42.81
N PHE D 169 -17.31 7.12 43.88
CA PHE D 169 -15.88 6.82 43.90
C PHE D 169 -15.69 5.33 44.12
N ALA D 170 -16.67 4.66 44.71
CA ALA D 170 -16.54 3.24 44.95
C ALA D 170 -16.71 2.43 43.69
N ALA D 171 -17.69 2.78 42.85
CA ALA D 171 -18.02 1.94 41.71
C ALA D 171 -17.01 2.09 40.59
N CYS D 172 -16.34 3.24 40.51
CA CYS D 172 -15.49 3.50 39.36
C CYS D 172 -14.17 2.75 39.46
N VAL D 173 -13.66 2.56 40.67
CA VAL D 173 -12.38 1.90 40.86
C VAL D 173 -12.50 0.39 40.84
N ASN D 174 -13.71 -0.15 40.65
CA ASN D 174 -13.99 -1.58 40.54
C ASN D 174 -13.53 -2.35 41.79
N SER D 175 -14.16 -2.01 42.91
CA SER D 175 -13.85 -2.64 44.20
C SER D 175 -15.19 -3.04 44.82
N GLU D 176 -15.57 -4.30 44.61
CA GLU D 176 -16.97 -4.69 44.74
C GLU D 176 -17.44 -4.72 46.19
N GLU D 177 -16.65 -5.34 47.08
CA GLU D 177 -17.05 -5.42 48.48
C GLU D 177 -16.99 -4.06 49.14
N ILE D 178 -16.07 -3.21 48.69
CA ILE D 178 -15.97 -1.85 49.20
C ILE D 178 -17.20 -1.05 48.79
N VAL D 179 -17.76 -1.36 47.62
CA VAL D 179 -19.07 -0.83 47.26
C VAL D 179 -20.12 -1.37 48.22
N ARG D 180 -20.09 -2.70 48.45
CA ARG D 180 -21.12 -3.37 49.24
C ARG D 180 -21.19 -2.87 50.67
N LEU D 181 -20.05 -2.46 51.22
CA LEU D 181 -20.04 -1.89 52.55
C LEU D 181 -20.83 -0.59 52.63
N LEU D 182 -20.80 0.20 51.57
CA LEU D 182 -21.52 1.46 51.55
C LEU D 182 -23.02 1.26 51.43
N ILE D 183 -23.44 0.18 50.75
CA ILE D 183 -24.85 -0.21 50.80
C ILE D 183 -25.23 -0.57 52.23
N GLU D 184 -24.33 -1.24 52.95
CA GLU D 184 -24.64 -1.62 54.32
C GLU D 184 -24.40 -0.51 55.33
N HIS D 185 -24.31 0.74 54.89
CA HIS D 185 -24.32 1.90 55.79
C HIS D 185 -25.14 3.04 55.23
N GLY D 186 -25.94 2.78 54.20
CA GLY D 186 -26.91 3.75 53.73
C GLY D 186 -26.43 4.73 52.70
N ALA D 187 -25.59 4.31 51.76
CA ALA D 187 -25.21 5.18 50.66
C ALA D 187 -26.31 5.19 49.61
N ASP D 188 -26.92 6.36 49.39
CA ASP D 188 -28.03 6.48 48.47
C ASP D 188 -27.53 6.41 47.03
N ILE D 189 -28.01 5.41 46.30
CA ILE D 189 -27.58 5.19 44.93
C ILE D 189 -28.11 6.29 44.02
N ARG D 190 -29.30 6.80 44.34
CA ARG D 190 -29.99 7.77 43.49
C ARG D 190 -29.42 9.18 43.60
N ALA D 191 -28.25 9.36 44.22
CA ALA D 191 -27.64 10.68 44.31
C ALA D 191 -27.15 11.15 42.94
N GLN D 192 -27.01 12.45 42.80
CA GLN D 192 -26.54 13.05 41.57
C GLN D 192 -25.41 14.03 41.88
N ASP D 193 -24.67 14.37 40.84
CA ASP D 193 -23.62 15.37 40.94
C ASP D 193 -24.21 16.75 40.62
N SER D 194 -23.35 17.73 40.39
CA SER D 194 -23.84 19.02 39.89
C SER D 194 -24.35 18.89 38.46
N LEU D 195 -23.77 17.98 37.68
CA LEU D 195 -24.20 17.74 36.31
C LEU D 195 -25.48 16.93 36.23
N GLY D 196 -25.95 16.36 37.34
CA GLY D 196 -27.11 15.50 37.29
C GLY D 196 -26.78 14.07 36.95
N ASN D 197 -25.51 13.72 36.90
CA ASN D 197 -25.12 12.38 36.53
C ASN D 197 -25.21 11.47 37.75
N THR D 198 -25.95 10.39 37.61
CA THR D 198 -26.03 9.39 38.66
C THR D 198 -24.84 8.45 38.56
N VAL D 199 -24.88 7.39 39.36
CA VAL D 199 -23.73 6.52 39.45
C VAL D 199 -23.62 5.62 38.23
N LEU D 200 -24.72 5.43 37.50
CA LEU D 200 -24.63 4.65 36.26
C LEU D 200 -23.97 5.47 35.18
N HIS D 201 -24.12 6.79 35.22
CA HIS D 201 -23.51 7.62 34.21
C HIS D 201 -22.00 7.66 34.35
N ILE D 202 -21.51 7.49 35.57
CA ILE D 202 -20.07 7.56 35.79
C ILE D 202 -19.42 6.29 35.28
N LEU D 203 -20.11 5.17 35.39
CA LEU D 203 -19.54 3.89 34.97
C LEU D 203 -19.35 3.82 33.47
N ILE D 204 -20.17 4.55 32.71
CA ILE D 204 -20.02 4.52 31.26
C ILE D 204 -18.89 5.43 30.83
N LEU D 205 -18.65 6.50 31.57
CA LEU D 205 -17.61 7.45 31.22
C LEU D 205 -16.21 6.96 31.55
N GLN D 206 -16.07 5.80 32.17
CA GLN D 206 -14.72 5.35 32.47
C GLN D 206 -14.05 4.78 31.23
N PRO D 207 -12.73 4.94 31.08
CA PRO D 207 -12.06 4.37 29.92
C PRO D 207 -11.96 2.86 29.94
N ASN D 208 -11.89 2.25 31.12
CA ASN D 208 -12.03 0.80 31.20
C ASN D 208 -13.46 0.43 30.84
N LYS D 209 -13.63 -0.40 29.82
CA LYS D 209 -14.94 -0.71 29.31
C LYS D 209 -15.44 -2.08 29.78
N THR D 210 -14.70 -3.14 29.48
CA THR D 210 -15.04 -4.45 30.01
C THR D 210 -14.82 -4.52 31.51
N PHE D 211 -13.80 -3.84 32.00
CA PHE D 211 -13.41 -3.91 33.40
C PHE D 211 -14.41 -3.19 34.29
N ALA D 212 -15.24 -2.33 33.72
CA ALA D 212 -16.27 -1.63 34.46
C ALA D 212 -17.66 -2.18 34.23
N CYS D 213 -17.83 -3.14 33.32
CA CYS D 213 -19.16 -3.59 32.97
C CYS D 213 -19.79 -4.42 34.07
N GLN D 214 -18.97 -5.05 34.90
CA GLN D 214 -19.48 -5.94 35.93
C GLN D 214 -20.13 -5.17 37.06
N MET D 215 -19.72 -3.91 37.24
CA MET D 215 -20.38 -3.04 38.22
C MET D 215 -21.79 -2.69 37.80
N TYR D 216 -22.06 -2.66 36.49
CA TYR D 216 -23.38 -2.30 36.01
C TYR D 216 -24.42 -3.33 36.40
N ASN D 217 -24.02 -4.58 36.51
CA ASN D 217 -24.94 -5.61 36.97
C ASN D 217 -25.09 -5.57 38.48
N LEU D 218 -23.98 -5.32 39.19
CA LEU D 218 -24.01 -5.34 40.66
C LEU D 218 -24.75 -4.13 41.21
N LEU D 219 -24.57 -2.98 40.59
CA LEU D 219 -25.27 -1.81 41.08
C LEU D 219 -26.73 -1.79 40.68
N LEU D 220 -27.11 -2.52 39.63
CA LEU D 220 -28.53 -2.71 39.38
C LEU D 220 -29.11 -3.83 40.21
N SER D 221 -28.32 -4.46 41.07
CA SER D 221 -28.92 -5.37 42.04
C SER D 221 -29.47 -4.61 43.23
N TYR D 222 -29.09 -3.34 43.37
CA TYR D 222 -29.51 -2.51 44.49
C TYR D 222 -30.40 -1.36 44.05
N ASP D 223 -31.26 -1.61 43.07
CA ASP D 223 -32.24 -0.62 42.64
C ASP D 223 -33.61 -0.89 43.24
N ARG D 224 -33.63 -1.29 44.52
CA ARG D 224 -34.69 -2.03 45.24
C ARG D 224 -36.08 -1.46 44.99
N HIS D 225 -36.31 -0.16 45.17
CA HIS D 225 -37.66 0.35 44.98
C HIS D 225 -37.80 1.05 43.63
N GLY D 226 -36.87 1.93 43.30
CA GLY D 226 -36.99 2.72 42.09
C GLY D 226 -37.57 4.08 42.30
N ASP D 227 -37.99 4.39 43.54
CA ASP D 227 -38.59 5.67 43.95
C ASP D 227 -39.84 5.99 43.13
N HIS D 228 -40.59 4.93 42.79
CA HIS D 228 -41.90 4.92 42.11
C HIS D 228 -41.82 5.31 40.64
N LEU D 229 -40.67 5.77 40.16
CA LEU D 229 -40.51 6.19 38.78
C LEU D 229 -39.04 6.26 38.39
N GLN D 230 -38.74 5.78 37.18
CA GLN D 230 -37.40 5.61 36.60
C GLN D 230 -36.50 4.82 37.54
N PRO D 231 -36.61 3.49 37.59
CA PRO D 231 -35.77 2.71 38.52
C PRO D 231 -34.30 2.69 38.11
N LEU D 232 -33.67 3.87 38.23
CA LEU D 232 -32.23 4.17 38.12
C LEU D 232 -31.71 4.07 36.69
N ASP D 233 -32.46 3.47 35.79
CA ASP D 233 -31.97 3.20 34.45
C ASP D 233 -32.61 4.13 33.44
N LEU D 234 -33.46 5.03 33.91
CA LEU D 234 -34.11 6.00 33.03
C LEU D 234 -34.00 7.42 33.57
N VAL D 235 -33.14 7.66 34.56
CA VAL D 235 -33.02 8.97 35.17
C VAL D 235 -32.15 9.87 34.30
N PRO D 236 -32.68 10.97 33.80
CA PRO D 236 -31.85 11.90 33.02
C PRO D 236 -30.99 12.77 33.93
N ASN D 237 -30.04 13.44 33.30
CA ASN D 237 -29.19 14.40 33.98
C ASN D 237 -29.79 15.80 33.85
N HIS D 238 -29.02 16.83 34.19
CA HIS D 238 -29.48 18.19 33.95
C HIS D 238 -29.65 18.50 32.46
N GLN D 239 -28.83 17.91 31.59
CA GLN D 239 -29.05 18.06 30.16
C GLN D 239 -29.91 16.94 29.59
N GLY D 240 -30.60 16.20 30.46
CA GLY D 240 -31.63 15.28 30.01
C GLY D 240 -31.15 14.02 29.34
N LEU D 241 -30.23 13.29 29.96
CA LEU D 241 -29.63 12.11 29.35
C LEU D 241 -29.82 10.90 30.23
N THR D 242 -30.62 9.94 29.74
CA THR D 242 -30.65 8.61 30.31
C THR D 242 -29.28 7.95 30.09
N PRO D 243 -28.88 7.06 30.99
CA PRO D 243 -27.57 6.40 30.79
C PRO D 243 -27.54 5.47 29.61
N PHE D 244 -28.71 4.98 29.17
CA PHE D 244 -28.76 4.20 27.94
C PHE D 244 -28.41 5.05 26.74
N LYS D 245 -28.98 6.25 26.65
CA LYS D 245 -28.66 7.14 25.54
C LYS D 245 -27.27 7.72 25.67
N LEU D 246 -26.83 8.01 26.90
CA LEU D 246 -25.50 8.55 27.11
C LEU D 246 -24.43 7.55 26.74
N ALA D 247 -24.74 6.26 26.90
CA ALA D 247 -23.88 5.21 26.37
C ALA D 247 -23.73 5.32 24.87
N GLY D 248 -24.79 5.73 24.18
CA GLY D 248 -24.69 5.97 22.76
C GLY D 248 -23.92 7.23 22.43
N VAL D 249 -24.00 8.23 23.31
CA VAL D 249 -23.33 9.50 23.02
C VAL D 249 -21.83 9.34 23.13
N GLU D 250 -21.36 8.62 24.14
CA GLU D 250 -19.93 8.40 24.26
C GLU D 250 -19.45 7.24 23.41
N GLY D 251 -20.35 6.44 22.86
CA GLY D 251 -19.93 5.36 22.01
C GLY D 251 -19.24 4.23 22.73
N ASN D 252 -19.59 3.98 23.98
CA ASN D 252 -19.04 2.84 24.72
C ASN D 252 -19.74 1.60 24.21
N THR D 253 -19.17 1.04 23.12
CA THR D 253 -19.83 -0.03 22.37
C THR D 253 -19.93 -1.31 23.19
N VAL D 254 -18.94 -1.58 24.03
CA VAL D 254 -18.95 -2.81 24.80
C VAL D 254 -20.02 -2.74 25.87
N MET D 255 -20.15 -1.58 26.53
CA MET D 255 -21.25 -1.37 27.45
C MET D 255 -22.60 -1.38 26.76
N PHE D 256 -22.65 -0.84 25.54
CA PHE D 256 -23.91 -0.69 24.83
C PHE D 256 -24.54 -2.02 24.48
N GLN D 257 -23.73 -3.02 24.12
CA GLN D 257 -24.28 -4.35 23.86
C GLN D 257 -24.79 -4.98 25.14
N HIS D 258 -24.19 -4.64 26.28
CA HIS D 258 -24.66 -5.19 27.54
C HIS D 258 -25.97 -4.55 27.97
N LEU D 259 -26.21 -3.31 27.57
CA LEU D 259 -27.50 -2.70 27.90
C LEU D 259 -28.59 -3.16 26.96
N MET D 260 -28.22 -3.69 25.81
CA MET D 260 -29.24 -4.20 24.90
C MET D 260 -29.73 -5.57 25.36
N GLN D 261 -28.92 -6.26 26.16
CA GLN D 261 -29.31 -7.53 26.75
C GLN D 261 -30.52 -7.35 27.66
N LYS D 262 -30.57 -6.23 28.38
CA LYS D 262 -31.72 -5.94 29.21
C LYS D 262 -32.92 -5.53 28.36
N ARG D 263 -32.68 -4.81 27.27
CA ARG D 263 -33.78 -4.27 26.49
C ARG D 263 -34.48 -5.33 25.66
N LYS D 264 -33.72 -6.28 25.11
CA LYS D 264 -34.31 -7.24 24.18
C LYS D 264 -35.19 -8.23 24.93
N HIS D 265 -36.13 -8.81 24.20
CA HIS D 265 -37.11 -9.73 24.76
C HIS D 265 -37.33 -10.81 23.71
N THR D 266 -36.62 -11.92 23.86
CA THR D 266 -36.55 -12.92 22.81
C THR D 266 -37.84 -13.72 22.71
N GLN D 267 -38.24 -13.96 21.47
CA GLN D 267 -39.33 -14.85 21.12
C GLN D 267 -38.75 -16.23 20.86
N TRP D 268 -39.49 -17.07 20.15
CA TRP D 268 -39.07 -18.41 19.80
C TRP D 268 -37.73 -18.44 19.06
N THR D 269 -37.02 -19.54 19.25
CA THR D 269 -35.79 -19.84 18.53
C THR D 269 -35.99 -21.14 17.78
N TYR D 270 -35.49 -21.20 16.55
CA TYR D 270 -35.77 -22.33 15.67
C TYR D 270 -34.44 -22.87 15.15
N GLY D 271 -33.84 -23.76 15.94
CA GLY D 271 -32.54 -24.30 15.63
C GLY D 271 -31.51 -23.20 15.56
N PRO D 272 -30.93 -23.01 14.38
CA PRO D 272 -29.98 -21.91 14.19
C PRO D 272 -30.64 -20.55 14.09
N LEU D 273 -31.95 -20.50 14.01
CA LEU D 273 -32.66 -19.24 13.89
C LEU D 273 -33.00 -18.72 15.27
N THR D 274 -33.08 -17.40 15.36
CA THR D 274 -33.51 -16.76 16.59
C THR D 274 -34.37 -15.58 16.20
N SER D 275 -35.63 -15.62 16.60
CA SER D 275 -36.55 -14.54 16.36
C SER D 275 -36.45 -13.62 17.56
N THR D 276 -35.35 -12.89 17.65
CA THR D 276 -35.22 -11.94 18.73
C THR D 276 -36.05 -10.71 18.44
N LEU D 277 -36.22 -9.89 19.47
CA LEU D 277 -37.10 -8.73 19.39
C LEU D 277 -36.46 -7.61 20.20
N TYR D 278 -35.89 -6.63 19.52
CA TYR D 278 -35.33 -5.52 20.26
C TYR D 278 -36.42 -4.55 20.65
N ASP D 279 -36.15 -3.79 21.71
CA ASP D 279 -37.19 -3.06 22.40
C ASP D 279 -37.62 -1.81 21.64
N LEU D 280 -36.64 -1.00 21.21
CA LEU D 280 -36.85 0.23 20.44
C LEU D 280 -37.72 1.22 21.20
N THR D 281 -37.17 1.76 22.29
CA THR D 281 -37.87 2.77 23.06
C THR D 281 -37.23 4.14 22.94
N GLU D 282 -35.95 4.24 23.30
CA GLU D 282 -35.29 5.54 23.24
C GLU D 282 -34.64 5.78 21.89
N ILE D 283 -34.59 4.78 21.04
CA ILE D 283 -34.07 4.93 19.69
C ILE D 283 -35.21 5.39 18.80
N ASP D 284 -35.02 6.55 18.16
CA ASP D 284 -36.00 7.21 17.29
C ASP D 284 -37.31 7.49 18.05
N SER D 285 -37.22 8.37 19.04
CA SER D 285 -38.41 8.92 19.65
C SER D 285 -38.78 10.20 18.93
N SER D 286 -39.68 10.98 19.51
CA SER D 286 -39.85 12.38 19.15
C SER D 286 -39.78 13.18 20.44
N GLY D 287 -38.96 12.71 21.38
CA GLY D 287 -38.94 13.21 22.73
C GLY D 287 -38.25 14.56 22.86
N ASP D 288 -37.68 14.77 24.05
CA ASP D 288 -37.10 16.07 24.37
C ASP D 288 -35.82 16.32 23.59
N GLU D 289 -35.04 15.27 23.36
CA GLU D 289 -33.83 15.37 22.54
C GLU D 289 -34.03 14.70 21.19
N GLN D 290 -35.29 14.42 20.87
CA GLN D 290 -35.83 14.15 19.53
C GLN D 290 -35.42 12.80 18.94
N SER D 291 -34.44 12.11 19.54
CA SER D 291 -33.96 10.81 19.08
C SER D 291 -32.85 10.33 20.00
N LEU D 292 -32.42 9.10 19.76
CA LEU D 292 -31.05 8.71 20.06
C LEU D 292 -30.13 9.08 18.90
N LEU D 293 -30.62 8.92 17.67
CA LEU D 293 -29.80 8.96 16.47
C LEU D 293 -29.18 10.32 16.21
N GLU D 294 -29.92 11.40 16.41
CA GLU D 294 -29.36 12.74 16.21
C GLU D 294 -28.25 13.02 17.20
N LEU D 295 -28.41 12.56 18.43
CA LEU D 295 -27.36 12.68 19.43
C LEU D 295 -26.12 11.90 19.07
N ILE D 296 -26.27 10.81 18.32
CA ILE D 296 -25.09 10.13 17.79
C ILE D 296 -24.44 11.00 16.73
N ILE D 297 -25.25 11.73 15.98
CA ILE D 297 -24.70 12.57 14.92
C ILE D 297 -24.09 13.83 15.49
N THR D 298 -24.86 14.59 16.27
CA THR D 298 -24.47 15.95 16.59
C THR D 298 -23.38 16.05 17.66
N THR D 299 -22.90 14.93 18.18
CA THR D 299 -21.68 15.02 18.97
C THR D 299 -20.49 15.28 18.06
N LYS D 300 -19.46 15.87 18.62
CA LYS D 300 -18.19 15.98 17.91
C LYS D 300 -17.34 14.74 18.06
N LYS D 301 -17.77 13.79 18.88
CA LYS D 301 -17.05 12.54 19.01
C LYS D 301 -17.21 11.71 17.74
N ARG D 302 -16.11 11.52 17.02
CA ARG D 302 -16.12 10.76 15.80
C ARG D 302 -16.35 9.27 16.07
N GLU D 303 -15.87 8.77 17.21
CA GLU D 303 -15.85 7.34 17.46
C GLU D 303 -17.19 6.81 17.94
N ALA D 304 -18.13 7.68 18.29
CA ALA D 304 -19.44 7.24 18.74
C ALA D 304 -20.30 6.73 17.59
N ARG D 305 -19.90 6.96 16.34
CA ARG D 305 -20.64 6.43 15.21
C ARG D 305 -20.38 4.95 14.97
N GLN D 306 -19.54 4.32 15.79
CA GLN D 306 -19.35 2.89 15.77
C GLN D 306 -20.59 2.12 16.22
N ILE D 307 -21.50 2.79 16.95
CA ILE D 307 -22.76 2.20 17.38
C ILE D 307 -23.62 1.79 16.19
N LEU D 308 -23.46 2.47 15.05
CA LEU D 308 -24.30 2.22 13.89
C LEU D 308 -24.05 0.85 13.26
N ASP D 309 -22.91 0.23 13.55
CA ASP D 309 -22.71 -1.14 13.13
C ASP D 309 -23.35 -2.14 14.08
N GLN D 310 -23.77 -1.71 15.27
CA GLN D 310 -24.35 -2.65 16.21
C GLN D 310 -25.79 -2.95 15.83
N THR D 311 -26.14 -4.22 15.92
CA THR D 311 -27.32 -4.76 15.25
C THR D 311 -28.71 -4.26 15.61
N PRO D 312 -29.06 -3.76 16.83
CA PRO D 312 -30.44 -3.28 16.99
C PRO D 312 -30.63 -1.90 16.37
N VAL D 313 -29.53 -1.19 16.17
CA VAL D 313 -29.58 0.12 15.53
C VAL D 313 -29.34 -0.03 14.03
N LYS D 314 -28.43 -0.95 13.68
CA LYS D 314 -28.11 -1.21 12.28
C LYS D 314 -29.31 -1.74 11.51
N GLU D 315 -30.17 -2.49 12.18
CA GLU D 315 -31.35 -3.01 11.51
C GLU D 315 -32.38 -1.92 11.26
N LEU D 316 -32.52 -0.98 12.20
CA LEU D 316 -33.50 0.09 12.06
C LEU D 316 -33.16 0.98 10.88
N VAL D 317 -31.93 1.49 10.84
CA VAL D 317 -31.54 2.44 9.82
C VAL D 317 -31.46 1.82 8.44
N SER D 318 -31.34 0.49 8.36
CA SER D 318 -31.51 -0.16 7.07
C SER D 318 -32.98 -0.26 6.72
N LEU D 319 -33.83 -0.60 7.69
CA LEU D 319 -35.27 -0.68 7.40
C LEU D 319 -35.87 0.69 7.19
N LYS D 320 -35.40 1.68 7.94
CA LYS D 320 -35.93 3.02 7.81
C LYS D 320 -35.56 3.65 6.47
N TRP D 321 -34.45 3.24 5.89
CA TRP D 321 -34.01 3.83 4.63
C TRP D 321 -34.49 3.05 3.42
N LYS D 322 -34.59 1.72 3.53
CA LYS D 322 -35.03 0.90 2.41
C LYS D 322 -36.45 1.23 2.00
N ARG D 323 -37.41 1.03 2.91
CA ARG D 323 -38.76 1.54 2.70
C ARG D 323 -38.84 2.86 3.45
N TYR D 324 -39.49 3.83 2.82
CA TYR D 324 -39.86 5.16 3.30
C TYR D 324 -38.67 6.10 3.41
N GLY D 325 -37.44 5.62 3.31
CA GLY D 325 -36.32 6.53 3.34
C GLY D 325 -35.84 6.93 1.97
N ARG D 326 -35.44 5.94 1.19
CA ARG D 326 -34.84 6.18 -0.11
C ARG D 326 -35.80 6.73 -1.15
N PRO D 327 -37.01 6.20 -1.38
CA PRO D 327 -37.85 6.83 -2.42
C PRO D 327 -38.45 8.15 -1.98
N TYR D 328 -38.57 8.41 -0.68
CA TYR D 328 -39.00 9.75 -0.28
C TYR D 328 -37.88 10.76 -0.48
N PHE D 329 -36.63 10.32 -0.44
CA PHE D 329 -35.53 11.23 -0.71
C PHE D 329 -35.44 11.56 -2.19
N CYS D 330 -35.56 10.55 -3.05
CA CYS D 330 -35.43 10.79 -4.47
C CYS D 330 -36.62 11.55 -5.03
N MET D 331 -37.77 11.47 -4.35
CA MET D 331 -38.90 12.29 -4.76
C MET D 331 -38.63 13.76 -4.49
N LEU D 332 -37.89 14.05 -3.42
CA LEU D 332 -37.34 15.40 -3.29
C LEU D 332 -36.26 15.64 -4.34
N GLY D 333 -35.49 14.60 -4.68
CA GLY D 333 -34.40 14.76 -5.63
C GLY D 333 -34.88 15.01 -7.05
N ALA D 334 -36.02 14.43 -7.40
CA ALA D 334 -36.57 14.67 -8.72
C ALA D 334 -37.09 16.09 -8.86
N ILE D 335 -37.59 16.67 -7.76
CA ILE D 335 -38.09 18.04 -7.80
C ILE D 335 -36.93 19.01 -8.00
N TYR D 336 -35.79 18.71 -7.41
CA TYR D 336 -34.67 19.64 -7.45
C TYR D 336 -34.02 19.68 -8.83
N LEU D 337 -34.08 18.58 -9.57
CA LEU D 337 -33.51 18.57 -10.93
C LEU D 337 -34.36 19.38 -11.88
N LEU D 338 -35.68 19.21 -11.82
CA LEU D 338 -36.58 20.04 -12.61
C LEU D 338 -36.58 21.50 -12.17
N TYR D 339 -36.15 21.78 -10.94
CA TYR D 339 -36.03 23.15 -10.51
C TYR D 339 -34.85 23.85 -11.17
N ILE D 340 -33.69 23.19 -11.18
CA ILE D 340 -32.48 23.82 -11.70
C ILE D 340 -32.53 23.87 -13.22
N ILE D 341 -33.13 22.86 -13.86
CA ILE D 341 -33.33 22.90 -15.30
C ILE D 341 -34.24 24.06 -15.68
N CYS D 342 -35.29 24.28 -14.89
CA CYS D 342 -36.12 25.46 -15.14
C CYS D 342 -35.43 26.72 -14.68
N PHE D 343 -34.42 26.61 -13.82
CA PHE D 343 -33.63 27.77 -13.47
C PHE D 343 -32.72 28.19 -14.62
N THR D 344 -31.99 27.23 -15.20
CA THR D 344 -31.09 27.54 -16.30
C THR D 344 -31.86 28.01 -17.53
N MET D 345 -33.04 27.44 -17.74
CA MET D 345 -33.88 27.82 -18.88
C MET D 345 -34.30 29.28 -18.79
N CYS D 346 -34.54 29.78 -17.59
CA CYS D 346 -34.77 31.21 -17.43
C CYS D 346 -33.50 31.96 -17.08
N CYS D 347 -32.33 31.34 -17.23
CA CYS D 347 -31.08 32.05 -17.05
C CYS D 347 -30.14 31.98 -18.23
N ILE D 348 -30.31 31.01 -19.14
CA ILE D 348 -29.54 31.09 -20.38
C ILE D 348 -30.26 31.89 -21.44
N TYR D 349 -31.51 32.27 -21.21
CA TYR D 349 -32.22 33.22 -22.06
C TYR D 349 -32.34 34.52 -21.30
N ARG D 350 -31.64 35.53 -21.74
CA ARG D 350 -31.54 36.81 -21.05
C ARG D 350 -31.86 37.92 -22.05
N PRO D 351 -32.41 39.06 -21.62
CA PRO D 351 -32.93 40.05 -22.60
C PRO D 351 -31.90 40.72 -23.49
N LEU D 352 -30.99 41.56 -22.94
CA LEU D 352 -29.65 41.85 -23.46
C LEU D 352 -29.64 42.30 -24.93
N LYS D 353 -30.07 43.54 -25.16
CA LYS D 353 -30.05 44.21 -26.47
C LYS D 353 -28.69 44.25 -27.17
N PRO D 354 -28.62 44.61 -28.44
CA PRO D 354 -27.34 45.04 -29.00
C PRO D 354 -26.93 46.40 -28.48
N ARG D 355 -25.63 46.68 -28.60
CA ARG D 355 -25.04 47.87 -28.00
C ARG D 355 -25.45 49.15 -28.74
N THR D 356 -26.54 49.78 -28.33
CA THR D 356 -26.90 51.06 -28.88
C THR D 356 -26.36 52.22 -28.07
N ASN D 357 -25.81 51.97 -26.89
CA ASN D 357 -25.30 52.99 -26.00
C ASN D 357 -23.87 53.36 -26.38
N ASN D 358 -23.15 54.00 -25.44
CA ASN D 358 -21.78 54.52 -25.62
C ASN D 358 -20.82 53.53 -26.26
N ARG D 359 -20.33 53.88 -27.45
CA ARG D 359 -19.73 52.94 -28.38
C ARG D 359 -18.25 52.70 -28.15
N THR D 360 -17.45 53.77 -28.27
CA THR D 360 -16.02 53.63 -28.55
C THR D 360 -15.20 53.88 -27.28
N SER D 361 -15.81 53.57 -26.15
CA SER D 361 -15.09 53.57 -24.89
C SER D 361 -14.01 52.48 -24.79
N PRO D 362 -14.20 51.22 -25.32
CA PRO D 362 -13.03 50.33 -25.39
C PRO D 362 -12.05 50.67 -26.48
N ARG D 363 -11.14 51.62 -26.22
CA ARG D 363 -10.08 51.88 -27.17
C ARG D 363 -9.08 50.73 -27.15
N ASP D 364 -9.33 49.72 -28.00
CA ASP D 364 -8.61 48.44 -28.02
C ASP D 364 -8.57 47.83 -26.63
N ASN D 365 -9.75 47.80 -26.02
CA ASN D 365 -9.85 47.64 -24.58
C ASN D 365 -11.14 46.88 -24.26
N THR D 366 -11.65 47.05 -23.04
CA THR D 366 -12.64 46.18 -22.41
C THR D 366 -13.93 46.05 -23.23
N LEU D 367 -14.13 44.88 -23.82
CA LEU D 367 -15.13 44.71 -24.84
C LEU D 367 -16.44 44.22 -24.24
N LEU D 368 -17.55 44.64 -24.84
CA LEU D 368 -18.91 44.29 -24.46
C LEU D 368 -19.87 44.82 -25.52
N GLN D 369 -21.01 44.16 -25.74
CA GLN D 369 -22.01 44.78 -26.60
C GLN D 369 -23.45 44.50 -26.19
N GLN D 370 -23.69 44.03 -24.97
CA GLN D 370 -25.03 43.57 -24.66
C GLN D 370 -25.82 44.50 -23.74
N LYS D 371 -25.22 44.91 -22.62
CA LYS D 371 -25.74 46.00 -21.78
C LYS D 371 -27.13 45.81 -21.17
N LEU D 372 -27.72 44.60 -21.30
CA LEU D 372 -28.78 44.10 -20.42
C LEU D 372 -30.06 44.95 -20.36
N LEU D 373 -30.96 44.76 -21.34
CA LEU D 373 -32.25 45.45 -21.50
C LEU D 373 -33.01 45.77 -20.22
N GLN D 374 -33.63 46.95 -20.18
CA GLN D 374 -34.15 47.51 -18.96
C GLN D 374 -35.48 46.88 -18.54
N GLU D 375 -36.53 47.11 -19.34
CA GLU D 375 -37.84 46.55 -19.01
C GLU D 375 -38.57 46.07 -20.25
N ALA D 376 -37.85 45.73 -21.31
CA ALA D 376 -38.47 45.20 -22.53
C ALA D 376 -38.88 43.75 -22.26
N TYR D 377 -40.09 43.60 -21.74
CA TYR D 377 -40.66 42.29 -21.43
C TYR D 377 -41.77 41.92 -22.39
N MET D 378 -41.62 42.35 -23.64
CA MET D 378 -42.53 41.96 -24.71
C MET D 378 -42.12 40.61 -25.26
N THR D 379 -42.66 40.24 -26.44
CA THR D 379 -42.44 38.98 -27.15
C THR D 379 -42.79 37.81 -26.23
N PRO D 380 -44.10 37.44 -26.14
CA PRO D 380 -44.61 36.56 -25.07
C PRO D 380 -43.99 35.16 -24.93
N LYS D 381 -43.03 34.81 -25.79
CA LYS D 381 -42.06 33.79 -25.43
C LYS D 381 -41.33 34.19 -24.15
N ASP D 382 -41.04 35.48 -23.99
CA ASP D 382 -40.50 36.00 -22.73
C ASP D 382 -41.51 35.94 -21.60
N ASP D 383 -42.82 35.95 -21.90
CA ASP D 383 -43.80 35.74 -20.85
C ASP D 383 -43.75 34.31 -20.35
N ILE D 384 -43.43 33.35 -21.23
CA ILE D 384 -43.16 31.99 -20.79
C ILE D 384 -41.88 31.95 -19.98
N ARG D 385 -40.88 32.74 -20.39
CA ARG D 385 -39.72 32.96 -19.54
C ARG D 385 -40.10 33.67 -18.25
N LEU D 386 -41.04 34.61 -18.32
CA LEU D 386 -41.51 35.28 -17.11
C LEU D 386 -42.27 34.32 -16.20
N VAL D 387 -42.91 33.32 -16.78
CA VAL D 387 -43.43 32.21 -15.99
C VAL D 387 -42.27 31.45 -15.36
N GLY D 388 -41.30 31.05 -16.17
CA GLY D 388 -40.17 30.26 -15.69
C GLY D 388 -39.28 30.99 -14.71
N GLU D 389 -39.21 32.31 -14.80
CA GLU D 389 -38.52 33.07 -13.76
C GLU D 389 -39.25 32.99 -12.43
N LEU D 390 -40.59 33.05 -12.46
CA LEU D 390 -41.35 33.03 -11.21
C LEU D 390 -41.35 31.65 -10.57
N VAL D 391 -41.03 30.61 -11.35
CA VAL D 391 -40.90 29.27 -10.78
C VAL D 391 -39.74 29.21 -9.80
N THR D 392 -38.63 29.86 -10.16
CA THR D 392 -37.47 29.88 -9.28
C THR D 392 -37.72 30.73 -8.05
N VAL D 393 -38.40 31.86 -8.22
CA VAL D 393 -38.58 32.83 -7.15
C VAL D 393 -39.48 32.27 -6.07
N ILE D 394 -40.58 31.65 -6.47
CA ILE D 394 -41.45 30.97 -5.51
C ILE D 394 -40.71 29.83 -4.83
N GLY D 395 -39.94 29.08 -5.62
CA GLY D 395 -39.12 28.02 -5.04
C GLY D 395 -38.01 28.55 -4.17
N ALA D 396 -37.57 29.79 -4.40
CA ALA D 396 -36.56 30.38 -3.55
C ALA D 396 -37.11 30.68 -2.17
N ILE D 397 -38.36 31.14 -2.10
CA ILE D 397 -38.96 31.50 -0.83
C ILE D 397 -39.25 30.24 -0.01
N ILE D 398 -39.55 29.13 -0.68
CA ILE D 398 -39.84 27.87 0.00
C ILE D 398 -38.62 27.39 0.77
N ILE D 399 -37.43 27.56 0.18
CA ILE D 399 -36.20 27.17 0.85
C ILE D 399 -35.98 28.01 2.10
N LEU D 400 -36.27 29.30 2.01
CA LEU D 400 -36.18 30.13 3.21
C LEU D 400 -37.35 29.88 4.15
N LEU D 401 -38.52 29.48 3.64
CA LEU D 401 -39.58 29.07 4.54
C LEU D 401 -39.26 27.74 5.22
N VAL D 402 -38.39 26.94 4.60
CA VAL D 402 -37.80 25.82 5.33
C VAL D 402 -36.80 26.32 6.36
N GLU D 403 -35.94 27.26 5.96
CA GLU D 403 -34.80 27.65 6.77
C GLU D 403 -34.99 28.98 7.47
N VAL D 404 -36.18 29.22 8.03
CA VAL D 404 -36.34 30.31 9.01
C VAL D 404 -35.40 30.12 10.21
N PRO D 405 -35.22 28.92 10.78
CA PRO D 405 -34.11 28.87 11.74
C PRO D 405 -32.73 28.90 11.08
N PRO D 424 -23.32 21.49 6.41
CA PRO D 424 -22.34 21.67 5.33
C PRO D 424 -23.01 21.69 3.98
N PHE D 425 -24.33 21.60 3.98
CA PHE D 425 -25.10 21.71 2.75
C PHE D 425 -26.29 22.62 2.86
N HIS D 426 -26.72 22.98 4.07
CA HIS D 426 -27.56 24.15 4.21
C HIS D 426 -26.81 25.39 3.80
N VAL D 427 -25.51 25.43 4.11
CA VAL D 427 -24.64 26.55 3.72
C VAL D 427 -24.52 26.63 2.20
N LEU D 428 -24.82 25.54 1.49
CA LEU D 428 -25.00 25.68 0.06
C LEU D 428 -26.38 26.24 -0.26
N ILE D 429 -27.43 25.63 0.26
CA ILE D 429 -28.76 25.95 -0.22
C ILE D 429 -29.27 27.27 0.34
N ILE D 430 -28.78 27.69 1.51
CA ILE D 430 -29.17 29.00 2.02
C ILE D 430 -28.45 30.08 1.22
N THR D 431 -27.18 29.87 0.92
CA THR D 431 -26.47 30.78 0.01
C THR D 431 -26.96 30.64 -1.42
N TYR D 432 -27.59 29.52 -1.76
CA TYR D 432 -28.37 29.50 -3.00
C TYR D 432 -29.58 30.40 -2.86
N ALA D 433 -30.21 30.39 -1.68
CA ALA D 433 -31.44 31.14 -1.50
C ALA D 433 -31.20 32.63 -1.43
N PHE D 434 -30.02 33.06 -0.96
CA PHE D 434 -29.68 34.48 -1.03
C PHE D 434 -29.60 34.95 -2.47
N MET D 435 -28.80 34.26 -3.28
CA MET D 435 -28.44 34.76 -4.60
C MET D 435 -29.61 34.78 -5.57
N VAL D 436 -30.61 33.92 -5.37
CA VAL D 436 -31.82 34.02 -6.19
C VAL D 436 -32.65 35.22 -5.73
N LEU D 437 -32.67 35.47 -4.42
CA LEU D 437 -33.29 36.70 -3.95
C LEU D 437 -32.49 37.92 -4.34
N VAL D 438 -31.16 37.81 -4.38
CA VAL D 438 -30.33 38.96 -4.77
C VAL D 438 -30.53 39.28 -6.25
N THR D 439 -30.61 38.25 -7.09
CA THR D 439 -30.78 38.51 -8.52
C THR D 439 -32.19 38.96 -8.88
N MET D 440 -33.13 38.95 -7.95
CA MET D 440 -34.42 39.58 -8.22
C MET D 440 -34.45 41.01 -7.71
N VAL D 441 -33.79 41.26 -6.58
CA VAL D 441 -33.55 42.62 -6.12
C VAL D 441 -32.64 43.35 -7.12
N MET D 442 -31.78 42.61 -7.80
CA MET D 442 -31.00 43.18 -8.90
C MET D 442 -31.88 43.48 -10.11
N ARG D 443 -33.10 42.94 -10.16
CA ARG D 443 -34.02 43.27 -11.23
C ARG D 443 -35.09 44.28 -10.82
N LEU D 444 -35.47 44.33 -9.54
CA LEU D 444 -36.48 45.29 -9.13
C LEU D 444 -35.90 46.70 -9.06
N ILE D 445 -34.72 46.83 -8.44
CA ILE D 445 -33.94 48.06 -8.55
C ILE D 445 -33.45 48.23 -9.97
N SER D 446 -33.22 47.10 -10.66
CA SER D 446 -32.77 47.04 -12.05
C SER D 446 -31.41 47.73 -12.22
N ALA D 447 -30.41 47.19 -11.53
CA ALA D 447 -29.05 47.69 -11.62
C ALA D 447 -28.31 47.01 -12.77
N SER D 448 -27.00 47.18 -12.82
CA SER D 448 -26.19 46.67 -13.92
C SER D 448 -25.46 45.40 -13.54
N GLY D 449 -24.79 45.36 -12.38
CA GLY D 449 -23.94 44.25 -12.03
C GLY D 449 -24.71 42.99 -11.66
N GLU D 450 -25.32 42.35 -12.64
CA GLU D 450 -26.26 41.27 -12.39
C GLU D 450 -25.67 39.89 -12.62
N VAL D 451 -24.55 39.76 -13.31
CA VAL D 451 -24.01 38.43 -13.55
C VAL D 451 -23.21 37.96 -12.35
N VAL D 452 -22.71 38.90 -11.55
CA VAL D 452 -21.91 38.52 -10.38
C VAL D 452 -22.70 37.78 -9.31
N PRO D 453 -23.98 38.06 -9.02
CA PRO D 453 -24.68 37.11 -8.16
C PRO D 453 -25.21 35.92 -8.93
N MET D 454 -25.30 36.04 -10.26
CA MET D 454 -25.88 34.97 -11.06
C MET D 454 -24.98 33.75 -11.07
N SER D 455 -23.67 33.96 -11.09
CA SER D 455 -22.76 32.84 -11.23
C SER D 455 -22.55 32.10 -9.92
N PHE D 456 -22.56 32.82 -8.79
CA PHE D 456 -22.68 32.14 -7.50
C PHE D 456 -23.98 31.34 -7.42
N ALA D 457 -25.05 31.88 -7.99
CA ALA D 457 -26.35 31.23 -7.91
C ALA D 457 -26.39 29.96 -8.71
N LEU D 458 -25.74 29.92 -9.85
CA LEU D 458 -25.94 28.81 -10.75
C LEU D 458 -25.08 27.61 -10.39
N VAL D 459 -23.80 27.84 -10.12
CA VAL D 459 -22.92 26.70 -9.92
C VAL D 459 -23.16 26.07 -8.55
N LEU D 460 -23.51 26.89 -7.55
CA LEU D 460 -23.88 26.34 -6.26
C LEU D 460 -25.26 25.70 -6.32
N GLY D 461 -26.12 26.18 -7.23
CA GLY D 461 -27.35 25.47 -7.48
C GLY D 461 -27.09 24.11 -8.07
N TRP D 462 -26.17 24.03 -9.04
CA TRP D 462 -25.81 22.74 -9.60
C TRP D 462 -25.04 21.89 -8.61
N CYS D 463 -24.01 22.45 -7.97
CA CYS D 463 -23.18 21.64 -7.08
C CYS D 463 -23.88 21.23 -5.80
N ASN D 464 -25.11 21.67 -5.56
CA ASN D 464 -25.84 21.22 -4.40
C ASN D 464 -26.55 19.91 -4.65
N VAL D 465 -26.59 19.44 -5.90
CA VAL D 465 -27.17 18.14 -6.17
C VAL D 465 -26.14 17.03 -6.02
N MET D 466 -24.88 17.41 -5.78
CA MET D 466 -23.90 16.53 -5.15
C MET D 466 -24.45 15.92 -3.87
N ALA D 467 -25.16 16.72 -3.06
CA ALA D 467 -25.76 16.26 -1.83
C ALA D 467 -26.83 15.20 -2.09
N PHE D 468 -27.47 15.24 -3.25
CA PHE D 468 -28.46 14.22 -3.58
C PHE D 468 -27.84 12.92 -4.04
N ALA D 469 -26.53 12.85 -4.21
CA ALA D 469 -25.92 11.60 -4.63
C ALA D 469 -25.66 10.65 -3.48
N ARG D 470 -26.05 11.03 -2.27
CA ARG D 470 -25.81 10.16 -1.13
C ARG D 470 -26.81 9.03 -1.05
N GLY D 471 -27.97 9.17 -1.66
CA GLY D 471 -28.99 8.15 -1.57
C GLY D 471 -29.00 7.25 -2.78
N PHE D 472 -27.85 7.12 -3.42
CA PHE D 472 -27.74 6.36 -4.66
C PHE D 472 -26.50 5.46 -4.57
N GLN D 473 -26.52 4.55 -3.59
CA GLN D 473 -25.43 3.72 -3.06
C GLN D 473 -24.38 3.30 -4.06
N MET D 474 -23.10 3.43 -3.67
CA MET D 474 -21.83 3.48 -4.38
C MET D 474 -21.61 4.87 -4.96
N LEU D 475 -22.41 5.86 -4.58
CA LEU D 475 -22.10 7.26 -4.85
C LEU D 475 -22.11 8.12 -3.60
N GLY D 476 -22.44 7.56 -2.44
CA GLY D 476 -22.56 8.29 -1.20
C GLY D 476 -21.30 8.99 -0.70
N PRO D 477 -20.29 8.21 -0.29
CA PRO D 477 -19.15 8.83 0.39
C PRO D 477 -18.20 9.59 -0.52
N PHE D 478 -18.47 9.66 -1.83
CA PHE D 478 -17.65 10.52 -2.66
C PHE D 478 -17.89 11.98 -2.35
N THR D 479 -19.13 12.33 -2.00
CA THR D 479 -19.38 13.68 -1.51
C THR D 479 -18.73 13.89 -0.15
N ILE D 480 -18.66 12.84 0.67
CA ILE D 480 -17.87 12.89 1.89
C ILE D 480 -16.39 13.06 1.57
N MET D 481 -15.91 12.46 0.47
CA MET D 481 -14.52 12.63 0.08
C MET D 481 -14.21 14.07 -0.28
N ILE D 482 -15.14 14.76 -0.94
CA ILE D 482 -14.86 16.13 -1.37
C ILE D 482 -14.76 17.05 -0.17
N GLN D 483 -15.61 16.83 0.84
CA GLN D 483 -15.48 17.56 2.08
C GLN D 483 -14.21 17.18 2.82
N LYS D 484 -13.78 15.93 2.69
CA LYS D 484 -12.53 15.53 3.32
C LYS D 484 -11.32 16.11 2.61
N MET D 485 -11.42 16.35 1.30
CA MET D 485 -10.29 16.97 0.62
C MET D 485 -10.17 18.44 0.96
N ILE D 486 -11.28 19.16 0.91
CA ILE D 486 -11.23 20.62 0.96
C ILE D 486 -10.97 21.09 2.38
N PHE D 487 -11.89 20.82 3.29
CA PHE D 487 -11.73 21.30 4.65
C PHE D 487 -10.79 20.42 5.46
N GLY D 488 -10.39 19.27 4.94
CA GLY D 488 -9.50 18.39 5.66
C GLY D 488 -8.06 18.46 5.21
N ASP D 489 -7.83 18.64 3.90
CA ASP D 489 -6.47 18.67 3.38
C ASP D 489 -6.17 19.93 2.58
N LEU D 490 -7.10 20.41 1.77
CA LEU D 490 -6.77 21.46 0.83
C LEU D 490 -6.65 22.82 1.51
N MET D 491 -7.55 23.12 2.44
CA MET D 491 -7.47 24.41 3.09
C MET D 491 -6.35 24.49 4.11
N ARG D 492 -5.78 23.36 4.51
CA ARG D 492 -4.51 23.36 5.22
C ARG D 492 -3.34 23.13 4.28
N PHE D 493 -3.58 23.31 2.99
CA PHE D 493 -2.53 23.27 1.97
C PHE D 493 -2.56 24.50 1.08
N CYS D 494 -3.68 25.22 1.00
CA CYS D 494 -3.75 26.44 0.20
C CYS D 494 -2.85 27.52 0.77
N TRP D 495 -2.58 27.45 2.07
CA TRP D 495 -1.59 28.31 2.67
C TRP D 495 -0.18 27.99 2.16
N LEU D 496 0.03 26.80 1.61
CA LEU D 496 1.34 26.52 1.02
C LEU D 496 1.41 27.02 -0.42
N MET D 497 0.31 26.87 -1.17
CA MET D 497 0.31 27.27 -2.57
C MET D 497 0.31 28.79 -2.71
N ALA D 498 -0.30 29.49 -1.75
CA ALA D 498 -0.34 30.94 -1.81
C ALA D 498 1.02 31.58 -1.51
N VAL D 499 1.91 30.83 -0.87
CA VAL D 499 3.27 31.31 -0.65
C VAL D 499 4.04 31.33 -1.97
N VAL D 500 4.01 30.21 -2.69
CA VAL D 500 4.75 30.10 -3.94
C VAL D 500 4.15 31.01 -5.00
N ILE D 501 2.82 31.07 -5.06
CA ILE D 501 2.19 31.79 -6.16
C ILE D 501 2.31 33.30 -5.97
N LEU D 502 2.52 33.77 -4.73
CA LEU D 502 2.75 35.19 -4.55
C LEU D 502 4.22 35.52 -4.62
N GLY D 503 5.08 34.55 -4.89
CA GLY D 503 6.43 34.87 -5.23
C GLY D 503 6.57 35.07 -6.72
N PHE D 504 6.23 34.03 -7.48
CA PHE D 504 6.54 34.01 -8.90
C PHE D 504 5.69 34.99 -9.69
N ALA D 505 4.42 35.16 -9.32
CA ALA D 505 3.60 36.18 -9.97
C ALA D 505 4.10 37.56 -9.61
N SER D 506 4.54 37.74 -8.37
CA SER D 506 5.19 39.00 -8.03
C SER D 506 6.54 39.09 -8.72
N ALA D 507 7.19 37.96 -8.97
CA ALA D 507 8.44 37.99 -9.70
C ALA D 507 8.23 38.40 -11.14
N PHE D 508 7.36 37.66 -11.84
CA PHE D 508 7.19 37.83 -13.28
C PHE D 508 6.66 39.22 -13.65
N TYR D 509 5.96 39.88 -12.72
CA TYR D 509 5.56 41.26 -12.95
C TYR D 509 6.78 42.17 -12.99
N ILE D 510 7.81 41.84 -12.20
CA ILE D 510 9.01 42.65 -12.23
C ILE D 510 9.85 42.34 -13.45
N ILE D 511 9.84 41.08 -13.91
CA ILE D 511 10.54 40.75 -15.14
C ILE D 511 9.85 41.41 -16.33
N PHE D 512 8.54 41.26 -16.43
CA PHE D 512 7.80 41.74 -17.59
C PHE D 512 7.25 43.14 -17.38
N GLN D 513 7.77 43.86 -16.39
CA GLN D 513 7.59 45.29 -16.38
C GLN D 513 8.30 45.94 -17.56
N THR D 514 9.42 45.36 -17.97
CA THR D 514 10.26 45.86 -19.07
C THR D 514 9.55 45.75 -20.41
N GLU D 515 8.89 44.63 -20.67
CA GLU D 515 8.44 44.29 -22.01
C GLU D 515 7.16 45.00 -22.40
N ASP D 516 6.96 45.21 -23.70
CA ASP D 516 5.65 45.56 -24.23
C ASP D 516 4.73 44.36 -24.01
N PRO D 517 3.62 44.52 -23.29
CA PRO D 517 2.70 43.40 -23.12
C PRO D 517 1.82 43.14 -24.32
N GLU D 518 1.98 43.88 -25.43
CA GLU D 518 1.25 43.54 -26.64
C GLU D 518 1.68 42.20 -27.19
N GLU D 519 2.98 41.94 -27.21
CA GLU D 519 3.48 40.58 -27.30
C GLU D 519 3.56 40.05 -25.88
N LEU D 520 3.18 38.79 -25.68
CA LEU D 520 3.33 38.08 -24.42
C LEU D 520 2.56 38.79 -23.31
N GLY D 521 1.24 38.81 -23.42
CA GLY D 521 0.41 39.57 -22.52
C GLY D 521 -0.02 38.79 -21.29
N HIS D 522 0.81 37.84 -20.88
CA HIS D 522 0.53 37.05 -19.69
C HIS D 522 0.63 37.89 -18.43
N PHE D 523 1.43 38.94 -18.44
CA PHE D 523 1.72 39.69 -17.23
C PHE D 523 1.69 41.19 -17.48
N TYR D 524 0.62 41.68 -18.11
CA TYR D 524 0.50 43.11 -18.33
C TYR D 524 0.28 43.87 -17.03
N ASP D 525 -0.28 43.22 -16.02
CA ASP D 525 -0.43 43.83 -14.72
C ASP D 525 -0.36 42.79 -13.62
N TYR D 526 -0.11 43.28 -12.42
CA TYR D 526 -0.10 42.42 -11.24
C TYR D 526 -1.42 41.71 -10.89
N PRO D 527 -2.63 42.30 -11.07
CA PRO D 527 -3.83 41.53 -10.69
C PRO D 527 -4.06 40.29 -11.51
N MET D 528 -3.80 40.33 -12.81
CA MET D 528 -3.97 39.13 -13.59
C MET D 528 -2.73 38.26 -13.57
N ALA D 529 -1.63 38.79 -13.03
CA ALA D 529 -0.39 38.02 -12.94
C ALA D 529 -0.55 36.85 -11.99
N LEU D 530 -1.33 37.03 -10.93
CA LEU D 530 -1.68 35.92 -10.05
C LEU D 530 -2.46 34.86 -10.78
N PHE D 531 -3.47 35.27 -11.53
CA PHE D 531 -4.27 34.35 -12.31
C PHE D 531 -3.46 33.67 -13.38
N SER D 532 -2.47 34.37 -13.92
CA SER D 532 -1.66 33.79 -14.99
C SER D 532 -0.69 32.77 -14.44
N THR D 533 -0.16 33.01 -13.25
CA THR D 533 0.71 32.02 -12.65
C THR D 533 -0.10 30.84 -12.13
N PHE D 534 -1.37 31.07 -11.84
CA PHE D 534 -2.20 30.07 -11.17
C PHE D 534 -2.42 28.84 -12.03
N GLU D 535 -2.48 29.03 -13.34
CA GLU D 535 -2.77 27.90 -14.20
C GLU D 535 -1.53 27.37 -14.87
N LEU D 536 -0.43 28.12 -14.81
CA LEU D 536 0.88 27.51 -14.95
C LEU D 536 1.15 26.58 -13.79
N PHE D 537 0.57 26.89 -12.64
CA PHE D 537 0.74 26.04 -11.47
C PHE D 537 -0.14 24.81 -11.55
N LEU D 538 -1.28 24.92 -12.22
CA LEU D 538 -2.15 23.76 -12.41
C LEU D 538 -2.08 23.20 -13.81
N THR D 539 -1.06 23.59 -14.58
CA THR D 539 -0.75 23.05 -15.90
C THR D 539 -1.93 23.26 -16.86
N ILE D 540 -2.32 24.52 -16.99
CA ILE D 540 -3.42 24.83 -17.90
C ILE D 540 -2.96 25.81 -18.95
N ILE D 541 -2.52 27.00 -18.52
CA ILE D 541 -2.02 27.98 -19.48
C ILE D 541 -0.70 27.46 -20.06
N ASP D 542 -0.50 27.75 -21.36
CA ASP D 542 0.40 26.98 -22.20
C ASP D 542 1.86 27.27 -21.90
N GLY D 543 2.14 28.25 -21.06
CA GLY D 543 3.50 28.67 -20.85
C GLY D 543 3.79 29.85 -21.76
N PRO D 544 4.13 30.98 -21.16
CA PRO D 544 4.37 32.19 -21.95
C PRO D 544 5.66 32.07 -22.76
N ALA D 545 5.50 32.06 -24.08
CA ALA D 545 6.63 31.97 -25.00
C ALA D 545 6.23 32.65 -26.30
N ASN D 546 7.06 33.57 -26.79
CA ASN D 546 6.72 34.34 -27.97
C ASN D 546 7.34 33.78 -29.24
N TYR D 547 8.67 33.63 -29.26
CA TYR D 547 9.55 33.15 -30.33
C TYR D 547 9.72 34.14 -31.47
N ASN D 548 8.97 35.23 -31.49
CA ASN D 548 9.27 36.31 -32.41
C ASN D 548 10.49 37.08 -31.92
N VAL D 549 10.42 37.58 -30.69
CA VAL D 549 11.50 38.34 -30.09
C VAL D 549 12.18 37.45 -29.05
N ASP D 550 13.31 37.93 -28.56
CA ASP D 550 13.93 37.28 -27.43
C ASP D 550 13.21 37.67 -26.15
N LEU D 551 13.21 36.73 -25.21
CA LEU D 551 12.73 36.92 -23.86
C LEU D 551 13.84 37.50 -22.99
N PRO D 552 13.49 38.16 -21.89
CA PRO D 552 14.53 38.61 -20.97
C PRO D 552 15.17 37.43 -20.25
N PHE D 553 16.43 37.62 -19.88
CA PHE D 553 17.27 36.51 -19.47
C PHE D 553 16.88 35.95 -18.11
N MET D 554 16.41 36.79 -17.20
CA MET D 554 16.05 36.29 -15.89
C MET D 554 14.76 35.48 -15.93
N TYR D 555 13.95 35.68 -16.96
CA TYR D 555 12.75 34.86 -17.16
C TYR D 555 13.08 33.40 -17.33
N SER D 556 14.08 33.09 -18.16
CA SER D 556 14.34 31.72 -18.56
C SER D 556 14.80 30.88 -17.39
N ILE D 557 15.59 31.46 -16.50
CA ILE D 557 15.98 30.75 -15.29
C ILE D 557 14.79 30.60 -14.36
N THR D 558 14.07 31.69 -14.13
CA THR D 558 13.04 31.73 -13.10
C THR D 558 11.84 30.86 -13.45
N TYR D 559 11.39 30.93 -14.69
CA TYR D 559 10.25 30.13 -15.09
C TYR D 559 10.63 28.65 -15.19
N ALA D 560 11.91 28.37 -15.44
CA ALA D 560 12.36 27.00 -15.29
C ALA D 560 12.40 26.58 -13.83
N ALA D 561 12.83 27.48 -12.94
CA ALA D 561 12.82 27.17 -11.52
C ALA D 561 11.40 27.10 -11.00
N PHE D 562 10.50 27.87 -11.60
CA PHE D 562 9.08 27.72 -11.30
C PHE D 562 8.56 26.37 -11.73
N ALA D 563 9.11 25.83 -12.81
CA ALA D 563 8.62 24.56 -13.30
C ALA D 563 9.02 23.42 -12.38
N ILE D 564 10.26 23.43 -11.86
CA ILE D 564 10.71 22.34 -11.03
C ILE D 564 10.00 22.36 -9.69
N ILE D 565 9.95 23.52 -9.04
CA ILE D 565 9.43 23.58 -7.69
C ILE D 565 7.91 23.50 -7.66
N ALA D 566 7.26 23.67 -8.79
CA ALA D 566 5.81 23.74 -8.66
C ALA D 566 5.06 22.81 -9.59
N THR D 567 5.54 22.61 -10.82
CA THR D 567 4.73 21.89 -11.79
C THR D 567 4.72 20.40 -11.51
N LEU D 568 5.89 19.83 -11.24
CA LEU D 568 5.92 18.42 -10.86
C LEU D 568 5.96 18.22 -9.36
N LEU D 569 6.49 19.16 -8.60
CA LEU D 569 6.77 18.87 -7.21
C LEU D 569 5.63 19.29 -6.30
N MET D 570 5.30 20.58 -6.28
CA MET D 570 4.25 21.06 -5.40
C MET D 570 2.87 20.58 -5.84
N LEU D 571 2.69 20.33 -7.13
CA LEU D 571 1.41 19.82 -7.60
C LEU D 571 1.21 18.37 -7.20
N ASN D 572 2.19 17.51 -7.45
CA ASN D 572 2.02 16.09 -7.18
C ASN D 572 2.00 15.78 -5.70
N LEU D 573 2.67 16.59 -4.88
CA LEU D 573 2.61 16.38 -3.44
C LEU D 573 1.21 16.70 -2.91
N LEU D 574 0.48 17.56 -3.60
CA LEU D 574 -0.93 17.70 -3.30
C LEU D 574 -1.70 16.47 -3.74
N ILE D 575 -1.31 15.87 -4.85
CA ILE D 575 -2.02 14.71 -5.36
C ILE D 575 -1.82 13.51 -4.47
N ALA D 576 -0.63 13.38 -3.88
CA ALA D 576 -0.42 12.29 -2.93
C ALA D 576 -1.23 12.50 -1.66
N MET D 577 -1.49 13.75 -1.29
CA MET D 577 -2.41 14.01 -0.18
C MET D 577 -3.83 13.63 -0.57
N MET D 578 -4.21 13.89 -1.82
CA MET D 578 -5.47 13.37 -2.33
C MET D 578 -5.44 11.85 -2.37
N GLY D 579 -4.29 11.30 -2.79
CA GLY D 579 -4.17 9.87 -2.90
C GLY D 579 -4.05 9.18 -1.56
N ASP D 580 -3.75 9.94 -0.51
CA ASP D 580 -3.72 9.34 0.82
C ASP D 580 -5.10 9.24 1.41
N THR D 581 -5.89 10.31 1.32
CA THR D 581 -7.14 10.35 2.06
C THR D 581 -8.21 9.54 1.35
N HIS D 582 -8.06 9.36 0.03
CA HIS D 582 -8.94 8.47 -0.71
C HIS D 582 -8.85 7.04 -0.19
N TRP D 583 -7.64 6.60 0.12
CA TRP D 583 -7.49 5.27 0.70
C TRP D 583 -7.92 5.25 2.15
N ARG D 584 -7.95 6.40 2.81
CA ARG D 584 -8.47 6.46 4.16
C ARG D 584 -9.99 6.35 4.18
N VAL D 585 -10.66 6.90 3.17
CA VAL D 585 -12.12 6.89 3.19
C VAL D 585 -12.67 5.53 2.78
N ALA D 586 -12.17 4.97 1.67
CA ALA D 586 -12.71 3.73 1.15
C ALA D 586 -12.39 2.52 2.01
N HIS D 587 -11.40 2.61 2.90
CA HIS D 587 -11.17 1.55 3.86
C HIS D 587 -12.24 1.54 4.93
N GLU D 588 -12.92 2.68 5.15
CA GLU D 588 -14.05 2.79 6.06
C GLU D 588 -15.29 3.31 5.33
N ARG D 589 -15.58 2.71 4.17
CA ARG D 589 -16.51 3.31 3.21
C ARG D 589 -17.94 3.29 3.70
N ASP D 590 -18.50 2.09 3.88
CA ASP D 590 -19.92 1.94 4.16
C ASP D 590 -20.28 2.50 5.53
N GLU D 591 -19.28 2.61 6.41
CA GLU D 591 -19.42 3.27 7.70
C GLU D 591 -19.84 4.71 7.52
N LEU D 592 -19.04 5.48 6.78
CA LEU D 592 -19.36 6.87 6.58
C LEU D 592 -20.50 7.02 5.59
N TRP D 593 -20.76 5.97 4.80
CA TRP D 593 -22.02 5.93 4.08
C TRP D 593 -23.19 5.78 5.04
N ARG D 594 -23.02 4.93 6.06
CA ARG D 594 -24.10 4.69 7.00
C ARG D 594 -24.37 5.91 7.84
N ALA D 595 -23.30 6.62 8.22
CA ALA D 595 -23.45 7.87 8.95
C ALA D 595 -24.08 8.94 8.08
N GLN D 596 -23.85 8.85 6.77
CA GLN D 596 -24.48 9.81 5.86
C GLN D 596 -25.99 9.59 5.80
N ILE D 597 -26.43 8.34 5.85
CA ILE D 597 -27.85 8.03 5.69
C ILE D 597 -28.66 8.54 6.88
N VAL D 598 -28.16 8.29 8.09
CA VAL D 598 -28.91 8.58 9.31
C VAL D 598 -29.09 10.07 9.49
N ALA D 599 -28.00 10.83 9.38
CA ALA D 599 -28.07 12.27 9.52
C ALA D 599 -28.89 12.91 8.42
N THR D 600 -28.96 12.28 7.26
CA THR D 600 -29.90 12.70 6.25
C THR D 600 -31.32 12.39 6.67
N THR D 601 -31.51 11.24 7.33
CA THR D 601 -32.84 10.75 7.58
C THR D 601 -33.57 11.56 8.64
N VAL D 602 -32.91 11.79 9.77
CA VAL D 602 -33.51 12.53 10.88
C VAL D 602 -33.74 13.98 10.48
N MET D 603 -32.84 14.52 9.65
CA MET D 603 -33.03 15.85 9.09
C MET D 603 -34.26 15.90 8.18
N LEU D 604 -34.55 14.81 7.49
CA LEU D 604 -35.78 14.75 6.72
C LEU D 604 -37.00 14.62 7.63
N GLU D 605 -36.85 14.05 8.82
CA GLU D 605 -38.02 13.84 9.66
C GLU D 605 -38.45 15.13 10.34
N ARG D 606 -37.50 15.98 10.70
CA ARG D 606 -37.83 17.21 11.40
C ARG D 606 -38.43 18.26 10.48
N LYS D 607 -38.44 18.03 9.17
CA LYS D 607 -39.01 18.98 8.23
C LYS D 607 -40.08 18.35 7.36
N LEU D 608 -40.52 17.13 7.70
CA LEU D 608 -41.66 16.52 7.06
C LEU D 608 -42.65 16.09 8.14
N PRO D 609 -43.94 16.35 7.94
CA PRO D 609 -44.93 16.03 8.99
C PRO D 609 -45.31 14.57 9.01
N ARG D 610 -46.30 14.23 9.82
CA ARG D 610 -46.79 12.86 9.91
C ARG D 610 -47.80 12.61 8.80
N CYS D 611 -48.48 11.46 8.86
CA CYS D 611 -49.55 11.01 7.94
C CYS D 611 -49.01 10.75 6.52
N LEU D 612 -47.70 10.82 6.39
CA LEU D 612 -46.96 10.47 5.18
C LEU D 612 -45.78 9.64 5.62
N TRP D 613 -45.43 9.78 6.90
CA TRP D 613 -44.35 9.04 7.55
C TRP D 613 -44.90 8.37 8.80
N PRO D 614 -45.13 7.06 8.82
CA PRO D 614 -45.32 6.38 10.09
C PRO D 614 -43.99 6.18 10.77
N ARG D 615 -44.01 6.20 12.09
CA ARG D 615 -42.80 5.88 12.84
C ARG D 615 -42.52 4.40 12.72
N SER D 616 -41.30 4.07 12.31
CA SER D 616 -40.98 2.72 11.87
C SER D 616 -40.93 1.76 13.05
N GLY D 617 -40.96 0.49 12.72
CA GLY D 617 -41.18 -0.53 13.73
C GLY D 617 -42.65 -0.70 14.04
N ILE D 618 -43.05 -1.96 14.24
CA ILE D 618 -44.46 -2.25 14.40
C ILE D 618 -44.89 -1.90 15.81
N CYS D 619 -46.20 -1.74 15.99
CA CYS D 619 -46.72 -1.18 17.23
C CYS D 619 -47.06 -2.29 18.22
N GLY D 620 -47.41 -1.87 19.43
CA GLY D 620 -47.85 -2.78 20.46
C GLY D 620 -49.31 -2.58 20.78
N ARG D 621 -49.72 -2.97 21.99
CA ARG D 621 -51.02 -2.72 22.62
C ARG D 621 -52.18 -3.51 22.00
N GLU D 622 -51.92 -4.18 20.89
CA GLU D 622 -52.93 -5.00 20.25
C GLU D 622 -52.32 -6.36 20.04
N TYR D 623 -51.00 -6.38 19.88
CA TYR D 623 -50.26 -7.62 19.98
C TYR D 623 -49.82 -7.86 21.41
N GLY D 624 -50.07 -6.88 22.27
CA GLY D 624 -50.14 -7.13 23.69
C GLY D 624 -48.86 -7.00 24.48
N LEU D 625 -48.14 -5.90 24.33
CA LEU D 625 -47.03 -5.67 25.27
C LEU D 625 -47.12 -4.28 25.84
N GLY D 626 -47.63 -3.33 25.08
CA GLY D 626 -47.69 -1.95 25.55
C GLY D 626 -47.33 -0.93 24.50
N ASP D 627 -47.09 0.30 24.92
CA ASP D 627 -46.89 1.41 23.99
C ASP D 627 -45.49 1.39 23.37
N ARG D 628 -44.60 0.51 23.85
CA ARG D 628 -43.30 0.36 23.24
C ARG D 628 -43.45 -0.28 21.86
N TRP D 629 -42.80 0.29 20.86
CA TRP D 629 -42.94 -0.17 19.49
C TRP D 629 -41.72 -1.01 19.12
N PHE D 630 -41.96 -2.15 18.51
CA PHE D 630 -40.92 -3.15 18.37
C PHE D 630 -40.54 -3.38 16.91
N LEU D 631 -39.38 -4.00 16.72
CA LEU D 631 -38.99 -4.57 15.44
C LEU D 631 -38.20 -5.82 15.72
N ARG D 632 -38.40 -6.84 14.90
CA ARG D 632 -37.73 -8.10 15.09
C ARG D 632 -36.72 -8.32 13.97
N VAL D 633 -35.74 -9.18 14.25
CA VAL D 633 -34.69 -9.46 13.30
C VAL D 633 -34.25 -10.89 13.54
N GLU D 634 -33.82 -11.54 12.47
CA GLU D 634 -33.48 -12.95 12.49
C GLU D 634 -32.00 -13.11 12.23
N ASP D 635 -31.46 -14.25 12.63
CA ASP D 635 -30.03 -14.51 12.41
C ASP D 635 -29.76 -16.01 12.42
N ARG D 636 -28.82 -16.45 11.60
CA ARG D 636 -28.25 -17.77 11.81
C ARG D 636 -27.26 -17.69 12.98
N GLN D 637 -26.97 -18.85 13.58
CA GLN D 637 -25.99 -18.94 14.64
C GLN D 637 -24.61 -18.48 14.17
N ASP D 638 -24.19 -18.95 12.99
CA ASP D 638 -22.94 -18.49 12.39
C ASP D 638 -23.08 -18.53 10.87
#